data_9OIM
#
_entry.id   9OIM
#
_cell.length_a   93.386
_cell.length_b   93.386
_cell.length_c   362.706
_cell.angle_alpha   90.000
_cell.angle_beta   90.000
_cell.angle_gamma   90.000
#
_symmetry.space_group_name_H-M   'P 41 2 2'
#
loop_
_entity.id
_entity.type
_entity.pdbx_description
1 polymer Elongin-B
2 polymer Elongin-C
3 polymer 'von Hippel-Lindau disease tumor suppressor'
4 polymer Elongin-B
5 non-polymer 1-[5-[oxidanyl(oxidanylidene)-$l^{4}-azanyl]-2,3-dihydroindol-1-yl]ethanone
6 water water
#
loop_
_entity_poly.entity_id
_entity_poly.type
_entity_poly.pdbx_seq_one_letter_code
_entity_poly.pdbx_strand_id
1 'polypeptide(L)'
;MDVFLMIRRHKTTIFTDAKESSTVFELKRIVEGILKRPPDEQRLYKDDQLLDDGKTLGECGFTSQTARPQAPATVGLAFR
ADDTFEAL(CAS)IEPFSSPPELPDVMK
;
A,D,J
2 'polypeptide(L)'
;MGMYVKLISSDGHEFIVKREHALTSGTIKAMLSGPGQFAENETNEVNFREIPSHVLSKVCMYFTYKVRYTNSSTEIPEFP
IAPEIALELLMAANFLDC
;
B,E,H,K
3 'polypeptide(L)'
;MGSSHHHHHHSSGLVPRGSHMEAGRPRPVLRSVNSREPSQVIF(CAS)NRSPRVVLPVWLNFDGEPQPYPTLPPGTGRRI
HSYRGHLWLFRDAGTHDGLLVNQTELFVPSLNVDGQPIFANITLPVYTLKERCLQVVRSLVKPENYRRLDIVRSLYEDLE
DHPNVQKDLERLTQERIAHQRMGD
;
C,F,I,L
4 'polypeptide(L)'
;MDVFLMIRRHKTTIFTDAKESSTVFELKRIVEGILKRPPDEQRLYKDDQLLDDGKTLGE(CAS)GFTSQTARPQAPATVG
LAFRADDTFEAL(CAS)IEPFSSPPELPDVMK
;
G
#
# COMPACT_ATOMS: atom_id res chain seq x y z
N MET A 1 -23.71 -17.98 -29.22
CA MET A 1 -22.49 -17.22 -29.19
C MET A 1 -21.47 -17.72 -30.22
N ASP A 2 -20.55 -16.87 -30.65
CA ASP A 2 -19.46 -17.29 -31.51
C ASP A 2 -18.30 -17.77 -30.66
N VAL A 3 -17.68 -18.87 -31.07
CA VAL A 3 -16.45 -19.33 -30.45
C VAL A 3 -15.37 -19.30 -31.52
N PHE A 4 -14.18 -18.87 -31.12
CA PHE A 4 -13.13 -18.59 -32.07
C PHE A 4 -12.02 -19.60 -31.90
N LEU A 5 -11.69 -20.28 -32.98
CA LEU A 5 -10.95 -21.53 -32.96
C LEU A 5 -9.73 -21.43 -33.88
N MET A 6 -8.71 -22.21 -33.55
CA MET A 6 -7.64 -22.53 -34.47
C MET A 6 -7.72 -24.02 -34.69
N ILE A 7 -8.09 -24.44 -35.88
CA ILE A 7 -8.11 -25.85 -36.23
C ILE A 7 -6.70 -26.19 -36.68
N ARG A 8 -6.01 -27.08 -35.95
CA ARG A 8 -4.58 -27.33 -36.17
C ARG A 8 -4.30 -28.80 -36.47
N ARG A 9 -3.56 -29.04 -37.53
CA ARG A 9 -3.06 -30.36 -37.87
C ARG A 9 -1.70 -30.15 -38.51
N HIS A 10 -0.68 -30.84 -38.00
CA HIS A 10 0.67 -30.80 -38.52
C HIS A 10 1.22 -29.39 -38.51
N LYS A 11 1.40 -28.79 -39.70
CA LYS A 11 1.83 -27.40 -39.85
C LYS A 11 0.75 -26.57 -40.53
N THR A 12 -0.50 -26.96 -40.31
CA THR A 12 -1.68 -26.30 -40.83
C THR A 12 -2.49 -25.77 -39.65
N THR A 13 -2.93 -24.52 -39.76
CA THR A 13 -3.79 -23.92 -38.74
C THR A 13 -4.87 -23.12 -39.44
N ILE A 14 -6.11 -23.52 -39.23
CA ILE A 14 -7.28 -22.82 -39.74
C ILE A 14 -7.79 -21.91 -38.65
N PHE A 15 -7.90 -20.62 -38.94
CA PHE A 15 -8.58 -19.70 -38.05
C PHE A 15 -10.00 -19.56 -38.54
N THR A 16 -10.95 -19.94 -37.70
CA THR A 16 -12.34 -19.73 -38.07
C THR A 16 -13.13 -19.57 -36.78
N ASP A 17 -14.40 -19.24 -36.91
CA ASP A 17 -15.29 -19.18 -35.76
C ASP A 17 -16.48 -20.09 -36.00
N ALA A 18 -17.29 -20.26 -34.95
CA ALA A 18 -18.45 -21.12 -35.00
C ALA A 18 -19.33 -20.79 -33.80
N LYS A 19 -20.58 -21.22 -33.88
CA LYS A 19 -21.50 -21.05 -32.78
C LYS A 19 -21.21 -22.07 -31.69
N GLU A 20 -21.43 -21.65 -30.44
CA GLU A 20 -21.32 -22.60 -29.32
C GLU A 20 -22.24 -23.81 -29.49
N SER A 21 -23.37 -23.65 -30.16
CA SER A 21 -24.34 -24.70 -30.39
C SER A 21 -24.06 -25.47 -31.67
N SER A 22 -23.14 -24.98 -32.50
CA SER A 22 -22.66 -25.74 -33.64
C SER A 22 -22.15 -27.09 -33.18
N THR A 23 -22.20 -28.09 -34.05
CA THR A 23 -21.79 -29.41 -33.63
C THR A 23 -20.40 -29.76 -34.18
N VAL A 24 -19.75 -30.72 -33.51
CA VAL A 24 -18.46 -31.22 -33.96
C VAL A 24 -18.53 -31.58 -35.44
N PHE A 25 -19.60 -32.26 -35.85
CA PHE A 25 -19.70 -32.67 -37.26
C PHE A 25 -19.78 -31.45 -38.17
N GLU A 26 -20.58 -30.46 -37.79
CA GLU A 26 -20.62 -29.22 -38.59
C GLU A 26 -19.24 -28.57 -38.66
N LEU A 27 -18.44 -28.63 -37.60
CA LEU A 27 -17.07 -28.14 -37.72
C LEU A 27 -16.28 -28.99 -38.69
N LYS A 28 -16.52 -30.31 -38.67
CA LYS A 28 -15.94 -31.17 -39.69
C LYS A 28 -16.40 -30.77 -41.09
N ARG A 29 -17.64 -30.26 -41.23
CA ARG A 29 -18.07 -29.75 -42.53
C ARG A 29 -17.28 -28.51 -42.91
N ILE A 30 -17.07 -27.61 -41.93
CA ILE A 30 -16.29 -26.41 -42.17
C ILE A 30 -14.87 -26.76 -42.59
N VAL A 31 -14.23 -27.69 -41.90
CA VAL A 31 -12.91 -28.15 -42.35
C VAL A 31 -13.00 -28.75 -43.74
N GLU A 32 -14.06 -29.52 -44.01
CA GLU A 32 -14.17 -30.13 -45.34
C GLU A 32 -14.19 -29.08 -46.44
N GLY A 33 -14.95 -27.98 -46.24
CA GLY A 33 -14.98 -26.93 -47.24
C GLY A 33 -13.63 -26.28 -47.50
N ILE A 34 -12.69 -26.38 -46.55
CA ILE A 34 -11.41 -25.69 -46.60
C ILE A 34 -10.32 -26.65 -47.04
N LEU A 35 -10.17 -27.74 -46.32
CA LEU A 35 -9.11 -28.69 -46.56
C LEU A 35 -9.49 -29.76 -47.58
N LYS A 36 -10.74 -29.74 -48.05
CA LYS A 36 -11.28 -30.64 -49.08
C LYS A 36 -11.10 -32.11 -48.69
N ARG A 37 -11.57 -32.46 -47.49
CA ARG A 37 -11.55 -33.85 -46.99
C ARG A 37 -12.80 -34.15 -46.16
N PRO A 38 -13.41 -35.32 -46.35
CA PRO A 38 -14.75 -35.55 -45.81
C PRO A 38 -14.72 -35.69 -44.29
N PRO A 39 -15.84 -35.39 -43.60
CA PRO A 39 -15.87 -35.57 -42.13
C PRO A 39 -15.46 -36.96 -41.66
N ASP A 40 -15.81 -37.99 -42.43
CA ASP A 40 -15.44 -39.36 -42.06
C ASP A 40 -13.92 -39.56 -42.09
N GLU A 41 -13.21 -38.79 -42.89
CA GLU A 41 -11.75 -38.88 -42.95
C GLU A 41 -11.09 -38.00 -41.90
N GLN A 42 -11.86 -37.39 -40.99
CA GLN A 42 -11.29 -36.50 -39.99
C GLN A 42 -11.73 -36.88 -38.59
N ARG A 43 -10.88 -36.53 -37.62
CA ARG A 43 -11.17 -36.61 -36.20
C ARG A 43 -10.79 -35.29 -35.56
N LEU A 44 -11.69 -34.70 -34.78
CA LEU A 44 -11.38 -33.47 -34.07
C LEU A 44 -11.16 -33.76 -32.58
N TYR A 45 -10.17 -33.07 -31.99
CA TYR A 45 -9.76 -33.29 -30.61
C TYR A 45 -9.76 -31.96 -29.83
N LYS A 46 -10.13 -32.03 -28.58
CA LYS A 46 -9.92 -30.96 -27.62
C LYS A 46 -8.77 -31.37 -26.71
N ASP A 47 -7.66 -30.63 -26.79
CA ASP A 47 -6.40 -31.11 -26.23
C ASP A 47 -6.21 -32.50 -26.78
N ASP A 48 -6.26 -33.55 -25.95
CA ASP A 48 -6.09 -34.90 -26.46
C ASP A 48 -7.39 -35.68 -26.55
N GLN A 49 -8.51 -35.06 -26.16
CA GLN A 49 -9.79 -35.75 -26.09
C GLN A 49 -10.42 -35.79 -27.47
N LEU A 50 -10.69 -36.99 -27.98
CA LEU A 50 -11.36 -37.10 -29.26
C LEU A 50 -12.82 -36.71 -29.08
N LEU A 51 -13.32 -35.87 -29.98
CA LEU A 51 -14.65 -35.27 -29.88
C LEU A 51 -15.68 -36.07 -30.66
N ASP A 52 -16.91 -36.06 -30.16
CA ASP A 52 -18.02 -36.84 -30.73
C ASP A 52 -18.84 -35.98 -31.68
N ASP A 53 -19.09 -36.49 -32.90
CA ASP A 53 -19.78 -35.76 -33.96
C ASP A 53 -21.03 -35.03 -33.49
N GLY A 54 -21.83 -35.68 -32.65
CA GLY A 54 -23.12 -35.15 -32.26
C GLY A 54 -23.11 -34.11 -31.16
N LYS A 55 -21.95 -33.82 -30.58
CA LYS A 55 -21.84 -32.89 -29.49
C LYS A 55 -21.61 -31.45 -29.96
N THR A 56 -22.21 -30.50 -29.25
CA THR A 56 -21.96 -29.11 -29.61
C THR A 56 -20.57 -28.68 -29.11
N LEU A 57 -20.04 -27.64 -29.75
CA LEU A 57 -18.73 -27.16 -29.36
C LEU A 57 -18.73 -26.68 -27.91
N GLY A 58 -19.87 -26.17 -27.42
CA GLY A 58 -19.99 -25.82 -26.01
C GLY A 58 -19.87 -27.03 -25.10
N GLU A 59 -20.60 -28.11 -25.42
CA GLU A 59 -20.46 -29.37 -24.68
C GLU A 59 -19.03 -29.90 -24.77
N CYS A 60 -18.34 -29.64 -25.86
CA CYS A 60 -16.94 -30.00 -25.99
C CYS A 60 -15.98 -28.98 -25.37
N GLY A 61 -16.49 -28.00 -24.62
CA GLY A 61 -15.63 -27.13 -23.88
C GLY A 61 -15.22 -25.85 -24.56
N PHE A 62 -15.66 -25.61 -25.80
CA PHE A 62 -15.39 -24.36 -26.49
C PHE A 62 -16.48 -23.38 -26.15
N THR A 63 -16.15 -22.34 -25.39
CA THR A 63 -17.12 -21.33 -24.97
C THR A 63 -16.56 -19.93 -25.21
N SER A 64 -17.44 -18.92 -25.13
CA SER A 64 -17.01 -17.54 -25.29
C SER A 64 -15.89 -17.17 -24.31
N GLN A 65 -15.76 -17.87 -23.18
CA GLN A 65 -14.74 -17.56 -22.20
C GLN A 65 -13.40 -18.16 -22.56
N THR A 66 -13.39 -19.25 -23.32
CA THR A 66 -12.19 -20.00 -23.62
C THR A 66 -11.81 -19.97 -25.09
N ALA A 67 -12.72 -19.63 -25.98
CA ALA A 67 -12.46 -19.56 -27.40
C ALA A 67 -12.69 -18.11 -27.84
N ARG A 68 -11.82 -17.23 -27.40
CA ARG A 68 -12.00 -15.80 -27.58
C ARG A 68 -11.30 -15.36 -28.86
N PRO A 69 -11.69 -14.22 -29.43
CA PRO A 69 -11.04 -13.77 -30.69
C PRO A 69 -9.52 -13.61 -30.58
N GLN A 70 -9.02 -12.90 -29.57
CA GLN A 70 -7.59 -12.67 -29.43
C GLN A 70 -6.87 -13.84 -28.77
N ALA A 71 -7.60 -14.87 -28.37
CA ALA A 71 -7.00 -16.05 -27.75
C ALA A 71 -7.90 -17.22 -28.09
N PRO A 72 -7.84 -17.68 -29.33
CA PRO A 72 -8.76 -18.73 -29.77
C PRO A 72 -8.37 -20.09 -29.24
N ALA A 73 -9.37 -20.95 -29.05
CA ALA A 73 -9.09 -22.31 -28.60
C ALA A 73 -8.65 -23.15 -29.77
N THR A 74 -7.83 -24.16 -29.49
CA THR A 74 -7.28 -25.04 -30.51
C THR A 74 -8.14 -26.30 -30.62
N VAL A 75 -8.45 -26.70 -31.85
CA VAL A 75 -9.06 -27.99 -32.11
C VAL A 75 -8.05 -28.83 -32.89
N GLY A 76 -7.64 -29.96 -32.32
CA GLY A 76 -6.74 -30.84 -33.03
C GLY A 76 -7.45 -31.53 -34.19
N LEU A 77 -6.74 -31.71 -35.29
CA LEU A 77 -7.27 -32.33 -36.47
C LEU A 77 -6.39 -33.51 -36.87
N ALA A 78 -7.02 -34.64 -37.14
CA ALA A 78 -6.31 -35.81 -37.64
C ALA A 78 -7.04 -36.32 -38.87
N PHE A 79 -6.27 -36.80 -39.83
CA PHE A 79 -6.79 -37.35 -41.07
C PHE A 79 -6.63 -38.86 -41.09
N ARG A 80 -7.54 -39.53 -41.79
CA ARG A 80 -7.44 -40.96 -42.07
C ARG A 80 -6.84 -41.18 -43.45
N ALA A 81 -5.68 -41.82 -43.51
CA ALA A 81 -4.98 -41.99 -44.78
C ALA A 81 -5.79 -42.86 -45.74
N ASP A 82 -5.96 -44.13 -45.39
CA ASP A 82 -6.80 -45.04 -46.18
C ASP A 82 -7.21 -46.16 -45.22
N ASP A 83 -8.45 -46.07 -44.72
CA ASP A 83 -9.01 -46.99 -43.73
C ASP A 83 -8.42 -46.75 -42.34
N THR A 84 -7.32 -45.99 -42.22
CA THR A 84 -6.64 -45.87 -40.93
C THR A 84 -6.28 -44.42 -40.64
N PHE A 85 -6.47 -44.00 -39.39
CA PHE A 85 -6.21 -42.62 -38.95
C PHE A 85 -4.77 -42.41 -38.49
N GLU A 86 -4.20 -41.28 -38.88
CA GLU A 86 -2.93 -40.88 -38.31
C GLU A 86 -3.15 -40.50 -36.85
N ALA A 87 -2.07 -40.46 -36.09
CA ALA A 87 -2.25 -40.01 -34.72
C ALA A 87 -2.34 -38.51 -34.73
N LEU A 88 -2.96 -37.94 -33.71
CA LEU A 88 -3.04 -36.48 -33.65
C LEU A 88 -1.65 -35.85 -33.57
N ILE A 90 0.22 -32.16 -33.92
CA ILE A 90 0.21 -30.71 -34.10
C ILE A 90 1.63 -30.19 -33.91
N GLU A 91 2.25 -29.74 -34.98
CA GLU A 91 3.61 -29.19 -34.88
C GLU A 91 3.57 -27.87 -34.13
N PRO A 92 4.43 -27.66 -33.13
CA PRO A 92 4.41 -26.37 -32.44
C PRO A 92 4.91 -25.27 -33.35
N PHE A 93 4.60 -24.05 -32.95
CA PHE A 93 5.13 -22.87 -33.63
C PHE A 93 6.61 -22.66 -33.30
N SER A 94 7.25 -21.79 -34.06
CA SER A 94 8.65 -21.48 -33.81
C SER A 94 8.81 -20.84 -32.43
N SER A 95 10.06 -20.92 -31.91
CA SER A 95 10.33 -20.39 -30.58
C SER A 95 10.85 -18.97 -30.67
N PRO A 96 10.31 -18.06 -29.88
CA PRO A 96 10.82 -16.68 -29.84
C PRO A 96 12.26 -16.65 -29.34
N PRO A 97 13.04 -15.62 -29.70
CA PRO A 97 14.40 -15.51 -29.17
C PRO A 97 14.37 -15.15 -27.70
N GLU A 98 15.54 -15.24 -27.05
CA GLU A 98 15.62 -14.81 -25.67
C GLU A 98 15.29 -13.33 -25.61
N LEU A 99 14.62 -12.92 -24.55
CA LEU A 99 14.30 -11.50 -24.39
C LEU A 99 15.60 -10.68 -24.37
N PRO A 100 15.71 -9.62 -25.19
CA PRO A 100 16.91 -8.78 -25.13
C PRO A 100 17.13 -8.18 -23.75
N ASP A 101 18.40 -7.84 -23.47
CA ASP A 101 18.74 -7.17 -22.22
C ASP A 101 17.95 -5.87 -22.08
N VAL A 102 17.70 -5.19 -23.22
CA VAL A 102 16.93 -3.97 -23.26
C VAL A 102 15.50 -4.11 -22.73
N MET A 103 15.01 -5.32 -22.49
CA MET A 103 13.61 -5.44 -22.07
C MET A 103 13.43 -6.20 -20.76
N MET B 3 -14.69 -17.95 -48.44
CA MET B 3 -13.37 -18.17 -49.06
C MET B 3 -12.22 -17.83 -48.13
N TYR B 4 -11.16 -18.61 -48.23
CA TYR B 4 -10.03 -18.52 -47.34
C TYR B 4 -8.76 -18.28 -48.15
N VAL B 5 -7.77 -17.66 -47.51
CA VAL B 5 -6.43 -17.59 -48.06
C VAL B 5 -5.47 -18.31 -47.11
N LYS B 6 -4.26 -18.52 -47.61
CA LYS B 6 -3.21 -19.22 -46.89
C LYS B 6 -2.01 -18.29 -46.74
N LEU B 7 -1.68 -17.97 -45.50
CA LEU B 7 -0.53 -17.12 -45.19
C LEU B 7 0.54 -18.03 -44.64
N ILE B 8 1.61 -18.27 -45.38
CA ILE B 8 2.63 -19.23 -44.94
C ILE B 8 3.76 -18.45 -44.28
N SER B 9 4.16 -18.90 -43.11
CA SER B 9 5.17 -18.24 -42.30
C SER B 9 6.55 -18.60 -42.81
N SER B 10 7.57 -17.97 -42.21
CA SER B 10 8.93 -18.21 -42.69
C SER B 10 9.40 -19.65 -42.46
N ASP B 11 8.82 -20.34 -41.48
CA ASP B 11 9.19 -21.70 -41.12
C ASP B 11 8.23 -22.78 -41.60
N GLY B 12 7.31 -22.47 -42.50
CA GLY B 12 6.53 -23.50 -43.15
C GLY B 12 5.09 -23.64 -42.66
N HIS B 13 4.77 -23.20 -41.44
CA HIS B 13 3.40 -23.31 -40.96
C HIS B 13 2.46 -22.57 -41.91
N GLU B 14 1.32 -23.20 -42.24
CA GLU B 14 0.32 -22.58 -43.09
C GLU B 14 -0.86 -22.09 -42.26
N PHE B 15 -1.19 -20.82 -42.41
CA PHE B 15 -2.33 -20.22 -41.73
C PHE B 15 -3.42 -19.95 -42.73
N ILE B 16 -4.58 -20.53 -42.50
CA ILE B 16 -5.73 -20.40 -43.35
C ILE B 16 -6.71 -19.48 -42.64
N VAL B 17 -6.77 -18.22 -43.09
CA VAL B 17 -7.70 -17.23 -42.57
C VAL B 17 -8.64 -16.85 -43.69
N LYS B 18 -9.76 -16.19 -43.33
CA LYS B 18 -10.72 -15.75 -44.32
C LYS B 18 -10.16 -14.58 -45.14
N ARG B 19 -10.60 -14.48 -46.40
CA ARG B 19 -10.10 -13.39 -47.26
C ARG B 19 -10.41 -12.04 -46.65
N GLU B 20 -11.64 -11.87 -46.17
CA GLU B 20 -12.03 -10.61 -45.54
C GLU B 20 -11.02 -10.20 -44.48
N HIS B 21 -10.56 -11.16 -43.65
CA HIS B 21 -9.57 -10.88 -42.60
C HIS B 21 -8.23 -10.49 -43.19
N ALA B 22 -7.73 -11.26 -44.16
CA ALA B 22 -6.44 -10.94 -44.74
C ALA B 22 -6.49 -9.68 -45.58
N LEU B 23 -7.61 -9.41 -46.27
CA LEU B 23 -7.61 -8.24 -47.15
C LEU B 23 -7.64 -6.94 -46.38
N THR B 24 -7.97 -6.95 -45.08
CA THR B 24 -7.79 -5.76 -44.26
C THR B 24 -6.36 -5.25 -44.28
N SER B 25 -5.41 -6.05 -44.76
CA SER B 25 -4.03 -5.62 -44.84
C SER B 25 -3.77 -5.19 -46.28
N GLY B 26 -3.33 -3.93 -46.45
CA GLY B 26 -3.00 -3.45 -47.78
C GLY B 26 -1.86 -4.21 -48.40
N THR B 27 -0.88 -4.61 -47.58
CA THR B 27 0.24 -5.40 -48.08
C THR B 27 -0.22 -6.75 -48.59
N ILE B 28 -1.03 -7.48 -47.79
CA ILE B 28 -1.46 -8.82 -48.20
C ILE B 28 -2.38 -8.75 -49.41
N LYS B 29 -3.28 -7.75 -49.48
CA LYS B 29 -4.09 -7.56 -50.68
C LYS B 29 -3.21 -7.43 -51.91
N ALA B 30 -2.12 -6.66 -51.81
CA ALA B 30 -1.17 -6.55 -52.91
C ALA B 30 -0.51 -7.89 -53.21
N MET B 31 -0.04 -8.58 -52.18
CA MET B 31 0.58 -9.89 -52.38
C MET B 31 -0.39 -10.96 -52.90
N LEU B 32 -1.71 -10.74 -52.80
CA LEU B 32 -2.69 -11.66 -53.37
C LEU B 32 -3.08 -11.31 -54.80
N SER B 33 -2.89 -10.05 -55.21
CA SER B 33 -3.33 -9.55 -56.52
C SER B 33 -2.18 -9.29 -57.47
N ASN B 44 -6.00 -17.84 -53.13
CA ASN B 44 -4.57 -17.63 -53.39
C ASN B 44 -3.75 -17.85 -52.09
N GLU B 45 -2.42 -17.87 -52.22
CA GLU B 45 -1.52 -18.10 -51.09
C GLU B 45 -0.43 -17.06 -51.06
N VAL B 46 0.07 -16.81 -49.86
CA VAL B 46 1.05 -15.75 -49.62
C VAL B 46 2.17 -16.29 -48.74
N ASN B 47 3.41 -16.21 -49.21
CA ASN B 47 4.54 -16.63 -48.41
C ASN B 47 5.25 -15.41 -47.80
N PHE B 48 5.58 -15.51 -46.53
CA PHE B 48 6.27 -14.44 -45.82
C PHE B 48 7.65 -14.98 -45.47
N ARG B 49 8.67 -14.55 -46.24
CA ARG B 49 10.02 -15.03 -46.01
C ARG B 49 10.58 -14.59 -44.66
N GLU B 50 9.96 -13.64 -44.00
CA GLU B 50 10.55 -13.01 -42.84
C GLU B 50 9.76 -13.11 -41.54
N ILE B 51 8.55 -13.65 -41.56
CA ILE B 51 7.65 -13.69 -40.41
C ILE B 51 7.58 -15.13 -39.90
N PRO B 52 8.14 -15.43 -38.73
CA PRO B 52 8.05 -16.79 -38.20
C PRO B 52 6.63 -17.08 -37.72
N SER B 53 6.40 -18.35 -37.39
CA SER B 53 5.02 -18.78 -37.12
C SER B 53 4.52 -18.28 -35.78
N HIS B 54 5.42 -18.05 -34.80
CA HIS B 54 4.98 -17.45 -33.54
C HIS B 54 4.58 -15.98 -33.67
N VAL B 55 4.86 -15.36 -34.81
CA VAL B 55 4.42 -13.99 -35.07
C VAL B 55 3.22 -13.97 -35.99
N LEU B 56 3.24 -14.78 -37.05
CA LEU B 56 2.09 -14.83 -37.93
C LEU B 56 0.86 -15.38 -37.25
N SER B 57 1.02 -16.25 -36.26
CA SER B 57 -0.16 -16.72 -35.56
C SER B 57 -0.79 -15.58 -34.79
N LYS B 58 0.04 -14.73 -34.18
CA LYS B 58 -0.45 -13.52 -33.51
C LYS B 58 -1.08 -12.54 -34.50
N VAL B 59 -0.43 -12.31 -35.64
CA VAL B 59 -1.06 -11.51 -36.69
C VAL B 59 -2.50 -11.98 -36.95
N CYS B 60 -2.66 -13.29 -37.20
CA CYS B 60 -3.98 -13.85 -37.52
C CYS B 60 -4.94 -13.69 -36.35
N MET B 61 -4.47 -13.87 -35.12
CA MET B 61 -5.35 -13.56 -34.00
C MET B 61 -5.73 -12.09 -34.01
N TYR B 62 -4.84 -11.20 -34.46
CA TYR B 62 -5.23 -9.79 -34.56
C TYR B 62 -6.33 -9.56 -35.62
N PHE B 63 -6.24 -10.20 -36.79
CA PHE B 63 -7.34 -10.10 -37.76
C PHE B 63 -8.67 -10.49 -37.14
N THR B 64 -8.66 -11.55 -36.34
CA THR B 64 -9.90 -12.00 -35.70
C THR B 64 -10.37 -10.95 -34.72
N TYR B 65 -9.45 -10.46 -33.90
CA TYR B 65 -9.77 -9.44 -32.90
C TYR B 65 -10.26 -8.16 -33.57
N LYS B 66 -9.61 -7.73 -34.66
CA LYS B 66 -10.05 -6.50 -35.33
C LYS B 66 -11.47 -6.62 -35.85
N VAL B 67 -11.72 -7.63 -36.68
CA VAL B 67 -13.03 -7.79 -37.30
C VAL B 67 -14.14 -7.92 -36.26
N ARG B 68 -13.84 -8.53 -35.11
CA ARG B 68 -14.83 -8.77 -34.08
C ARG B 68 -15.18 -7.52 -33.30
N TYR B 69 -14.19 -6.67 -33.02
CA TYR B 69 -14.35 -5.55 -32.10
C TYR B 69 -14.27 -4.21 -32.80
N THR B 70 -14.24 -4.20 -34.12
CA THR B 70 -14.26 -2.93 -34.86
C THR B 70 -15.69 -2.43 -34.82
N ASN B 71 -15.88 -1.24 -34.24
CA ASN B 71 -17.17 -0.60 -34.04
C ASN B 71 -18.02 -1.36 -33.02
N SER B 72 -17.62 -1.32 -31.76
CA SER B 72 -18.34 -2.03 -30.71
C SER B 72 -18.25 -1.24 -29.42
N SER B 73 -19.42 -0.90 -28.85
CA SER B 73 -19.51 -0.36 -27.50
C SER B 73 -19.50 -1.46 -26.44
N THR B 74 -19.81 -2.70 -26.83
CA THR B 74 -19.52 -3.81 -25.94
C THR B 74 -18.01 -3.76 -25.65
N GLU B 75 -17.67 -3.31 -24.45
CA GLU B 75 -16.29 -3.04 -24.04
C GLU B 75 -15.32 -4.08 -24.60
N ILE B 76 -14.32 -3.58 -25.32
CA ILE B 76 -13.37 -4.45 -26.01
C ILE B 76 -12.22 -4.83 -25.09
N PRO B 77 -11.75 -6.07 -25.14
CA PRO B 77 -10.57 -6.45 -24.37
C PRO B 77 -9.28 -5.98 -25.02
N GLU B 78 -8.23 -6.10 -24.24
CA GLU B 78 -6.91 -5.72 -24.68
C GLU B 78 -6.34 -6.80 -25.59
N PHE B 79 -5.65 -6.36 -26.64
CA PHE B 79 -5.00 -7.37 -27.45
C PHE B 79 -3.68 -7.75 -26.79
N PRO B 80 -3.54 -8.96 -26.28
CA PRO B 80 -2.32 -9.32 -25.52
C PRO B 80 -1.15 -9.65 -26.44
N ILE B 81 0.02 -9.13 -26.09
CA ILE B 81 1.29 -9.43 -26.77
C ILE B 81 2.30 -9.86 -25.72
N ALA B 82 2.74 -11.11 -25.80
CA ALA B 82 3.82 -11.57 -24.94
C ALA B 82 5.05 -10.69 -25.14
N PRO B 83 5.79 -10.38 -24.07
CA PRO B 83 7.01 -9.59 -24.26
C PRO B 83 8.01 -10.22 -25.22
N GLU B 84 8.06 -11.55 -25.34
CA GLU B 84 9.08 -12.16 -26.17
C GLU B 84 8.77 -12.11 -27.66
N ILE B 85 7.56 -11.75 -28.06
CA ILE B 85 7.24 -11.63 -29.48
C ILE B 85 6.99 -10.21 -29.90
N ALA B 86 7.15 -9.24 -28.99
CA ALA B 86 6.76 -7.88 -29.25
C ALA B 86 7.61 -7.24 -30.35
N LEU B 87 8.92 -7.44 -30.29
CA LEU B 87 9.81 -6.81 -31.26
C LEU B 87 9.63 -7.38 -32.66
N GLU B 88 9.26 -8.64 -32.77
CA GLU B 88 9.08 -9.25 -34.09
C GLU B 88 7.71 -8.90 -34.65
N LEU B 89 6.70 -8.97 -33.80
CA LEU B 89 5.36 -8.54 -34.19
C LEU B 89 5.37 -7.09 -34.64
N LEU B 90 6.14 -6.22 -33.96
CA LEU B 90 6.28 -4.83 -34.37
C LEU B 90 6.85 -4.73 -35.76
N MET B 91 7.94 -5.43 -36.01
CA MET B 91 8.53 -5.41 -37.35
C MET B 91 7.55 -5.92 -38.39
N ALA B 92 6.84 -7.01 -38.10
CA ALA B 92 5.87 -7.53 -39.07
C ALA B 92 4.70 -6.57 -39.22
N ALA B 93 4.17 -6.03 -38.12
CA ALA B 93 3.08 -5.07 -38.21
C ALA B 93 3.50 -3.82 -38.96
N ASN B 94 4.74 -3.36 -38.75
CA ASN B 94 5.27 -2.21 -39.48
C ASN B 94 5.38 -2.47 -40.98
N PHE B 95 5.69 -3.72 -41.36
CA PHE B 95 5.87 -4.07 -42.75
C PHE B 95 4.54 -4.29 -43.43
N LEU B 96 3.50 -4.67 -42.69
CA LEU B 96 2.20 -4.96 -43.27
C LEU B 96 1.17 -3.86 -43.07
N ASP B 97 1.47 -2.83 -42.25
CA ASP B 97 0.46 -1.82 -41.84
C ASP B 97 -0.79 -2.46 -41.21
N CYS B 98 -0.60 -3.49 -40.36
CA CYS B 98 -1.62 -4.51 -39.95
C CYS B 98 -0.96 -5.86 -39.56
N VAL C 29 -8.79 27.82 -30.49
CA VAL C 29 -9.54 27.12 -31.53
C VAL C 29 -10.47 26.05 -30.96
N LEU C 30 -9.91 24.91 -30.57
CA LEU C 30 -10.64 23.79 -29.93
C LEU C 30 -10.72 24.01 -28.42
N ARG C 31 -11.78 24.66 -27.98
CA ARG C 31 -11.93 25.09 -26.59
C ARG C 31 -13.26 24.63 -26.02
N SER C 32 -13.36 24.63 -24.71
CA SER C 32 -14.68 24.46 -24.11
C SER C 32 -15.45 25.76 -24.26
N VAL C 33 -16.73 25.62 -24.60
CA VAL C 33 -17.65 26.75 -24.55
C VAL C 33 -17.97 27.07 -23.10
N ASN C 34 -17.91 28.34 -22.76
CA ASN C 34 -18.14 28.86 -21.41
C ASN C 34 -19.65 29.06 -21.18
N SER C 35 -20.40 27.96 -21.24
CA SER C 35 -21.85 28.06 -21.16
C SER C 35 -22.33 28.32 -19.74
N ARG C 36 -21.55 27.93 -18.73
CA ARG C 36 -21.95 28.02 -17.34
C ARG C 36 -23.31 27.36 -17.10
N GLU C 37 -23.61 26.34 -17.92
CA GLU C 37 -24.87 25.59 -17.90
C GLU C 37 -24.55 24.19 -17.40
N PRO C 38 -24.86 23.85 -16.16
CA PRO C 38 -24.35 22.60 -15.61
C PRO C 38 -24.83 21.37 -16.38
N SER C 39 -23.91 20.40 -16.51
CA SER C 39 -24.21 19.11 -17.11
C SER C 39 -23.55 18.05 -16.25
N GLN C 40 -24.37 17.15 -15.73
CA GLN C 40 -23.91 16.07 -14.89
C GLN C 40 -23.41 14.92 -15.73
N VAL C 41 -22.24 14.40 -15.38
CA VAL C 41 -21.57 13.38 -16.18
C VAL C 41 -21.12 12.23 -15.28
N ILE C 42 -21.16 11.03 -15.83
CA ILE C 42 -20.51 9.84 -15.26
C ILE C 42 -19.36 9.49 -16.20
N PHE C 43 -18.15 9.60 -15.71
CA PHE C 43 -17.03 8.98 -16.39
C PHE C 43 -17.02 7.52 -16.05
N ASN C 45 -15.06 4.02 -16.74
CA ASN C 45 -13.84 3.50 -17.31
C ASN C 45 -14.02 2.02 -17.68
N ARG C 46 -14.56 1.75 -18.86
CA ARG C 46 -14.66 0.37 -19.35
C ARG C 46 -13.46 -0.04 -20.17
N SER C 47 -12.30 0.20 -19.59
CA SER C 47 -11.00 -0.07 -20.17
C SER C 47 -10.16 -0.70 -19.08
N PRO C 48 -9.09 -1.41 -19.43
CA PRO C 48 -8.15 -1.90 -18.43
C PRO C 48 -7.05 -0.91 -18.05
N ARG C 49 -7.07 0.33 -18.52
CA ARG C 49 -6.01 1.31 -18.24
C ARG C 49 -6.43 2.24 -17.10
N VAL C 50 -5.44 2.86 -16.46
CA VAL C 50 -5.78 3.99 -15.60
C VAL C 50 -6.10 5.16 -16.51
N VAL C 51 -7.33 5.67 -16.43
CA VAL C 51 -7.81 6.70 -17.36
C VAL C 51 -7.52 8.07 -16.77
N LEU C 52 -6.84 8.90 -17.55
CA LEU C 52 -6.67 10.30 -17.21
C LEU C 52 -7.69 11.11 -17.99
N PRO C 53 -8.71 11.67 -17.34
CA PRO C 53 -9.58 12.63 -18.02
C PRO C 53 -8.82 13.91 -18.25
N VAL C 54 -9.04 14.51 -19.42
CA VAL C 54 -8.37 15.75 -19.81
C VAL C 54 -9.45 16.74 -20.22
N TRP C 55 -9.61 17.81 -19.44
CA TRP C 55 -10.54 18.86 -19.81
C TRP C 55 -9.80 19.90 -20.65
N LEU C 56 -10.44 20.36 -21.72
CA LEU C 56 -9.89 21.45 -22.52
C LEU C 56 -10.50 22.75 -22.00
N ASN C 57 -9.67 23.58 -21.37
CA ASN C 57 -10.18 24.80 -20.76
C ASN C 57 -10.60 25.79 -21.84
N PHE C 58 -10.94 27.00 -21.42
CA PHE C 58 -11.50 27.97 -22.34
C PHE C 58 -10.47 28.57 -23.28
N ASP C 59 -9.17 28.47 -22.96
CA ASP C 59 -8.12 28.88 -23.89
C ASP C 59 -7.58 27.73 -24.73
N GLY C 60 -8.17 26.55 -24.63
CA GLY C 60 -7.70 25.41 -25.38
C GLY C 60 -6.67 24.54 -24.67
N GLU C 61 -6.24 24.94 -23.44
CA GLU C 61 -5.16 24.19 -22.78
C GLU C 61 -5.70 22.90 -22.16
N PRO C 62 -5.00 21.78 -22.30
CA PRO C 62 -5.45 20.56 -21.63
C PRO C 62 -5.29 20.68 -20.12
N GLN C 63 -6.36 20.38 -19.39
CA GLN C 63 -6.27 20.39 -17.95
C GLN C 63 -6.50 18.97 -17.44
N PRO C 64 -5.52 18.35 -16.81
CA PRO C 64 -5.71 16.98 -16.32
C PRO C 64 -6.55 16.97 -15.07
N TYR C 65 -7.35 15.92 -14.93
CA TYR C 65 -8.21 15.68 -13.78
C TYR C 65 -7.79 14.43 -13.02
N PRO C 66 -8.34 14.21 -11.83
CA PRO C 66 -7.97 13.00 -11.08
C PRO C 66 -8.27 11.74 -11.86
N THR C 67 -7.37 10.76 -11.75
CA THR C 67 -7.48 9.58 -12.59
C THR C 67 -8.53 8.59 -12.05
N LEU C 68 -8.99 7.74 -12.96
CA LEU C 68 -9.97 6.71 -12.73
C LEU C 68 -9.31 5.34 -12.81
N PRO C 69 -9.37 4.52 -11.77
CA PRO C 69 -8.86 3.17 -11.89
C PRO C 69 -9.74 2.38 -12.85
N PRO C 70 -9.22 1.29 -13.41
CA PRO C 70 -9.98 0.54 -14.41
C PRO C 70 -11.32 0.02 -13.86
N GLY C 71 -12.37 0.21 -14.64
CA GLY C 71 -13.69 -0.26 -14.25
C GLY C 71 -14.36 0.56 -13.18
N THR C 72 -13.77 1.67 -12.76
CA THR C 72 -14.34 2.52 -11.74
C THR C 72 -14.99 3.74 -12.38
N GLY C 73 -15.75 4.49 -11.57
CA GLY C 73 -16.49 5.63 -12.06
C GLY C 73 -16.33 6.84 -11.18
N ARG C 74 -16.79 7.97 -11.72
CA ARG C 74 -16.78 9.22 -10.99
C ARG C 74 -17.89 10.05 -11.60
N ARG C 75 -18.84 10.47 -10.76
CA ARG C 75 -19.80 11.48 -11.17
C ARG C 75 -19.02 12.79 -11.21
N ILE C 76 -19.10 13.50 -12.32
CA ILE C 76 -18.36 14.74 -12.42
C ILE C 76 -19.32 15.86 -12.78
N HIS C 77 -19.02 17.04 -12.28
CA HIS C 77 -19.84 18.22 -12.52
C HIS C 77 -19.18 19.00 -13.64
N SER C 78 -19.73 18.87 -14.84
CA SER C 78 -19.21 19.64 -15.96
C SER C 78 -20.28 20.58 -16.47
N TYR C 79 -20.22 20.89 -17.75
CA TYR C 79 -21.06 21.94 -18.30
C TYR C 79 -21.29 21.58 -19.75
N ARG C 80 -22.42 22.04 -20.28
CA ARG C 80 -22.69 21.84 -21.69
C ARG C 80 -21.65 22.54 -22.54
N GLY C 81 -21.26 21.90 -23.63
CA GLY C 81 -20.29 22.46 -24.53
C GLY C 81 -18.84 22.26 -24.12
N HIS C 82 -18.59 21.60 -22.99
CA HIS C 82 -17.22 21.44 -22.57
C HIS C 82 -16.56 20.25 -23.28
N LEU C 83 -15.23 20.27 -23.34
CA LEU C 83 -14.48 19.26 -24.08
C LEU C 83 -13.67 18.40 -23.14
N TRP C 84 -13.89 17.10 -23.25
CA TRP C 84 -13.13 16.13 -22.53
C TRP C 84 -12.55 15.15 -23.54
N LEU C 85 -11.37 14.64 -23.23
CA LEU C 85 -10.80 13.47 -23.89
C LEU C 85 -10.11 12.64 -22.83
N PHE C 86 -9.81 11.39 -23.15
CA PHE C 86 -9.37 10.43 -22.15
C PHE C 86 -8.15 9.68 -22.68
N ARG C 87 -7.18 9.50 -21.79
CA ARG C 87 -5.88 8.94 -22.10
C ARG C 87 -5.50 7.91 -21.05
N ASP C 88 -4.73 6.91 -21.44
CA ASP C 88 -4.04 6.09 -20.46
C ASP C 88 -3.17 7.00 -19.60
N ALA C 89 -3.35 6.95 -18.29
CA ALA C 89 -2.66 7.92 -17.45
C ALA C 89 -1.14 7.71 -17.46
N GLY C 90 -0.68 6.49 -17.72
CA GLY C 90 0.73 6.19 -17.66
C GLY C 90 1.47 6.40 -18.98
N THR C 91 0.85 6.01 -20.08
CA THR C 91 1.47 6.11 -21.39
C THR C 91 0.87 7.21 -22.26
N HIS C 92 -0.26 7.79 -21.87
CA HIS C 92 -1.00 8.74 -22.70
C HIS C 92 -1.51 8.12 -23.99
N ASP C 93 -1.56 6.79 -24.05
CA ASP C 93 -2.29 6.14 -25.13
C ASP C 93 -3.69 6.71 -25.19
N GLY C 94 -4.17 6.93 -26.40
CA GLY C 94 -5.48 7.54 -26.57
C GLY C 94 -6.58 6.53 -26.36
N LEU C 95 -7.61 6.96 -25.64
CA LEU C 95 -8.77 6.13 -25.41
C LEU C 95 -9.94 6.67 -26.20
N LEU C 96 -11.04 5.91 -26.20
CA LEU C 96 -12.28 6.41 -26.75
C LEU C 96 -13.27 6.71 -25.65
N VAL C 97 -14.13 7.69 -25.92
CA VAL C 97 -15.26 7.99 -25.05
C VAL C 97 -16.49 7.98 -25.93
N ASN C 98 -17.46 7.14 -25.57
CA ASN C 98 -18.65 6.91 -26.38
C ASN C 98 -18.27 6.67 -27.83
N GLN C 99 -17.33 5.75 -28.02
CA GLN C 99 -16.90 5.30 -29.34
C GLN C 99 -16.34 6.45 -30.18
N THR C 100 -15.84 7.52 -29.55
CA THR C 100 -15.27 8.61 -30.34
C THR C 100 -14.12 9.27 -29.57
N GLU C 101 -13.50 10.29 -30.16
CA GLU C 101 -12.30 10.84 -29.54
C GLU C 101 -12.60 11.90 -28.48
N LEU C 102 -13.57 12.77 -28.75
CA LEU C 102 -13.94 13.89 -27.89
C LEU C 102 -15.29 13.63 -27.24
N PHE C 103 -15.44 14.09 -26.01
CA PHE C 103 -16.69 14.02 -25.27
C PHE C 103 -17.14 15.44 -24.93
N VAL C 104 -18.33 15.81 -25.35
CA VAL C 104 -18.91 17.11 -25.06
C VAL C 104 -20.18 16.88 -24.25
N PRO C 105 -20.14 17.13 -22.93
CA PRO C 105 -21.35 16.97 -22.12
C PRO C 105 -22.48 17.80 -22.70
N SER C 106 -23.66 17.19 -22.79
CA SER C 106 -24.83 17.79 -23.38
C SER C 106 -25.88 18.10 -22.31
N LEU C 107 -27.05 18.56 -22.75
CA LEU C 107 -28.15 18.84 -21.85
C LEU C 107 -28.61 17.55 -21.15
N ASN C 108 -28.70 17.59 -19.82
CA ASN C 108 -29.27 16.46 -19.09
C ASN C 108 -30.77 16.43 -19.36
N VAL C 109 -31.26 15.28 -19.85
CA VAL C 109 -32.67 15.11 -20.16
C VAL C 109 -33.32 14.26 -19.07
N ASP C 110 -34.45 14.75 -18.55
CA ASP C 110 -35.17 14.18 -17.41
C ASP C 110 -34.31 14.08 -16.14
N GLY C 111 -33.25 14.88 -16.06
CA GLY C 111 -32.37 14.95 -14.91
C GLY C 111 -31.38 13.81 -14.74
N GLN C 112 -31.30 12.91 -15.72
CA GLN C 112 -30.40 11.76 -15.68
C GLN C 112 -28.99 12.18 -16.13
N PRO C 113 -27.93 11.79 -15.41
CA PRO C 113 -26.58 12.18 -15.84
C PRO C 113 -26.21 11.57 -17.19
N ILE C 114 -25.25 12.21 -17.83
CA ILE C 114 -24.71 11.80 -19.12
C ILE C 114 -23.57 10.80 -18.89
N PHE C 115 -23.55 9.75 -19.70
CA PHE C 115 -22.56 8.69 -19.52
C PHE C 115 -21.41 8.85 -20.50
N ALA C 116 -20.21 8.97 -19.96
CA ALA C 116 -18.98 9.04 -20.73
C ALA C 116 -18.37 7.65 -20.64
N ASN C 117 -18.55 6.89 -21.69
CA ASN C 117 -18.16 5.50 -21.65
C ASN C 117 -16.76 5.36 -22.21
N ILE C 118 -15.78 5.26 -21.32
CA ILE C 118 -14.37 5.20 -21.71
C ILE C 118 -14.01 3.76 -22.08
N THR C 119 -13.56 3.55 -23.32
CA THR C 119 -13.17 2.20 -23.73
C THR C 119 -11.83 2.18 -24.43
N LEU C 120 -11.30 0.97 -24.48
CA LEU C 120 -10.12 0.76 -25.28
C LEU C 120 -10.51 0.89 -26.75
N PRO C 121 -9.70 1.57 -27.56
CA PRO C 121 -9.87 1.51 -29.02
C PRO C 121 -9.44 0.16 -29.57
N VAL C 122 -9.81 -0.12 -30.81
CA VAL C 122 -9.05 -1.16 -31.51
C VAL C 122 -7.78 -0.51 -32.06
N TYR C 123 -6.70 -0.53 -31.28
CA TYR C 123 -5.43 -0.02 -31.78
C TYR C 123 -5.04 -0.79 -33.03
N THR C 124 -4.26 -0.17 -33.90
CA THR C 124 -3.60 -0.97 -34.94
C THR C 124 -2.66 -1.98 -34.28
N LEU C 125 -2.41 -3.10 -34.96
CA LEU C 125 -1.39 -4.02 -34.44
C LEU C 125 -0.05 -3.31 -34.32
N LYS C 126 0.25 -2.33 -35.20
CA LYS C 126 1.49 -1.57 -35.06
C LYS C 126 1.49 -0.74 -33.79
N GLU C 127 0.45 0.11 -33.57
CA GLU C 127 0.45 0.94 -32.36
C GLU C 127 0.53 0.07 -31.13
N ARG C 128 -0.16 -1.08 -31.14
CA ARG C 128 -0.20 -1.88 -29.94
C ARG C 128 1.18 -2.42 -29.59
N CYS C 129 1.93 -2.88 -30.61
CA CYS C 129 3.31 -3.31 -30.41
C CYS C 129 4.18 -2.14 -29.93
N LEU C 130 4.01 -0.96 -30.52
CA LEU C 130 4.74 0.18 -29.99
C LEU C 130 4.41 0.38 -28.51
N GLN C 131 3.14 0.19 -28.14
CA GLN C 131 2.76 0.31 -26.73
C GLN C 131 3.50 -0.69 -25.87
N VAL C 132 3.47 -1.96 -26.26
CA VAL C 132 4.09 -2.99 -25.42
C VAL C 132 5.59 -2.77 -25.33
N VAL C 133 6.23 -2.44 -26.46
CA VAL C 133 7.68 -2.22 -26.49
C VAL C 133 8.04 -0.94 -25.75
N ARG C 134 7.28 0.15 -25.96
CA ARG C 134 7.55 1.36 -25.19
C ARG C 134 7.60 1.04 -23.70
N SER C 135 6.72 0.14 -23.26
CA SER C 135 6.57 -0.26 -21.86
C SER C 135 7.63 -1.23 -21.37
N LEU C 136 8.43 -1.80 -22.24
CA LEU C 136 9.49 -2.70 -21.77
C LEU C 136 10.86 -2.05 -21.82
N VAL C 137 11.07 -1.10 -22.70
CA VAL C 137 12.39 -0.51 -22.92
C VAL C 137 12.34 0.93 -22.41
N LYS C 138 13.25 1.28 -21.51
CA LYS C 138 13.38 2.67 -21.09
C LYS C 138 13.78 3.48 -22.32
N PRO C 139 13.19 4.66 -22.52
CA PRO C 139 13.42 5.36 -23.80
C PRO C 139 14.87 5.66 -24.09
N GLU C 140 15.73 5.73 -23.08
CA GLU C 140 17.17 5.87 -23.27
C GLU C 140 17.73 4.79 -24.18
N ASN C 141 17.08 3.63 -24.20
CA ASN C 141 17.57 2.39 -24.80
C ASN C 141 16.80 2.00 -26.06
N TYR C 142 15.95 2.88 -26.59
CA TYR C 142 15.23 2.53 -27.81
C TYR C 142 16.20 2.21 -28.94
N ARG C 143 17.36 2.86 -28.96
CA ARG C 143 18.26 2.68 -30.08
C ARG C 143 19.08 1.41 -29.96
N ARG C 144 18.93 0.66 -28.86
CA ARG C 144 19.61 -0.60 -28.65
C ARG C 144 18.77 -1.80 -29.12
N LEU C 145 17.62 -1.55 -29.74
CA LEU C 145 16.79 -2.62 -30.28
C LEU C 145 17.09 -2.77 -31.75
N ASP C 146 17.17 -4.02 -32.21
CA ASP C 146 17.59 -4.27 -33.57
C ASP C 146 16.38 -4.25 -34.50
N ILE C 147 16.04 -3.06 -34.99
CA ILE C 147 14.89 -2.85 -35.85
C ILE C 147 15.23 -1.72 -36.83
N VAL C 148 14.43 -1.59 -37.90
CA VAL C 148 14.70 -0.52 -38.87
C VAL C 148 14.59 0.87 -38.21
N ARG C 149 15.28 1.84 -38.80
CA ARG C 149 15.33 3.21 -38.27
C ARG C 149 13.96 3.87 -38.21
N SER C 150 13.02 3.43 -39.06
CA SER C 150 11.68 3.99 -39.03
C SER C 150 11.00 3.70 -37.70
N LEU C 151 11.35 2.57 -37.06
CA LEU C 151 10.73 2.13 -35.82
C LEU C 151 11.28 2.84 -34.59
N TYR C 152 12.54 3.29 -34.62
CA TYR C 152 13.05 4.13 -33.54
C TYR C 152 12.32 5.48 -33.52
N GLU C 153 12.12 6.09 -34.70
CA GLU C 153 11.39 7.35 -34.73
C GLU C 153 9.93 7.15 -34.34
N ASP C 154 9.36 5.98 -34.67
CA ASP C 154 7.98 5.66 -34.31
C ASP C 154 7.85 5.42 -32.82
N LEU C 155 8.84 4.76 -32.22
CA LEU C 155 8.84 4.50 -30.78
C LEU C 155 9.00 5.77 -29.99
N GLU C 156 9.85 6.67 -30.47
CA GLU C 156 10.09 7.94 -29.79
C GLU C 156 8.94 8.93 -29.97
N ASP C 157 8.03 8.69 -30.92
CA ASP C 157 6.85 9.55 -31.09
C ASP C 157 5.73 9.08 -30.16
N HIS C 158 5.94 9.33 -28.88
CA HIS C 158 5.00 8.98 -27.83
C HIS C 158 3.60 9.57 -28.10
N PRO C 159 2.53 8.82 -27.80
CA PRO C 159 1.20 9.43 -27.80
C PRO C 159 1.22 10.62 -26.87
N ASN C 160 0.47 11.64 -27.24
CA ASN C 160 0.70 12.95 -26.69
C ASN C 160 -0.53 13.83 -26.89
N VAL C 161 -1.02 14.43 -25.82
CA VAL C 161 -2.24 15.24 -25.93
C VAL C 161 -2.03 16.44 -26.85
N GLN C 162 -0.86 17.10 -26.75
CA GLN C 162 -0.59 18.24 -27.61
C GLN C 162 -0.67 17.84 -29.08
N LYS C 163 0.11 16.82 -29.47
CA LYS C 163 0.06 16.28 -30.82
C LYS C 163 -1.37 15.96 -31.27
N ASP C 164 -2.11 15.23 -30.46
CA ASP C 164 -3.47 14.82 -30.83
C ASP C 164 -4.40 16.01 -31.00
N LEU C 165 -4.27 17.03 -30.15
CA LEU C 165 -5.12 18.21 -30.28
C LEU C 165 -4.91 18.89 -31.62
N GLU C 166 -3.67 18.91 -32.12
CA GLU C 166 -3.42 19.44 -33.45
C GLU C 166 -4.08 18.57 -34.51
N ARG C 167 -3.93 17.24 -34.40
CA ARG C 167 -4.54 16.32 -35.37
C ARG C 167 -6.04 16.55 -35.49
N LEU C 168 -6.74 16.66 -34.34
CA LEU C 168 -8.20 16.82 -34.32
C LEU C 168 -8.63 18.17 -34.88
N THR C 169 -7.83 19.22 -34.70
CA THR C 169 -8.09 20.52 -35.34
C THR C 169 -7.88 20.41 -36.85
N MET D 1 16.56 -15.79 -1.91
CA MET D 1 17.63 -14.90 -2.34
C MET D 1 18.56 -15.64 -3.29
N ASP D 2 19.43 -14.90 -4.00
CA ASP D 2 20.42 -15.49 -4.89
C ASP D 2 21.68 -15.92 -4.16
N VAL D 3 22.27 -17.01 -4.61
CA VAL D 3 23.58 -17.44 -4.13
C VAL D 3 24.54 -17.43 -5.31
N PHE D 4 25.79 -17.08 -5.01
CA PHE D 4 26.81 -16.84 -6.02
C PHE D 4 27.91 -17.90 -5.89
N LEU D 5 28.17 -18.61 -6.97
CA LEU D 5 28.91 -19.85 -6.88
C LEU D 5 30.14 -19.78 -7.77
N MET D 6 31.13 -20.59 -7.43
CA MET D 6 32.20 -20.94 -8.37
C MET D 6 32.07 -22.43 -8.61
N ILE D 7 31.61 -22.81 -9.79
CA ILE D 7 31.61 -24.21 -10.21
C ILE D 7 32.98 -24.51 -10.79
N ARG D 8 33.71 -25.40 -10.15
CA ARG D 8 35.12 -25.62 -10.46
C ARG D 8 35.37 -27.09 -10.82
N ARG D 9 36.11 -27.31 -11.92
CA ARG D 9 36.59 -28.63 -12.30
C ARG D 9 37.99 -28.46 -12.88
N HIS D 10 38.96 -29.15 -12.29
CA HIS D 10 40.34 -29.10 -12.74
C HIS D 10 40.89 -27.68 -12.74
N LYS D 11 41.03 -27.10 -13.93
CA LYS D 11 41.43 -25.71 -14.10
C LYS D 11 40.31 -24.89 -14.72
N THR D 12 39.05 -25.29 -14.50
CA THR D 12 37.89 -24.59 -15.00
C THR D 12 37.16 -24.00 -13.81
N THR D 13 36.72 -22.77 -13.93
CA THR D 13 35.96 -22.15 -12.86
C THR D 13 34.85 -21.35 -13.52
N ILE D 14 33.61 -21.71 -13.26
CA ILE D 14 32.48 -20.95 -13.77
C ILE D 14 31.97 -20.03 -12.65
N PHE D 15 31.93 -18.73 -12.94
CA PHE D 15 31.28 -17.78 -12.05
C PHE D 15 29.85 -17.59 -12.53
N THR D 16 28.89 -17.97 -11.70
CA THR D 16 27.48 -17.83 -12.02
C THR D 16 26.71 -17.65 -10.71
N ASP D 17 25.43 -17.34 -10.85
CA ASP D 17 24.54 -17.26 -9.71
C ASP D 17 23.34 -18.18 -9.91
N ALA D 18 22.57 -18.35 -8.84
CA ALA D 18 21.39 -19.21 -8.79
C ALA D 18 20.60 -18.87 -7.55
N LYS D 19 19.31 -19.18 -7.57
CA LYS D 19 18.50 -18.98 -6.37
C LYS D 19 18.74 -20.08 -5.36
N GLU D 20 18.64 -19.71 -4.08
CA GLU D 20 18.75 -20.66 -2.99
C GLU D 20 17.76 -21.81 -3.14
N SER D 21 16.59 -21.56 -3.73
CA SER D 21 15.58 -22.60 -3.88
C SER D 21 15.75 -23.42 -5.14
N SER D 22 16.60 -22.98 -6.07
CA SER D 22 16.95 -23.78 -7.24
C SER D 22 17.56 -25.11 -6.80
N THR D 23 17.45 -26.12 -7.66
CA THR D 23 17.94 -27.43 -7.27
C THR D 23 19.25 -27.76 -7.98
N VAL D 24 19.99 -28.69 -7.37
CA VAL D 24 21.23 -29.22 -7.93
C VAL D 24 21.04 -29.70 -9.36
N PHE D 25 19.88 -30.29 -9.68
CA PHE D 25 19.67 -30.72 -11.06
C PHE D 25 19.63 -29.51 -11.99
N GLU D 26 18.86 -28.47 -11.63
CA GLU D 26 18.85 -27.24 -12.42
C GLU D 26 20.23 -26.60 -12.50
N LEU D 27 21.05 -26.75 -11.46
CA LEU D 27 22.45 -26.30 -11.55
C LEU D 27 23.26 -27.16 -12.51
N LYS D 28 23.04 -28.48 -12.51
CA LYS D 28 23.68 -29.33 -13.50
C LYS D 28 23.29 -28.92 -14.92
N ARG D 29 22.06 -28.43 -15.10
CA ARG D 29 21.63 -27.91 -16.39
C ARG D 29 22.36 -26.62 -16.76
N ILE D 30 22.59 -25.73 -15.77
CA ILE D 30 23.36 -24.52 -16.03
C ILE D 30 24.75 -24.87 -16.54
N VAL D 31 25.40 -25.86 -15.93
CA VAL D 31 26.69 -26.35 -16.46
C VAL D 31 26.56 -26.81 -17.89
N GLU D 32 25.44 -27.47 -18.22
CA GLU D 32 25.25 -28.01 -19.56
C GLU D 32 25.31 -26.91 -20.61
N GLY D 33 24.59 -25.81 -20.38
CA GLY D 33 24.58 -24.67 -21.28
C GLY D 33 25.94 -24.05 -21.48
N ILE D 34 26.87 -24.30 -20.55
CA ILE D 34 28.21 -23.71 -20.61
C ILE D 34 29.21 -24.75 -21.08
N LEU D 35 29.36 -25.83 -20.33
CA LEU D 35 30.42 -26.79 -20.62
C LEU D 35 30.02 -27.89 -21.60
N LYS D 36 28.77 -27.92 -22.06
CA LYS D 36 28.29 -28.90 -23.05
C LYS D 36 28.50 -30.33 -22.56
N ARG D 37 27.98 -30.62 -21.36
CA ARG D 37 28.07 -31.95 -20.78
C ARG D 37 26.77 -32.23 -20.05
N PRO D 38 26.17 -33.42 -20.23
CA PRO D 38 24.84 -33.66 -19.66
C PRO D 38 24.93 -33.87 -18.15
N PRO D 39 23.85 -33.57 -17.41
CA PRO D 39 23.88 -33.82 -15.97
C PRO D 39 24.27 -35.25 -15.61
N ASP D 40 23.93 -36.25 -16.44
CA ASP D 40 24.35 -37.61 -16.12
C ASP D 40 25.87 -37.74 -16.14
N GLU D 41 26.56 -36.91 -16.92
CA GLU D 41 28.00 -36.95 -17.04
C GLU D 41 28.71 -36.08 -16.02
N GLN D 42 27.97 -35.49 -15.06
CA GLN D 42 28.57 -34.64 -14.05
C GLN D 42 28.14 -35.07 -12.65
N ARG D 43 29.00 -34.78 -11.69
CA ARG D 43 28.67 -34.91 -10.28
C ARG D 43 29.05 -33.60 -9.58
N LEU D 44 28.11 -33.02 -8.84
CA LEU D 44 28.37 -31.79 -8.12
C LEU D 44 28.59 -32.07 -6.64
N TYR D 45 29.58 -31.38 -6.08
CA TYR D 45 30.02 -31.61 -4.73
C TYR D 45 30.02 -30.32 -3.92
N LYS D 46 29.67 -30.45 -2.65
CA LYS D 46 29.94 -29.41 -1.66
C LYS D 46 31.15 -29.87 -0.87
N ASP D 47 32.27 -29.17 -1.05
CA ASP D 47 33.57 -29.70 -0.64
C ASP D 47 33.69 -31.10 -1.25
N ASP D 48 33.69 -32.13 -0.40
CA ASP D 48 33.85 -33.51 -0.83
C ASP D 48 32.55 -34.30 -0.81
N GLN D 49 31.44 -33.69 -0.46
CA GLN D 49 30.16 -34.38 -0.37
C GLN D 49 29.43 -34.31 -1.71
N LEU D 50 29.08 -35.47 -2.25
CA LEU D 50 28.29 -35.47 -3.48
C LEU D 50 26.89 -34.97 -3.24
N LEU D 51 26.41 -34.10 -4.13
CA LEU D 51 25.09 -33.51 -4.04
C LEU D 51 24.10 -34.33 -4.85
N ASP D 52 22.87 -34.40 -4.36
CA ASP D 52 21.81 -35.17 -5.00
C ASP D 52 21.01 -34.23 -5.88
N ASP D 53 20.73 -34.66 -7.11
CA ASP D 53 20.07 -33.83 -8.12
C ASP D 53 18.89 -33.07 -7.53
N GLY D 54 18.06 -33.73 -6.72
CA GLY D 54 16.79 -33.16 -6.27
C GLY D 54 16.83 -32.22 -5.09
N LYS D 55 17.99 -32.01 -4.48
CA LYS D 55 18.10 -31.15 -3.30
C LYS D 55 18.37 -29.71 -3.73
N THR D 56 17.78 -28.76 -3.00
CA THR D 56 17.99 -27.35 -3.30
C THR D 56 19.37 -26.91 -2.83
N LEU D 57 19.86 -25.81 -3.40
CA LEU D 57 21.18 -25.30 -3.03
C LEU D 57 21.21 -24.88 -1.57
N GLY D 58 20.08 -24.33 -1.08
CA GLY D 58 20.00 -23.99 0.33
C GLY D 58 20.12 -25.19 1.23
N GLU D 59 19.40 -26.28 0.90
CA GLU D 59 19.50 -27.56 1.62
C GLU D 59 20.92 -28.10 1.63
N CYS D 60 21.73 -27.69 0.65
CA CYS D 60 23.09 -28.20 0.50
C CYS D 60 24.14 -27.26 1.08
N GLY D 61 23.74 -26.17 1.71
CA GLY D 61 24.68 -25.29 2.35
C GLY D 61 25.03 -24.03 1.61
N PHE D 62 24.50 -23.84 0.41
CA PHE D 62 24.70 -22.60 -0.32
C PHE D 62 23.59 -21.66 0.11
N THR D 63 23.95 -20.62 0.86
CA THR D 63 23.01 -19.62 1.35
C THR D 63 23.53 -18.23 1.00
N SER D 64 22.63 -17.25 1.02
CA SER D 64 22.98 -15.87 0.68
C SER D 64 24.11 -15.33 1.54
N GLN D 65 24.22 -15.84 2.76
CA GLN D 65 25.25 -15.37 3.67
C GLN D 65 26.59 -16.04 3.41
N THR D 66 26.61 -17.19 2.74
CA THR D 66 27.85 -17.89 2.52
C THR D 66 28.27 -17.97 1.06
N ALA D 67 27.38 -17.69 0.12
CA ALA D 67 27.72 -17.63 -1.30
C ALA D 67 27.53 -16.18 -1.73
N ARG D 68 28.46 -15.33 -1.32
CA ARG D 68 28.34 -13.90 -1.51
C ARG D 68 28.94 -13.49 -2.84
N PRO D 69 28.47 -12.35 -3.42
CA PRO D 69 29.02 -11.95 -4.73
C PRO D 69 30.51 -11.78 -4.68
N GLN D 70 30.99 -11.03 -3.70
CA GLN D 70 32.41 -10.75 -3.54
C GLN D 70 33.14 -11.91 -2.88
N ALA D 71 32.45 -12.99 -2.53
CA ALA D 71 33.09 -14.14 -1.90
C ALA D 71 32.24 -15.35 -2.21
N PRO D 72 32.30 -15.85 -3.44
CA PRO D 72 31.39 -16.92 -3.85
C PRO D 72 31.75 -18.28 -3.27
N ALA D 73 30.72 -19.11 -3.14
CA ALA D 73 30.89 -20.48 -2.67
C ALA D 73 31.37 -21.36 -3.82
N THR D 74 32.17 -22.37 -3.48
CA THR D 74 32.74 -23.26 -4.48
C THR D 74 31.88 -24.51 -4.60
N VAL D 75 31.55 -24.90 -5.83
CA VAL D 75 30.85 -26.13 -6.12
C VAL D 75 31.77 -27.05 -6.91
N GLY D 76 32.03 -28.23 -6.36
CA GLY D 76 32.85 -29.20 -7.07
C GLY D 76 32.15 -29.75 -8.30
N LEU D 77 32.94 -30.03 -9.34
CA LEU D 77 32.44 -30.62 -10.57
C LEU D 77 33.31 -31.81 -10.95
N ALA D 78 32.67 -32.91 -11.33
CA ALA D 78 33.35 -34.10 -11.82
C ALA D 78 32.68 -34.58 -13.09
N PHE D 79 33.46 -35.15 -14.00
CA PHE D 79 32.93 -35.65 -15.27
C PHE D 79 32.86 -37.18 -15.38
N ASP D 83 31.29 -43.00 -19.87
CA ASP D 83 31.15 -44.12 -18.95
C ASP D 83 31.37 -43.71 -17.48
N THR D 84 32.47 -44.17 -16.90
CA THR D 84 32.69 -44.07 -15.45
C THR D 84 33.21 -42.69 -15.06
N PHE D 85 32.91 -42.28 -13.82
CA PHE D 85 33.20 -40.92 -13.36
C PHE D 85 34.65 -40.69 -12.91
N GLU D 86 35.18 -39.50 -13.23
CA GLU D 86 36.44 -39.03 -12.70
C GLU D 86 36.29 -38.67 -11.23
N ALA D 87 37.43 -38.58 -10.54
CA ALA D 87 37.44 -38.10 -9.17
C ALA D 87 37.41 -36.56 -9.16
N LEU D 88 36.90 -36.00 -8.06
CA LEU D 88 36.86 -34.55 -7.89
C LEU D 88 38.26 -33.94 -7.82
N ILE D 90 40.37 -30.42 -8.28
CA ILE D 90 40.32 -28.97 -8.36
C ILE D 90 41.72 -28.40 -8.23
N GLU D 91 42.26 -27.91 -9.34
CA GLU D 91 43.61 -27.35 -9.33
C GLU D 91 43.61 -26.03 -8.55
N PRO D 92 44.52 -25.85 -7.60
CA PRO D 92 44.53 -24.60 -6.82
C PRO D 92 44.95 -23.42 -7.68
N PHE D 93 44.58 -22.23 -7.23
CA PHE D 93 45.10 -21.03 -7.89
C PHE D 93 46.54 -20.79 -7.43
N SER D 94 47.24 -19.95 -8.19
CA SER D 94 48.62 -19.66 -7.84
C SER D 94 48.68 -18.92 -6.52
N SER D 95 49.84 -18.94 -5.92
CA SER D 95 50.08 -18.31 -4.64
C SER D 95 50.70 -16.93 -4.82
N PRO D 96 50.17 -15.93 -4.15
CA PRO D 96 50.77 -14.58 -4.18
C PRO D 96 52.17 -14.58 -3.60
N PRO D 97 52.99 -13.58 -3.95
CA PRO D 97 54.32 -13.47 -3.33
C PRO D 97 54.24 -13.03 -1.87
N GLU D 98 55.40 -13.09 -1.21
CA GLU D 98 55.50 -12.59 0.16
C GLU D 98 55.20 -11.10 0.17
N LEU D 99 54.52 -10.64 1.22
CA LEU D 99 54.22 -9.21 1.34
C LEU D 99 55.52 -8.40 1.37
N PRO D 100 55.65 -7.38 0.53
CA PRO D 100 56.85 -6.53 0.58
C PRO D 100 57.05 -5.89 1.95
N ASP D 101 58.31 -5.52 2.22
CA ASP D 101 58.62 -4.82 3.46
C ASP D 101 57.84 -3.51 3.56
N VAL D 102 57.62 -2.84 2.43
CA VAL D 102 56.84 -1.60 2.43
C VAL D 102 55.40 -1.79 2.91
N MET D 103 54.92 -3.03 3.04
CA MET D 103 53.52 -3.29 3.40
C MET D 103 53.40 -4.15 4.67
N MET E 3 26.24 -15.59 -24.45
CA MET E 3 26.02 -16.37 -23.23
C MET E 3 27.16 -16.14 -22.24
N TYR E 4 28.26 -16.88 -22.38
CA TYR E 4 29.40 -16.77 -21.49
C TYR E 4 30.67 -16.54 -22.30
N VAL E 5 31.64 -15.87 -21.67
CA VAL E 5 32.97 -15.71 -22.23
C VAL E 5 33.94 -16.48 -21.35
N LYS E 6 35.17 -16.60 -21.82
CA LYS E 6 36.22 -17.33 -21.14
C LYS E 6 37.40 -16.40 -20.92
N LEU E 7 37.76 -16.16 -19.66
CA LEU E 7 38.92 -15.33 -19.32
C LEU E 7 40.01 -16.26 -18.79
N ILE E 8 41.08 -16.43 -19.56
CA ILE E 8 42.12 -17.40 -19.23
C ILE E 8 43.28 -16.66 -18.58
N SER E 9 43.77 -17.18 -17.45
CA SER E 9 44.85 -16.51 -16.72
C SER E 9 46.21 -16.88 -17.31
N SER E 10 47.28 -16.28 -16.78
CA SER E 10 48.61 -16.53 -17.31
C SER E 10 49.12 -17.95 -17.02
N ASP E 11 48.58 -18.58 -15.99
CA ASP E 11 49.00 -19.91 -15.56
C ASP E 11 48.01 -21.02 -15.98
N GLY E 12 47.07 -20.74 -16.88
CA GLY E 12 46.27 -21.76 -17.54
C GLY E 12 44.82 -21.89 -17.07
N HIS E 13 44.50 -21.42 -15.86
CA HIS E 13 43.13 -21.51 -15.35
C HIS E 13 42.16 -20.77 -16.27
N GLU E 14 41.02 -21.41 -16.57
CA GLU E 14 39.97 -20.79 -17.38
C GLU E 14 38.86 -20.28 -16.46
N PHE E 15 38.51 -19.03 -16.63
CA PHE E 15 37.38 -18.46 -15.91
C PHE E 15 36.27 -18.19 -16.90
N ILE E 16 35.11 -18.74 -16.64
CA ILE E 16 33.94 -18.55 -17.48
C ILE E 16 33.05 -17.55 -16.76
N VAL E 17 32.95 -16.35 -17.29
CA VAL E 17 32.08 -15.34 -16.71
C VAL E 17 31.01 -15.00 -17.74
N LYS E 18 29.96 -14.32 -17.28
CA LYS E 18 28.89 -13.90 -18.18
C LYS E 18 29.41 -12.80 -19.11
N ARG E 19 28.83 -12.75 -20.32
CA ARG E 19 29.27 -11.74 -21.28
C ARG E 19 29.10 -10.35 -20.68
N GLU E 20 27.92 -10.09 -20.08
CA GLU E 20 27.69 -8.81 -19.43
C GLU E 20 28.78 -8.48 -18.43
N HIS E 21 29.22 -9.48 -17.65
CA HIS E 21 30.25 -9.23 -16.66
C HIS E 21 31.59 -8.87 -17.31
N ALA E 22 32.00 -9.62 -18.34
CA ALA E 22 33.27 -9.30 -18.97
C ALA E 22 33.21 -8.01 -19.80
N LEU E 23 32.06 -7.71 -20.42
CA LEU E 23 31.98 -6.50 -21.25
C LEU E 23 31.97 -5.23 -20.42
N THR E 24 31.87 -5.35 -19.09
CA THR E 24 32.04 -4.23 -18.19
C THR E 24 33.38 -3.52 -18.41
N SER E 25 34.36 -4.19 -19.01
CA SER E 25 35.66 -3.60 -19.27
C SER E 25 35.85 -3.32 -20.75
N GLY E 26 36.20 -2.08 -21.09
CA GLY E 26 36.50 -1.78 -22.46
C GLY E 26 37.70 -2.55 -22.97
N THR E 27 38.69 -2.79 -22.09
CA THR E 27 39.87 -3.56 -22.47
C THR E 27 39.50 -4.98 -22.87
N ILE E 28 38.70 -5.68 -22.06
CA ILE E 28 38.32 -7.04 -22.40
C ILE E 28 37.39 -7.06 -23.62
N LYS E 29 36.46 -6.11 -23.70
CA LYS E 29 35.62 -6.02 -24.89
C LYS E 29 36.45 -5.87 -26.16
N ALA E 30 37.51 -5.07 -26.12
CA ALA E 30 38.39 -4.90 -27.28
C ALA E 30 39.04 -6.22 -27.66
N MET E 31 39.52 -6.97 -26.65
CA MET E 31 40.10 -8.29 -26.84
C MET E 31 39.10 -9.32 -27.36
N LEU E 32 37.81 -9.01 -27.33
CA LEU E 32 36.79 -9.87 -27.92
C LEU E 32 36.55 -9.57 -29.40
N SER E 33 36.95 -8.39 -29.86
CA SER E 33 36.70 -7.94 -31.23
C SER E 33 37.99 -7.91 -32.06
N THR E 43 37.61 -17.83 -29.73
CA THR E 43 36.84 -16.84 -30.46
C THR E 43 36.18 -15.85 -29.49
N ASN E 44 35.34 -16.39 -28.59
CA ASN E 44 34.77 -15.63 -27.47
C ASN E 44 35.56 -15.89 -26.20
N GLU E 45 36.89 -15.96 -26.31
CA GLU E 45 37.79 -16.22 -25.19
C GLU E 45 38.95 -15.25 -25.25
N VAL E 46 39.51 -14.93 -24.07
CA VAL E 46 40.56 -13.94 -23.94
C VAL E 46 41.66 -14.49 -23.03
N ASN E 47 42.89 -14.45 -23.49
CA ASN E 47 44.03 -14.88 -22.69
C ASN E 47 44.80 -13.67 -22.17
N PHE E 48 45.23 -13.74 -20.91
CA PHE E 48 46.01 -12.68 -20.25
C PHE E 48 47.39 -13.24 -19.89
N ARG E 49 48.40 -12.92 -20.69
CA ARG E 49 49.74 -13.41 -20.45
C ARG E 49 50.30 -12.92 -19.12
N GLU E 50 49.69 -11.92 -18.48
CA GLU E 50 50.30 -11.27 -17.33
C GLU E 50 49.49 -11.38 -16.03
N ILE E 51 48.27 -11.88 -16.07
CA ILE E 51 47.39 -11.89 -14.91
C ILE E 51 47.34 -13.32 -14.38
N PRO E 52 47.87 -13.59 -13.20
CA PRO E 52 47.76 -14.93 -12.61
C PRO E 52 46.35 -15.22 -12.11
N SER E 53 46.16 -16.46 -11.69
CA SER E 53 44.85 -16.96 -11.28
C SER E 53 44.41 -16.38 -9.93
N HIS E 54 45.34 -16.06 -9.02
CA HIS E 54 44.92 -15.42 -7.78
C HIS E 54 44.47 -13.98 -7.95
N VAL E 55 44.72 -13.38 -9.11
CA VAL E 55 44.26 -12.04 -9.43
C VAL E 55 43.06 -12.04 -10.36
N LEU E 56 43.04 -12.94 -11.36
CA LEU E 56 41.89 -13.04 -12.27
C LEU E 56 40.64 -13.60 -11.57
N SER E 57 40.80 -14.45 -10.56
CA SER E 57 39.62 -14.90 -9.83
C SER E 57 38.99 -13.75 -9.05
N LYS E 58 39.83 -12.90 -8.44
CA LYS E 58 39.34 -11.72 -7.76
C LYS E 58 38.73 -10.73 -8.75
N VAL E 59 39.38 -10.50 -9.89
CA VAL E 59 38.77 -9.72 -10.96
C VAL E 59 37.36 -10.25 -11.25
N CYS E 60 37.22 -11.57 -11.39
CA CYS E 60 35.89 -12.10 -11.69
C CYS E 60 34.91 -11.85 -10.55
N MET E 61 35.39 -11.97 -9.30
CA MET E 61 34.54 -11.62 -8.17
C MET E 61 34.19 -10.14 -8.18
N TYR E 62 35.10 -9.27 -8.66
CA TYR E 62 34.73 -7.87 -8.76
C TYR E 62 33.59 -7.66 -9.76
N PHE E 63 33.65 -8.32 -10.93
CA PHE E 63 32.56 -8.25 -11.90
C PHE E 63 31.23 -8.62 -11.26
N THR E 64 31.22 -9.67 -10.42
CA THR E 64 29.97 -10.11 -9.78
C THR E 64 29.53 -9.10 -8.74
N TYR E 65 30.47 -8.63 -7.92
CA TYR E 65 30.13 -7.64 -6.91
C TYR E 65 29.63 -6.36 -7.56
N LYS E 66 30.28 -5.92 -8.64
CA LYS E 66 29.84 -4.71 -9.33
C LYS E 66 28.42 -4.86 -9.84
N VAL E 67 28.18 -5.86 -10.68
CA VAL E 67 26.87 -6.02 -11.32
C VAL E 67 25.77 -6.17 -10.26
N ARG E 68 26.10 -6.76 -9.11
CA ARG E 68 25.09 -7.01 -8.09
C ARG E 68 24.69 -5.73 -7.36
N TYR E 69 25.66 -4.86 -7.09
CA TYR E 69 25.45 -3.74 -6.18
C TYR E 69 25.59 -2.36 -6.80
N THR E 70 25.61 -2.21 -8.13
CA THR E 70 25.82 -0.89 -8.71
C THR E 70 24.65 0.06 -8.52
N ASN E 71 23.45 -0.46 -8.32
CA ASN E 71 22.25 0.34 -8.18
C ASN E 71 21.41 -0.30 -7.09
N SER E 72 21.83 -0.12 -5.84
CA SER E 72 21.20 -0.79 -4.72
C SER E 72 21.10 0.16 -3.54
N SER E 73 19.88 0.36 -3.03
CA SER E 73 19.72 1.05 -1.75
C SER E 73 19.96 0.12 -0.57
N THR E 74 19.81 -1.19 -0.78
CA THR E 74 20.30 -2.18 0.17
C THR E 74 21.80 -2.06 0.36
N GLU E 75 22.21 -1.65 1.56
CA GLU E 75 23.60 -1.36 1.91
C GLU E 75 24.60 -2.26 1.18
N ILE E 76 25.55 -1.62 0.52
CA ILE E 76 26.54 -2.34 -0.27
C ILE E 76 27.69 -2.76 0.64
N PRO E 77 28.14 -4.02 0.60
CA PRO E 77 29.29 -4.45 1.41
C PRO E 77 30.63 -4.06 0.80
N GLU E 78 31.66 -4.21 1.63
CA GLU E 78 33.00 -3.86 1.22
C GLU E 78 33.57 -4.94 0.29
N PHE E 79 34.28 -4.52 -0.73
CA PHE E 79 34.94 -5.49 -1.59
C PHE E 79 36.28 -5.87 -0.97
N PRO E 80 36.44 -7.12 -0.54
CA PRO E 80 37.66 -7.49 0.19
C PRO E 80 38.83 -7.74 -0.75
N ILE E 81 40.00 -7.23 -0.38
CA ILE E 81 41.25 -7.53 -1.06
C ILE E 81 42.30 -7.95 -0.01
N ALA E 82 42.75 -9.19 -0.08
CA ALA E 82 43.83 -9.61 0.80
C ALA E 82 45.07 -8.76 0.54
N PRO E 83 45.77 -8.31 1.58
CA PRO E 83 46.97 -7.48 1.36
C PRO E 83 48.02 -8.13 0.46
N GLU E 84 48.08 -9.46 0.38
CA GLU E 84 49.10 -10.11 -0.43
C GLU E 84 48.76 -10.12 -1.92
N ILE E 85 47.54 -9.75 -2.31
CA ILE E 85 47.21 -9.63 -3.74
C ILE E 85 46.95 -8.19 -4.14
N ALA E 86 47.13 -7.24 -3.23
CA ALA E 86 46.74 -5.87 -3.53
C ALA E 86 47.60 -5.27 -4.65
N LEU E 87 48.91 -5.46 -4.59
CA LEU E 87 49.77 -4.79 -5.56
C LEU E 87 49.56 -5.33 -6.97
N GLU E 88 49.20 -6.60 -7.07
CA GLU E 88 48.98 -7.20 -8.38
C GLU E 88 47.60 -6.86 -8.91
N LEU E 89 46.58 -6.99 -8.06
CA LEU E 89 45.23 -6.60 -8.44
C LEU E 89 45.21 -5.14 -8.88
N LEU E 90 46.00 -4.29 -8.22
CA LEU E 90 46.18 -2.90 -8.66
C LEU E 90 46.69 -2.84 -10.11
N MET E 91 47.79 -3.51 -10.38
CA MET E 91 48.34 -3.52 -11.74
C MET E 91 47.35 -4.07 -12.73
N ALA E 92 46.66 -5.17 -12.38
CA ALA E 92 45.71 -5.75 -13.33
C ALA E 92 44.52 -4.84 -13.53
N ALA E 93 44.00 -4.24 -12.46
CA ALA E 93 42.92 -3.28 -12.61
C ALA E 93 43.39 -2.05 -13.35
N ASN E 94 44.63 -1.63 -13.09
CA ASN E 94 45.15 -0.46 -13.79
C ASN E 94 45.22 -0.70 -15.28
N PHE E 95 45.49 -1.93 -15.66
CA PHE E 95 45.64 -2.28 -17.06
C PHE E 95 44.31 -2.51 -17.74
N LEU E 96 43.30 -2.96 -17.01
CA LEU E 96 42.03 -3.32 -17.62
C LEU E 96 41.00 -2.21 -17.56
N ASP E 97 41.34 -1.04 -16.99
CA ASP E 97 40.40 0.06 -16.78
C ASP E 97 39.18 -0.39 -16.00
N CYS E 98 39.45 -1.09 -14.90
CA CYS E 98 38.51 -1.98 -14.23
C CYS E 98 38.02 -1.24 -12.95
N VAL F 29 30.63 28.66 -5.62
CA VAL F 29 29.93 27.88 -6.64
C VAL F 29 28.91 26.94 -5.99
N LEU F 30 29.41 25.85 -5.40
CA LEU F 30 28.61 24.90 -4.61
C LEU F 30 28.56 25.44 -3.18
N ARG F 31 27.49 26.18 -2.87
CA ARG F 31 27.35 26.79 -1.56
C ARG F 31 26.01 26.36 -0.96
N SER F 32 25.90 26.47 0.36
CA SER F 32 24.60 26.34 1.01
C SER F 32 23.80 27.63 0.85
N VAL F 33 22.53 27.49 0.51
CA VAL F 33 21.61 28.61 0.52
C VAL F 33 21.21 28.91 1.96
N ASN F 34 21.22 30.20 2.34
CA ASN F 34 20.97 30.62 3.71
C ASN F 34 19.46 30.77 3.95
N SER F 35 18.75 29.64 3.84
CA SER F 35 17.29 29.65 3.83
C SER F 35 16.68 29.87 5.20
N ARG F 36 17.40 29.51 6.27
CA ARG F 36 16.84 29.54 7.62
C ARG F 36 15.51 28.79 7.69
N GLU F 37 15.34 27.77 6.84
CA GLU F 37 14.13 26.94 6.79
C GLU F 37 14.48 25.58 7.34
N PRO F 38 14.16 25.27 8.60
CA PRO F 38 14.71 24.05 9.21
C PRO F 38 14.28 22.77 8.51
N SER F 39 15.21 21.82 8.46
CA SER F 39 14.95 20.49 7.92
C SER F 39 15.57 19.49 8.87
N GLN F 40 14.75 18.61 9.41
CA GLN F 40 15.25 17.56 10.27
C GLN F 40 15.76 16.45 9.40
N VAL F 41 17.00 16.02 9.65
CA VAL F 41 17.68 15.01 8.86
C VAL F 41 18.24 13.97 9.81
N ILE F 42 18.23 12.71 9.36
CA ILE F 42 18.93 11.61 10.02
C ILE F 42 20.05 11.15 9.10
N PHE F 43 21.29 11.30 9.56
CA PHE F 43 22.44 10.66 8.92
C PHE F 43 22.41 9.20 9.33
N ASN F 45 24.61 5.91 8.76
CA ASN F 45 25.87 5.35 8.23
C ASN F 45 25.73 3.89 7.89
N ARG F 46 25.27 3.60 6.67
CA ARG F 46 25.11 2.23 6.18
C ARG F 46 26.38 1.73 5.53
N SER F 47 27.52 1.96 6.14
CA SER F 47 28.81 1.59 5.56
C SER F 47 29.66 0.97 6.66
N PRO F 48 30.72 0.25 6.29
CA PRO F 48 31.66 -0.23 7.31
C PRO F 48 32.73 0.77 7.67
N ARG F 49 32.67 2.00 7.13
CA ARG F 49 33.64 3.07 7.37
C ARG F 49 33.15 4.03 8.47
N VAL F 50 34.11 4.73 9.08
CA VAL F 50 33.81 5.89 9.90
C VAL F 50 33.51 7.05 8.96
N VAL F 51 32.30 7.59 9.04
CA VAL F 51 31.85 8.63 8.10
C VAL F 51 32.13 10.00 8.70
N LEU F 52 32.85 10.82 7.96
CA LEU F 52 32.96 12.21 8.33
C LEU F 52 31.91 12.96 7.54
N PRO F 53 30.83 13.44 8.16
CA PRO F 53 29.90 14.30 7.43
C PRO F 53 30.50 15.67 7.21
N VAL F 54 30.38 16.18 5.99
CA VAL F 54 31.01 17.43 5.62
C VAL F 54 29.93 18.36 5.09
N TRP F 55 29.67 19.43 5.83
CA TRP F 55 28.74 20.47 5.40
C TRP F 55 29.48 21.53 4.60
N LEU F 56 28.86 21.99 3.52
CA LEU F 56 29.41 23.10 2.74
C LEU F 56 28.77 24.38 3.26
N ASN F 57 29.56 25.26 3.87
CA ASN F 57 29.00 26.45 4.49
C ASN F 57 28.52 27.42 3.41
N PHE F 58 28.12 28.61 3.88
CA PHE F 58 27.55 29.63 3.01
C PHE F 58 28.59 30.30 2.10
N ASP F 59 29.88 30.19 2.43
CA ASP F 59 30.95 30.64 1.53
C ASP F 59 31.55 29.54 0.67
N GLY F 60 31.03 28.31 0.73
CA GLY F 60 31.58 27.22 -0.04
C GLY F 60 32.65 26.40 0.64
N GLU F 61 33.07 26.74 1.84
CA GLU F 61 34.16 26.03 2.50
C GLU F 61 33.65 24.74 3.17
N PRO F 62 34.32 23.60 3.00
CA PRO F 62 33.85 22.38 3.70
C PRO F 62 34.08 22.47 5.21
N GLN F 63 33.03 22.23 5.96
CA GLN F 63 33.11 22.26 7.41
C GLN F 63 32.83 20.84 7.91
N PRO F 64 33.81 20.17 8.50
CA PRO F 64 33.57 18.81 8.97
C PRO F 64 32.69 18.81 10.20
N TYR F 65 31.89 17.75 10.33
CA TYR F 65 31.04 17.53 11.46
C TYR F 65 31.51 16.30 12.23
N PRO F 66 31.01 16.08 13.46
CA PRO F 66 31.49 14.94 14.24
C PRO F 66 31.25 13.63 13.51
N THR F 67 32.20 12.70 13.64
CA THR F 67 32.11 11.50 12.81
C THR F 67 31.03 10.55 13.31
N LEU F 68 30.56 9.71 12.38
CA LEU F 68 29.54 8.69 12.62
C LEU F 68 30.19 7.31 12.53
N PRO F 69 30.17 6.51 13.59
CA PRO F 69 30.74 5.15 13.53
C PRO F 69 29.92 4.27 12.60
N PRO F 70 30.50 3.18 12.11
CA PRO F 70 29.78 2.33 11.17
C PRO F 70 28.46 1.82 11.74
N GLY F 71 27.42 1.81 10.90
CA GLY F 71 26.15 1.22 11.29
C GLY F 71 25.37 2.00 12.31
N THR F 72 25.82 3.18 12.70
CA THR F 72 25.18 4.04 13.68
C THR F 72 24.47 5.21 13.00
N GLY F 73 23.67 5.91 13.80
CA GLY F 73 22.91 7.03 13.30
C GLY F 73 23.11 8.24 14.18
N ARG F 74 22.68 9.39 13.65
CA ARG F 74 22.68 10.64 14.40
C ARG F 74 21.65 11.56 13.77
N ARG F 75 20.75 12.09 14.60
CA ARG F 75 19.83 13.16 14.22
C ARG F 75 20.58 14.47 14.09
N ILE F 76 20.35 15.19 13.00
CA ILE F 76 20.98 16.49 12.81
C ILE F 76 19.92 17.51 12.42
N HIS F 77 20.11 18.75 12.89
CA HIS F 77 19.19 19.83 12.57
C HIS F 77 19.84 20.63 11.45
N SER F 78 19.33 20.46 10.23
CA SER F 78 19.88 21.24 9.13
C SER F 78 18.80 22.14 8.55
N TYR F 79 18.90 22.46 7.26
CA TYR F 79 18.06 23.48 6.64
C TYR F 79 17.85 23.12 5.19
N ARG F 80 16.71 23.52 4.65
CA ARG F 80 16.48 23.26 3.24
C ARG F 80 17.51 24.02 2.43
N GLY F 81 18.01 23.37 1.39
CA GLY F 81 19.02 23.98 0.54
C GLY F 81 20.44 23.86 1.03
N HIS F 82 20.67 23.24 2.18
CA HIS F 82 22.06 23.09 2.59
C HIS F 82 22.70 21.92 1.85
N LEU F 83 24.02 21.96 1.76
CA LEU F 83 24.78 20.99 0.97
C LEU F 83 25.63 20.18 1.93
N TRP F 84 25.46 18.86 1.89
CA TRP F 84 26.26 17.92 2.66
C TRP F 84 26.89 16.93 1.71
N LEU F 85 28.08 16.47 2.07
CA LEU F 85 28.70 15.28 1.47
C LEU F 85 29.37 14.49 2.58
N PHE F 86 29.75 13.24 2.25
CA PHE F 86 30.26 12.30 3.24
C PHE F 86 31.50 11.59 2.76
N ARG F 87 32.47 11.47 3.65
CA ARG F 87 33.77 10.93 3.36
C ARG F 87 34.12 9.92 4.43
N ASP F 88 34.91 8.91 4.06
CA ASP F 88 35.57 8.11 5.07
C ASP F 88 36.39 9.03 5.96
N ALA F 89 36.19 8.91 7.27
CA ALA F 89 36.85 9.85 8.18
C ALA F 89 38.36 9.65 8.19
N GLY F 90 38.82 8.45 7.86
CA GLY F 90 40.24 8.22 7.96
C GLY F 90 41.00 8.46 6.68
N THR F 91 40.43 8.01 5.57
CA THR F 91 41.08 8.05 4.28
C THR F 91 40.53 9.11 3.36
N HIS F 92 39.37 9.68 3.69
CA HIS F 92 38.67 10.61 2.82
C HIS F 92 38.22 9.94 1.53
N ASP F 93 38.20 8.61 1.48
CA ASP F 93 37.48 7.95 0.39
C ASP F 93 36.05 8.53 0.32
N GLY F 94 35.56 8.76 -0.89
CA GLY F 94 34.23 9.33 -1.02
C GLY F 94 33.15 8.28 -0.83
N LEU F 95 32.10 8.65 -0.11
CA LEU F 95 30.93 7.81 0.06
C LEU F 95 29.74 8.38 -0.71
N LEU F 96 28.67 7.61 -0.76
CA LEU F 96 27.41 8.08 -1.31
C LEU F 96 26.42 8.38 -0.21
N VAL F 97 25.56 9.34 -0.46
CA VAL F 97 24.43 9.61 0.41
C VAL F 97 23.20 9.58 -0.49
N ASN F 98 22.29 8.67 -0.19
CA ASN F 98 21.14 8.35 -1.05
C ASN F 98 21.58 8.16 -2.50
N GLN F 99 22.57 7.28 -2.67
CA GLN F 99 23.09 6.84 -3.97
C GLN F 99 23.63 7.98 -4.84
N THR F 100 24.06 9.09 -4.23
CA THR F 100 24.64 10.21 -4.96
C THR F 100 25.71 10.86 -4.09
N GLU F 101 26.37 11.89 -4.63
CA GLU F 101 27.51 12.50 -3.97
C GLU F 101 27.07 13.56 -2.97
N LEU F 102 26.09 14.37 -3.34
CA LEU F 102 25.70 15.50 -2.53
C LEU F 102 24.33 15.20 -1.91
N PHE F 103 24.11 15.74 -0.70
CA PHE F 103 22.86 15.61 0.04
C PHE F 103 22.26 16.99 0.29
N VAL F 104 21.03 17.20 -0.18
CA VAL F 104 20.37 18.47 0.07
C VAL F 104 19.13 18.16 0.92
N PRO F 105 19.14 18.52 2.22
CA PRO F 105 17.93 18.31 3.03
C PRO F 105 16.74 18.97 2.36
N SER F 106 15.65 18.22 2.29
CA SER F 106 14.43 18.67 1.64
C SER F 106 13.33 18.88 2.67
N LEU F 107 12.15 19.23 2.16
CA LEU F 107 11.00 19.46 2.99
C LEU F 107 10.59 18.21 3.77
N ASN F 108 10.43 18.37 5.08
CA ASN F 108 9.85 17.32 5.93
C ASN F 108 8.35 17.24 5.67
N VAL F 109 7.84 16.06 5.30
CA VAL F 109 6.40 15.90 5.02
C VAL F 109 5.75 15.09 6.12
N ASP F 110 4.64 15.61 6.65
CA ASP F 110 3.97 15.07 7.84
C ASP F 110 4.96 14.98 9.01
N GLY F 111 5.86 15.98 9.09
CA GLY F 111 6.86 16.06 10.14
C GLY F 111 7.91 14.97 10.14
N GLN F 112 7.97 14.13 9.10
CA GLN F 112 8.90 13.00 9.08
C GLN F 112 10.30 13.49 8.71
N PRO F 113 11.33 13.14 9.50
CA PRO F 113 12.69 13.56 9.15
C PRO F 113 13.17 12.92 7.86
N ILE F 114 14.16 13.52 7.28
CA ILE F 114 14.72 13.06 6.02
C ILE F 114 15.84 12.06 6.31
N PHE F 115 15.94 11.01 5.51
CA PHE F 115 16.99 10.02 5.70
C PHE F 115 18.13 10.26 4.73
N ALA F 116 19.33 10.47 5.27
CA ALA F 116 20.58 10.57 4.51
C ALA F 116 21.29 9.24 4.69
N ASN F 117 21.20 8.37 3.69
CA ASN F 117 21.72 7.02 3.79
C ASN F 117 23.14 7.00 3.23
N ILE F 118 24.12 7.02 4.11
CA ILE F 118 25.50 7.00 3.67
C ILE F 118 25.88 5.56 3.39
N THR F 119 26.22 5.23 2.14
CA THR F 119 26.66 3.88 1.80
C THR F 119 27.96 3.95 1.04
N LEU F 120 28.61 2.80 0.95
CA LEU F 120 29.80 2.70 0.12
C LEU F 120 29.42 2.88 -1.35
N PRO F 121 30.26 3.53 -2.13
CA PRO F 121 30.14 3.41 -3.58
C PRO F 121 30.57 2.03 -4.02
N VAL F 122 30.21 1.70 -5.26
CA VAL F 122 30.93 0.62 -5.93
C VAL F 122 32.18 1.25 -6.53
N TYR F 123 33.26 1.29 -5.75
CA TYR F 123 34.51 1.84 -6.24
C TYR F 123 34.99 1.08 -7.47
N THR F 124 35.77 1.74 -8.33
CA THR F 124 36.45 0.93 -9.33
C THR F 124 37.38 -0.03 -8.62
N LEU F 125 37.65 -1.17 -9.29
CA LEU F 125 38.64 -2.07 -8.74
C LEU F 125 39.97 -1.34 -8.57
N LYS F 126 40.28 -0.41 -9.46
CA LYS F 126 41.50 0.35 -9.30
C LYS F 126 41.47 1.16 -8.01
N GLU F 127 40.43 1.98 -7.81
CA GLU F 127 40.40 2.81 -6.60
C GLU F 127 40.46 1.95 -5.36
N ARG F 128 39.80 0.78 -5.39
CA ARG F 128 39.75 -0.08 -4.22
C ARG F 128 41.13 -0.63 -3.89
N CYS F 129 41.91 -0.99 -4.93
CA CYS F 129 43.31 -1.36 -4.75
C CYS F 129 44.15 -0.17 -4.24
N LEU F 130 43.96 1.00 -4.83
CA LEU F 130 44.65 2.17 -4.29
C LEU F 130 44.30 2.36 -2.82
N GLN F 131 43.03 2.11 -2.45
CA GLN F 131 42.62 2.18 -1.05
C GLN F 131 43.35 1.15 -0.19
N VAL F 132 43.37 -0.10 -0.63
CA VAL F 132 44.01 -1.15 0.16
C VAL F 132 45.51 -0.91 0.27
N VAL F 133 46.16 -0.55 -0.85
CA VAL F 133 47.60 -0.35 -0.80
C VAL F 133 47.94 0.90 0.02
N ARG F 134 47.22 2.01 -0.20
CA ARG F 134 47.44 3.20 0.61
C ARG F 134 47.41 2.89 2.10
N SER F 135 46.51 2.00 2.49
CA SER F 135 46.30 1.63 3.88
C SER F 135 47.35 0.67 4.44
N LEU F 136 48.21 0.07 3.58
CA LEU F 136 49.33 -0.77 3.99
C LEU F 136 50.68 -0.09 3.92
N VAL F 137 50.84 0.90 3.04
CA VAL F 137 52.14 1.50 2.77
C VAL F 137 52.12 2.93 3.30
N LYS F 138 53.08 3.25 4.16
CA LYS F 138 53.21 4.64 4.59
C LYS F 138 53.52 5.48 3.36
N PRO F 139 52.87 6.64 3.21
CA PRO F 139 53.01 7.40 1.94
C PRO F 139 54.45 7.78 1.63
N GLU F 140 55.29 7.92 2.67
CA GLU F 140 56.73 8.12 2.47
C GLU F 140 57.34 7.01 1.62
N ASN F 141 56.73 5.82 1.57
CA ASN F 141 57.29 4.68 0.86
C ASN F 141 56.49 4.30 -0.38
N TYR F 142 55.56 5.15 -0.84
CA TYR F 142 54.82 4.83 -2.05
C TYR F 142 55.77 4.62 -3.22
N ARG F 143 56.95 5.23 -3.20
CA ARG F 143 57.83 5.11 -4.35
C ARG F 143 58.71 3.86 -4.33
N ARG F 144 58.66 3.05 -3.26
CA ARG F 144 59.50 1.87 -3.12
C ARG F 144 58.83 0.55 -3.56
N LEU F 145 57.65 0.60 -4.19
CA LEU F 145 56.95 -0.59 -4.65
C LEU F 145 57.16 -0.79 -6.15
N ASP F 146 57.31 -2.05 -6.55
CA ASP F 146 57.66 -2.36 -7.93
C ASP F 146 56.41 -2.44 -8.79
N ILE F 147 55.98 -1.28 -9.27
CA ILE F 147 54.77 -1.12 -10.06
C ILE F 147 55.05 0.00 -11.08
N VAL F 148 54.19 0.09 -12.11
CA VAL F 148 54.42 1.08 -13.17
C VAL F 148 54.43 2.50 -12.59
N ARG F 149 55.13 3.42 -13.30
CA ARG F 149 55.33 4.78 -12.79
C ARG F 149 54.02 5.55 -12.61
N SER F 150 53.00 5.25 -13.42
CA SER F 150 51.73 5.94 -13.26
C SER F 150 51.07 5.59 -11.93
N LEU F 151 51.32 4.38 -11.40
CA LEU F 151 50.63 3.92 -10.20
C LEU F 151 51.14 4.60 -8.95
N TYR F 152 52.39 5.10 -8.95
CA TYR F 152 52.85 5.95 -7.86
C TYR F 152 52.06 7.26 -7.83
N GLU F 153 51.90 7.90 -9.00
CA GLU F 153 51.17 9.17 -9.01
C GLU F 153 49.71 8.98 -8.63
N ASP F 154 49.14 7.83 -9.00
CA ASP F 154 47.75 7.54 -8.67
C ASP F 154 47.56 7.36 -7.17
N LEU F 155 48.57 6.80 -6.49
CA LEU F 155 48.52 6.61 -5.04
C LEU F 155 48.65 7.94 -4.29
N GLU F 156 49.54 8.83 -4.72
CA GLU F 156 49.74 10.09 -4.02
C GLU F 156 48.61 11.09 -4.22
N ASP F 157 47.72 10.84 -5.20
CA ASP F 157 46.54 11.66 -5.40
C ASP F 157 45.45 11.14 -4.46
N HIS F 158 45.68 11.39 -3.18
CA HIS F 158 44.74 10.98 -2.14
C HIS F 158 43.37 11.60 -2.40
N PRO F 159 42.29 10.85 -2.17
CA PRO F 159 40.95 11.43 -2.22
C PRO F 159 40.89 12.63 -1.28
N ASN F 160 40.16 13.66 -1.70
CA ASN F 160 40.25 14.98 -1.10
C ASN F 160 39.00 15.78 -1.46
N VAL F 161 38.37 16.36 -0.43
CA VAL F 161 37.11 17.07 -0.62
C VAL F 161 37.28 18.25 -1.57
N GLN F 162 38.36 19.02 -1.44
CA GLN F 162 38.55 20.16 -2.33
C GLN F 162 38.56 19.69 -3.78
N LYS F 163 39.42 18.72 -4.11
CA LYS F 163 39.47 18.15 -5.46
C LYS F 163 38.08 17.77 -5.96
N ASP F 164 37.33 17.04 -5.15
CA ASP F 164 36.00 16.55 -5.50
C ASP F 164 35.03 17.71 -5.73
N LEU F 165 35.10 18.75 -4.89
CA LEU F 165 34.26 19.92 -5.08
C LEU F 165 34.55 20.61 -6.40
N GLU F 166 35.84 20.71 -6.78
CA GLU F 166 36.18 21.28 -8.07
C GLU F 166 35.63 20.42 -9.21
N ARG F 167 35.77 19.09 -9.10
CA ARG F 167 35.17 18.23 -10.11
C ARG F 167 33.66 18.47 -10.21
N LEU F 168 32.96 18.44 -9.08
CA LEU F 168 31.51 18.60 -9.08
C LEU F 168 31.10 20.01 -9.48
N THR F 169 31.90 21.02 -9.12
CA THR F 169 31.63 22.38 -9.58
C THR F 169 31.87 22.50 -11.08
N GLN F 170 32.95 21.90 -11.59
CA GLN F 170 33.17 21.86 -13.03
C GLN F 170 31.97 21.25 -13.75
N GLU F 171 31.50 20.10 -13.27
CA GLU F 171 30.44 19.34 -13.92
C GLU F 171 29.05 19.88 -13.53
N ARG F 172 28.88 21.18 -13.74
CA ARG F 172 27.56 21.82 -13.59
C ARG F 172 27.58 23.21 -14.23
N MET G 1 -8.44 -5.53 34.61
CA MET G 1 -7.51 -4.55 34.04
C MET G 1 -6.54 -5.25 33.04
N ASP G 2 -5.77 -4.46 32.30
CA ASP G 2 -4.76 -5.02 31.40
C ASP G 2 -3.50 -5.35 32.17
N VAL G 3 -2.82 -6.39 31.72
CA VAL G 3 -1.50 -6.73 32.24
C VAL G 3 -0.52 -6.61 31.10
N PHE G 4 0.69 -6.17 31.43
CA PHE G 4 1.72 -5.89 30.43
C PHE G 4 2.89 -6.82 30.71
N LEU G 5 3.27 -7.56 29.67
CA LEU G 5 4.15 -8.71 29.82
C LEU G 5 5.35 -8.55 28.91
N MET G 6 6.41 -9.24 29.29
CA MET G 6 7.53 -9.56 28.41
C MET G 6 7.59 -11.07 28.27
N ILE G 7 7.27 -11.57 27.08
CA ILE G 7 7.50 -12.97 26.79
C ILE G 7 8.94 -13.08 26.31
N ARG G 8 9.75 -13.82 27.05
CA ARG G 8 11.19 -13.83 26.84
C ARG G 8 11.68 -15.25 26.58
N ARG G 9 12.47 -15.43 25.53
CA ARG G 9 13.14 -16.71 25.27
C ARG G 9 14.51 -16.45 24.64
N HIS G 10 15.55 -16.98 25.27
CA HIS G 10 16.91 -16.81 24.78
C HIS G 10 17.29 -15.34 24.65
N LYS G 11 17.36 -14.84 23.42
CA LYS G 11 17.62 -13.43 23.18
C LYS G 11 16.43 -12.75 22.50
N THR G 12 15.23 -13.28 22.72
CA THR G 12 14.00 -12.73 22.17
C THR G 12 13.10 -12.27 23.30
N THR G 13 12.51 -11.09 23.14
CA THR G 13 11.58 -10.53 24.11
C THR G 13 10.40 -9.93 23.38
N ILE G 14 9.20 -10.44 23.66
CA ILE G 14 7.98 -9.92 23.08
C ILE G 14 7.36 -8.97 24.08
N PHE G 15 7.11 -7.75 23.65
CA PHE G 15 6.31 -6.83 24.44
C PHE G 15 4.89 -6.89 23.94
N THR G 16 3.98 -7.28 24.81
CA THR G 16 2.58 -7.27 24.48
C THR G 16 1.78 -7.08 25.76
N ASP G 17 0.48 -6.87 25.59
CA ASP G 17 -0.42 -6.77 26.71
C ASP G 17 -1.48 -7.86 26.56
N ALA G 18 -2.31 -7.98 27.59
CA ALA G 18 -3.39 -8.96 27.62
C ALA G 18 -4.31 -8.54 28.74
N LYS G 19 -5.58 -8.99 28.68
CA LYS G 19 -6.48 -8.73 29.79
C LYS G 19 -6.14 -9.70 30.90
N GLU G 20 -6.29 -9.23 32.14
CA GLU G 20 -6.02 -10.06 33.31
C GLU G 20 -6.79 -11.38 33.27
N SER G 21 -7.93 -11.42 32.59
CA SER G 21 -8.76 -12.61 32.46
C SER G 21 -8.40 -13.51 31.29
N SER G 22 -7.51 -13.06 30.39
CA SER G 22 -7.02 -13.92 29.30
C SER G 22 -6.38 -15.20 29.84
N THR G 23 -6.39 -16.24 29.02
CA THR G 23 -5.83 -17.50 29.46
C THR G 23 -4.45 -17.75 28.84
N VAL G 24 -3.67 -18.61 29.48
CA VAL G 24 -2.35 -19.00 29.00
C VAL G 24 -2.41 -19.43 27.54
N PHE G 25 -3.47 -20.17 27.16
CA PHE G 25 -3.62 -20.62 25.77
C PHE G 25 -3.83 -19.44 24.82
N GLU G 26 -4.71 -18.50 25.17
CA GLU G 26 -4.88 -17.31 24.33
C GLU G 26 -3.57 -16.56 24.17
N LEU G 27 -2.75 -16.54 25.23
CA LEU G 27 -1.43 -15.88 25.14
C LEU G 27 -0.47 -16.65 24.23
N LYS G 28 -0.46 -17.99 24.35
CA LYS G 28 0.32 -18.82 23.43
C LYS G 28 -0.10 -18.63 21.98
N ARG G 29 -1.39 -18.35 21.75
CA ARG G 29 -1.86 -18.05 20.41
C ARG G 29 -1.26 -16.74 19.91
N ILE G 30 -1.17 -15.73 20.79
CA ILE G 30 -0.55 -14.47 20.41
C ILE G 30 0.91 -14.68 20.05
N VAL G 31 1.65 -15.43 20.88
CA VAL G 31 3.04 -15.78 20.56
C VAL G 31 3.11 -16.51 19.23
N GLU G 32 2.11 -17.34 18.94
CA GLU G 32 2.04 -18.03 17.66
C GLU G 32 2.00 -17.03 16.51
N GLY G 33 1.15 -16.00 16.65
CA GLY G 33 1.06 -14.97 15.64
C GLY G 33 2.35 -14.22 15.41
N ILE G 34 3.27 -14.25 16.37
CA ILE G 34 4.50 -13.47 16.30
C ILE G 34 5.64 -14.36 15.86
N LEU G 35 5.91 -15.38 16.66
CA LEU G 35 7.05 -16.25 16.46
C LEU G 35 6.75 -17.40 15.53
N LYS G 36 5.51 -17.50 15.06
CA LYS G 36 5.10 -18.54 14.11
C LYS G 36 5.34 -19.95 14.69
N ARG G 37 4.77 -20.19 15.87
CA ARG G 37 4.88 -21.49 16.52
C ARG G 37 3.58 -21.84 17.24
N PRO G 38 3.04 -23.05 17.04
CA PRO G 38 1.70 -23.33 17.57
C PRO G 38 1.72 -23.48 19.09
N PRO G 39 0.59 -23.23 19.76
CA PRO G 39 0.53 -23.38 21.21
C PRO G 39 1.02 -24.72 21.77
N ASP G 40 0.81 -25.84 21.08
CA ASP G 40 1.29 -27.11 21.62
C ASP G 40 2.82 -27.18 21.67
N GLU G 41 3.51 -26.44 20.81
CA GLU G 41 4.97 -26.46 20.72
C GLU G 41 5.66 -25.44 21.62
N GLN G 42 4.94 -24.76 22.50
CA GLN G 42 5.54 -23.78 23.38
C GLN G 42 5.13 -24.04 24.82
N ARG G 43 5.98 -23.61 25.74
CA ARG G 43 5.69 -23.67 27.17
C ARG G 43 5.92 -22.28 27.77
N LEU G 44 4.94 -21.80 28.53
CA LEU G 44 5.06 -20.52 29.22
C LEU G 44 5.30 -20.75 30.71
N TYR G 45 6.17 -19.92 31.29
CA TYR G 45 6.58 -20.06 32.68
C TYR G 45 6.39 -18.72 33.39
N LYS G 46 5.90 -18.77 34.64
CA LYS G 46 5.97 -17.63 35.55
C LYS G 46 7.10 -17.91 36.53
N ASP G 47 8.18 -17.15 36.40
CA ASP G 47 9.46 -17.54 36.98
C ASP G 47 9.72 -18.98 36.52
N ASP G 48 9.73 -19.95 37.42
CA ASP G 48 9.98 -21.33 37.01
C ASP G 48 8.72 -22.19 36.98
N GLN G 49 7.55 -21.61 37.25
CA GLN G 49 6.33 -22.40 37.28
C GLN G 49 5.78 -22.53 35.86
N LEU G 50 5.64 -23.77 35.37
CA LEU G 50 5.04 -23.97 34.06
C LEU G 50 3.55 -23.67 34.12
N LEU G 51 3.07 -22.88 33.16
CA LEU G 51 1.71 -22.35 33.16
C LEU G 51 0.77 -23.23 32.34
N ASP G 52 -0.46 -23.36 32.80
CA ASP G 52 -1.44 -24.29 32.24
C ASP G 52 -2.39 -23.55 31.29
N ASP G 53 -2.60 -24.15 30.10
CA ASP G 53 -3.33 -23.48 29.03
C ASP G 53 -4.65 -22.87 29.51
N GLY G 54 -5.42 -23.61 30.29
CA GLY G 54 -6.74 -23.17 30.64
C GLY G 54 -6.83 -22.16 31.78
N LYS G 55 -5.72 -21.82 32.41
CA LYS G 55 -5.71 -20.89 33.54
C LYS G 55 -5.54 -19.45 33.07
N THR G 56 -6.22 -18.52 33.76
CA THR G 56 -6.12 -17.10 33.43
C THR G 56 -4.81 -16.50 33.94
N LEU G 57 -4.40 -15.40 33.29
CA LEU G 57 -3.18 -14.71 33.71
C LEU G 57 -3.32 -14.13 35.11
N GLY G 58 -4.52 -13.70 35.50
CA GLY G 58 -4.70 -13.16 36.84
C GLY G 58 -4.39 -14.18 37.91
N GLU G 59 -4.97 -15.38 37.78
CA GLU G 59 -4.69 -16.50 38.68
C GLU G 59 -3.23 -16.84 38.69
N GLY G 61 -0.86 -14.80 38.66
CA GLY G 61 -0.14 -13.81 39.42
C GLY G 61 0.16 -12.57 38.63
N PHE G 62 -0.19 -12.57 37.34
CA PHE G 62 -0.01 -11.39 36.48
C PHE G 62 -1.21 -10.47 36.68
N THR G 63 -0.99 -9.34 37.36
CA THR G 63 -2.03 -8.41 37.71
C THR G 63 -1.66 -6.99 37.29
N SER G 64 -2.69 -6.14 37.15
CA SER G 64 -2.45 -4.76 36.74
C SER G 64 -1.44 -4.09 37.66
N GLN G 65 -1.31 -4.59 38.87
CA GLN G 65 -0.44 -4.06 39.90
C GLN G 65 0.98 -4.54 39.75
N THR G 66 1.17 -5.70 39.12
CA THR G 66 2.46 -6.31 38.98
C THR G 66 2.92 -6.45 37.55
N ALA G 67 2.05 -6.27 36.56
CA ALA G 67 2.43 -6.33 35.15
C ALA G 67 2.22 -4.94 34.58
N ARG G 68 3.09 -4.00 34.99
CA ARG G 68 2.79 -2.62 34.64
C ARG G 68 3.40 -2.22 33.30
N PRO G 69 2.80 -1.23 32.63
CA PRO G 69 3.38 -0.80 31.35
C PRO G 69 4.83 -0.38 31.48
N GLN G 70 5.15 0.44 32.46
CA GLN G 70 6.53 0.88 32.65
C GLN G 70 7.40 -0.17 33.34
N ALA G 71 6.81 -1.29 33.73
CA ALA G 71 7.56 -2.39 34.37
C ALA G 71 6.79 -3.69 34.13
N PRO G 72 6.90 -4.26 32.92
CA PRO G 72 6.13 -5.45 32.58
C PRO G 72 6.63 -6.71 33.28
N ALA G 73 5.71 -7.64 33.49
CA ALA G 73 6.04 -8.92 34.09
C ALA G 73 6.61 -9.89 33.05
N THR G 74 7.54 -10.72 33.49
CA THR G 74 8.20 -11.63 32.56
C THR G 74 7.48 -12.97 32.54
N VAL G 75 7.21 -13.44 31.33
CA VAL G 75 6.69 -14.76 31.05
C VAL G 75 7.75 -15.54 30.29
N GLY G 76 8.24 -16.63 30.89
CA GLY G 76 9.21 -17.45 30.21
C GLY G 76 8.62 -18.15 28.99
N LEU G 77 9.47 -18.37 28.00
CA LEU G 77 9.07 -19.08 26.79
C LEU G 77 10.07 -20.17 26.47
N ALA G 78 9.57 -21.38 26.20
CA ALA G 78 10.38 -22.49 25.75
C ALA G 78 9.71 -23.12 24.55
N PHE G 79 10.50 -23.54 23.57
CA PHE G 79 9.97 -24.13 22.35
C PHE G 79 10.23 -25.64 22.31
N ARG G 80 9.31 -26.34 21.63
CA ARG G 80 9.49 -27.73 21.24
C ARG G 80 10.23 -27.77 19.92
N ALA G 81 11.44 -28.33 19.93
CA ALA G 81 12.21 -28.57 18.72
C ALA G 81 12.45 -30.06 18.60
N ASP G 82 12.08 -30.64 17.46
CA ASP G 82 12.12 -32.10 17.20
C ASP G 82 11.20 -32.76 18.23
N ASP G 83 11.61 -33.85 18.87
CA ASP G 83 10.73 -34.54 19.82
C ASP G 83 10.44 -33.68 21.04
N THR G 84 11.50 -33.25 21.73
CA THR G 84 11.41 -32.72 23.09
C THR G 84 11.49 -31.20 23.16
N PHE G 85 10.92 -30.66 24.24
CA PHE G 85 10.91 -29.23 24.51
C PHE G 85 12.29 -28.82 25.01
N GLU G 86 12.74 -27.63 24.60
CA GLU G 86 13.95 -27.05 25.16
C GLU G 86 13.70 -26.52 26.57
N ALA G 87 14.79 -26.31 27.30
CA ALA G 87 14.69 -25.76 28.65
C ALA G 87 14.46 -24.25 28.61
N LEU G 88 13.83 -23.76 29.66
CA LEU G 88 13.55 -22.33 29.82
C LEU G 88 14.87 -21.56 29.94
N ILE G 90 16.51 -17.78 29.42
CA ILE G 90 16.33 -16.36 29.15
C ILE G 90 17.69 -15.64 29.33
N GLU G 91 18.30 -15.18 28.22
CA GLU G 91 19.60 -14.50 28.33
C GLU G 91 19.37 -13.18 29.04
N PRO G 92 20.16 -12.86 30.07
CA PRO G 92 19.96 -11.57 30.74
C PRO G 92 20.28 -10.45 29.77
N PHE G 93 19.76 -9.27 30.08
CA PHE G 93 20.17 -8.13 29.31
C PHE G 93 21.60 -7.75 29.68
N SER G 94 22.20 -6.88 28.87
CA SER G 94 23.56 -6.51 29.18
C SER G 94 23.63 -5.81 30.52
N SER G 95 24.78 -5.74 31.04
CA SER G 95 24.94 -5.16 32.36
C SER G 95 25.16 -3.67 32.20
N PRO G 96 24.46 -2.83 32.95
CA PRO G 96 24.77 -1.41 32.90
C PRO G 96 26.20 -1.17 33.33
N PRO G 97 26.82 -0.11 32.82
CA PRO G 97 28.23 0.15 33.15
C PRO G 97 28.45 0.55 34.58
N GLU G 98 29.72 0.77 34.94
CA GLU G 98 29.98 1.30 36.26
C GLU G 98 29.31 2.66 36.37
N LEU G 99 28.69 2.90 37.50
CA LEU G 99 28.07 4.19 37.71
C LEU G 99 29.18 5.24 37.77
N PRO G 100 29.11 6.31 36.98
CA PRO G 100 30.10 7.37 37.12
C PRO G 100 30.09 7.90 38.55
N ASP G 101 31.24 8.42 38.98
CA ASP G 101 31.34 8.96 40.33
C ASP G 101 30.34 10.09 40.55
N VAL G 102 30.13 10.90 39.52
CA VAL G 102 29.24 12.06 39.56
C VAL G 102 27.79 11.70 39.88
N MET G 103 27.46 10.42 39.99
CA MET G 103 26.10 9.98 40.25
C MET G 103 26.05 9.12 41.52
N MET H 3 2.70 -5.82 11.85
CA MET H 3 1.91 -5.63 13.07
C MET H 3 2.80 -5.55 14.30
N TYR H 4 3.85 -6.34 14.29
CA TYR H 4 4.94 -6.24 15.25
C TYR H 4 6.22 -5.98 14.47
N VAL H 5 7.12 -5.23 15.08
CA VAL H 5 8.43 -4.99 14.51
C VAL H 5 9.49 -5.50 15.47
N LYS H 6 10.66 -5.76 14.93
CA LYS H 6 11.75 -6.31 15.72
C LYS H 6 12.83 -5.24 15.82
N LEU H 7 13.17 -4.85 17.04
CA LEU H 7 14.24 -3.88 17.30
C LEU H 7 15.38 -4.64 17.95
N ILE H 8 16.52 -4.69 17.30
CA ILE H 8 17.63 -5.51 17.77
C ILE H 8 18.64 -4.61 18.48
N SER H 9 19.04 -5.00 19.68
CA SER H 9 20.02 -4.23 20.42
C SER H 9 21.42 -4.60 19.96
N SER H 10 22.40 -3.78 20.33
CA SER H 10 23.74 -3.97 19.81
C SER H 10 24.34 -5.31 20.25
N ASP H 11 23.97 -5.80 21.44
CA ASP H 11 24.45 -7.10 21.91
C ASP H 11 23.54 -8.23 21.46
N GLY H 12 22.74 -8.02 20.42
CA GLY H 12 22.00 -9.07 19.77
C GLY H 12 20.62 -9.39 20.31
N HIS H 13 20.15 -8.70 21.34
CA HIS H 13 18.81 -8.99 21.84
C HIS H 13 17.75 -8.47 20.87
N GLU H 14 16.75 -9.32 20.60
CA GLU H 14 15.64 -8.97 19.72
C GLU H 14 14.43 -8.61 20.57
N PHE H 15 13.91 -7.39 20.38
CA PHE H 15 12.75 -6.88 21.10
C PHE H 15 11.61 -6.75 20.10
N ILE H 16 10.56 -7.54 20.28
CA ILE H 16 9.48 -7.59 19.33
C ILE H 16 8.30 -6.82 19.94
N VAL H 17 8.00 -5.67 19.35
CA VAL H 17 7.05 -4.69 19.90
C VAL H 17 6.00 -4.36 18.85
N LYS H 18 4.86 -3.86 19.32
CA LYS H 18 3.78 -3.53 18.40
C LYS H 18 4.20 -2.37 17.51
N ARG H 19 3.72 -2.41 16.25
CA ARG H 19 4.07 -1.37 15.29
C ARG H 19 3.55 -0.01 15.74
N GLU H 20 2.28 0.04 16.16
CA GLU H 20 1.74 1.28 16.71
C GLU H 20 2.60 1.85 17.84
N HIS H 21 3.29 0.99 18.60
CA HIS H 21 4.12 1.44 19.71
C HIS H 21 5.51 1.88 19.26
N ALA H 22 6.06 1.28 18.22
CA ALA H 22 7.37 1.68 17.76
C ALA H 22 7.31 3.04 17.05
N LEU H 23 6.13 3.43 16.55
CA LEU H 23 5.97 4.71 15.86
C LEU H 23 6.06 5.95 16.78
N THR H 24 5.86 5.78 18.09
CA THR H 24 6.08 6.87 19.04
C THR H 24 7.52 7.37 19.00
N SER H 25 8.44 6.58 18.48
CA SER H 25 9.77 7.07 18.13
C SER H 25 9.71 7.65 16.73
N GLY H 26 10.06 8.94 16.60
CA GLY H 26 10.08 9.54 15.28
C GLY H 26 11.09 8.88 14.37
N THR H 27 12.26 8.56 14.92
CA THR H 27 13.32 7.89 14.18
C THR H 27 12.84 6.53 13.65
N ILE H 28 12.33 5.68 14.54
CA ILE H 28 11.85 4.37 14.14
C ILE H 28 10.66 4.48 13.20
N LYS H 29 9.79 5.48 13.39
CA LYS H 29 8.72 5.73 12.43
C LYS H 29 9.26 5.94 11.04
N ALA H 30 10.35 6.70 10.93
CA ALA H 30 10.87 7.03 9.61
C ALA H 30 11.49 5.81 8.93
N MET H 31 12.26 5.02 9.66
CA MET H 31 12.96 3.91 9.02
C MET H 31 12.04 2.73 8.70
N LEU H 32 10.73 2.86 8.93
CA LEU H 32 9.78 1.88 8.47
C LEU H 32 9.05 2.32 7.22
N SER H 33 8.78 3.62 7.09
CA SER H 33 8.23 4.22 5.88
C SER H 33 9.32 4.74 4.94
N GLY H 34 10.40 4.00 4.75
CA GLY H 34 11.48 4.44 3.90
C GLY H 34 12.85 3.94 4.29
N THR H 43 10.70 -0.98 6.34
CA THR H 43 10.97 -2.36 6.71
C THR H 43 10.06 -2.82 7.85
N ASN H 44 10.38 -3.99 8.43
CA ASN H 44 9.77 -4.45 9.67
C ASN H 44 10.79 -4.83 10.74
N GLU H 45 12.08 -4.70 10.44
CA GLU H 45 13.16 -4.99 11.36
C GLU H 45 14.11 -3.80 11.40
N VAL H 46 14.73 -3.57 12.55
CA VAL H 46 15.62 -2.44 12.77
C VAL H 46 16.77 -2.87 13.68
N ASN H 47 17.99 -2.49 13.31
CA ASN H 47 19.20 -2.92 14.00
C ASN H 47 19.87 -1.69 14.61
N PHE H 48 20.04 -1.69 15.92
CA PHE H 48 20.62 -0.54 16.61
C PHE H 48 22.03 -0.95 17.03
N ARG H 49 23.01 -0.42 16.32
CA ARG H 49 24.40 -0.74 16.62
C ARG H 49 24.88 0.00 17.86
N GLU H 50 24.12 1.00 18.30
CA GLU H 50 24.53 1.94 19.34
C GLU H 50 23.95 1.61 20.72
N ILE H 51 22.73 1.05 20.74
CA ILE H 51 21.93 0.94 21.96
C ILE H 51 22.04 -0.49 22.48
N PRO H 52 22.59 -0.71 23.67
CA PRO H 52 22.63 -2.07 24.26
C PRO H 52 21.27 -2.57 24.73
N SER H 53 21.19 -3.83 25.18
CA SER H 53 19.89 -4.40 25.48
C SER H 53 19.28 -3.78 26.74
N HIS H 54 20.10 -3.48 27.75
CA HIS H 54 19.58 -2.85 28.95
C HIS H 54 19.06 -1.43 28.72
N VAL H 55 19.37 -0.81 27.59
CA VAL H 55 18.79 0.49 27.23
C VAL H 55 17.62 0.34 26.27
N LEU H 56 17.71 -0.57 25.31
CA LEU H 56 16.61 -0.71 24.37
C LEU H 56 15.38 -1.31 25.03
N SER H 57 15.58 -2.20 26.01
CA SER H 57 14.48 -2.77 26.77
C SER H 57 13.71 -1.72 27.56
N LYS H 58 14.43 -0.76 28.14
CA LYS H 58 13.75 0.31 28.84
C LYS H 58 13.02 1.22 27.85
N VAL H 59 13.65 1.49 26.69
CA VAL H 59 12.98 2.20 25.60
C VAL H 59 11.65 1.53 25.24
N CYS H 60 11.66 0.19 25.09
CA CYS H 60 10.44 -0.53 24.75
C CYS H 60 9.36 -0.34 25.80
N MET H 61 9.76 -0.40 27.08
CA MET H 61 8.78 -0.16 28.14
C MET H 61 8.23 1.26 28.05
N TYR H 62 9.09 2.23 27.72
CA TYR H 62 8.60 3.60 27.55
C TYR H 62 7.47 3.64 26.52
N PHE H 63 7.66 2.98 25.38
CA PHE H 63 6.64 2.94 24.34
C PHE H 63 5.29 2.45 24.91
N THR H 64 5.30 1.38 25.70
CA THR H 64 4.07 0.81 26.23
C THR H 64 3.42 1.80 27.20
N TYR H 65 4.25 2.48 27.99
CA TYR H 65 3.79 3.51 28.93
C TYR H 65 3.26 4.74 28.19
N LYS H 66 3.96 5.18 27.14
CA LYS H 66 3.53 6.36 26.39
C LYS H 66 2.18 6.10 25.72
N VAL H 67 2.06 4.96 25.04
CA VAL H 67 0.82 4.61 24.33
C VAL H 67 -0.33 4.43 25.30
N ARG H 68 -0.09 3.77 26.45
CA ARG H 68 -1.18 3.54 27.39
C ARG H 68 -1.68 4.83 28.02
N TYR H 69 -0.78 5.75 28.36
CA TYR H 69 -1.14 6.87 29.22
C TYR H 69 -1.38 8.20 28.49
N THR H 70 -1.15 8.28 27.18
CA THR H 70 -1.56 9.49 26.48
C THR H 70 -3.07 9.69 26.55
N ASN H 71 -3.84 8.60 26.62
CA ASN H 71 -5.27 8.71 26.85
C ASN H 71 -5.56 9.40 28.19
N SER H 72 -4.75 9.09 29.20
CA SER H 72 -4.74 9.81 30.49
C SER H 72 -6.07 9.79 31.21
N SER H 73 -6.79 8.66 31.16
CA SER H 73 -7.97 8.56 32.01
C SER H 73 -7.55 8.16 33.43
N THR H 74 -6.75 7.10 33.53
CA THR H 74 -6.19 6.68 34.81
C THR H 74 -5.09 7.65 35.25
N GLU H 75 -4.96 7.85 36.55
CA GLU H 75 -3.82 8.59 37.10
C GLU H 75 -2.51 8.06 36.54
N ILE H 76 -1.66 8.98 36.08
CA ILE H 76 -0.42 8.63 35.39
C ILE H 76 0.71 8.39 36.39
N PRO H 77 1.37 7.24 36.35
CA PRO H 77 2.51 6.99 37.24
C PRO H 77 3.83 7.50 36.67
N GLU H 78 4.83 7.56 37.53
CA GLU H 78 6.17 7.93 37.11
C GLU H 78 6.74 6.89 36.16
N PHE H 79 7.54 7.34 35.19
CA PHE H 79 8.32 6.39 34.40
C PHE H 79 9.64 6.16 35.12
N PRO H 80 9.88 4.99 35.68
CA PRO H 80 11.11 4.75 36.46
C PRO H 80 12.33 4.47 35.59
N ILE H 81 13.44 5.11 35.94
CA ILE H 81 14.71 5.01 35.22
C ILE H 81 15.79 4.85 36.29
N ALA H 82 16.41 3.68 36.35
CA ALA H 82 17.47 3.44 37.32
C ALA H 82 18.71 4.26 36.98
N PRO H 83 19.37 4.85 37.97
CA PRO H 83 20.53 5.70 37.67
C PRO H 83 21.57 5.06 36.77
N GLU H 84 21.83 3.75 36.94
CA GLU H 84 22.90 3.14 36.20
C GLU H 84 22.67 3.20 34.69
N ILE H 85 21.42 3.34 34.25
CA ILE H 85 21.12 3.35 32.82
C ILE H 85 20.65 4.70 32.32
N ALA H 86 20.52 5.72 33.18
CA ALA H 86 19.98 6.99 32.71
C ALA H 86 20.83 7.57 31.59
N LEU H 87 22.16 7.49 31.75
CA LEU H 87 23.07 8.20 30.84
C LEU H 87 22.88 7.73 29.41
N GLU H 88 22.75 6.43 29.21
CA GLU H 88 22.63 5.91 27.85
C GLU H 88 21.21 6.00 27.35
N LEU H 89 20.25 5.74 28.23
CA LEU H 89 18.85 5.97 27.89
C LEU H 89 18.62 7.42 27.44
N LEU H 90 19.35 8.38 28.02
CA LEU H 90 19.31 9.75 27.51
C LEU H 90 19.79 9.82 26.06
N MET H 91 21.01 9.33 25.78
CA MET H 91 21.55 9.36 24.42
C MET H 91 20.72 8.54 23.45
N ALA H 92 20.16 7.42 23.90
CA ALA H 92 19.29 6.65 23.01
C ALA H 92 17.96 7.37 22.79
N ALA H 93 17.37 7.93 23.86
CA ALA H 93 16.15 8.70 23.72
C ALA H 93 16.37 9.88 22.80
N ASN H 94 17.55 10.51 22.92
CA ASN H 94 17.92 11.60 22.05
C ASN H 94 17.94 11.18 20.60
N PHE H 95 18.59 10.05 20.29
CA PHE H 95 18.63 9.61 18.90
C PHE H 95 17.28 9.12 18.42
N LEU H 96 16.46 8.55 19.30
CA LEU H 96 15.21 7.99 18.84
C LEU H 96 14.12 9.04 18.70
N ASP H 97 14.31 10.20 19.30
CA ASP H 97 13.32 11.27 19.29
C ASP H 97 12.00 10.80 19.89
N CYS H 98 12.11 10.29 21.12
CA CYS H 98 10.95 10.00 21.95
C CYS H 98 11.06 10.62 23.36
N VAL I 29 1.66 40.43 30.30
CA VAL I 29 1.16 39.61 29.19
C VAL I 29 0.30 38.45 29.70
N LEU I 30 0.96 37.42 30.25
CA LEU I 30 0.31 36.30 30.95
C LEU I 30 0.17 36.68 32.42
N ARG I 31 -0.97 37.25 32.80
CA ARG I 31 -1.20 37.68 34.17
C ARG I 31 -2.58 37.23 34.64
N SER I 32 -2.77 37.25 35.96
CA SER I 32 -4.10 37.10 36.54
C SER I 32 -4.93 38.35 36.32
N VAL I 33 -6.21 38.14 35.96
CA VAL I 33 -7.17 39.23 35.86
C VAL I 33 -7.57 39.68 37.27
N ASN I 34 -7.55 40.98 37.51
CA ASN I 34 -7.84 41.49 38.85
C ASN I 34 -9.35 41.65 39.04
N SER I 35 -10.04 40.50 39.02
CA SER I 35 -11.50 40.50 39.06
C SER I 35 -12.04 40.85 40.44
N ARG I 36 -11.25 40.60 41.51
CA ARG I 36 -11.72 40.75 42.89
C ARG I 36 -13.03 39.97 43.10
N GLU I 37 -13.18 38.89 42.34
CA GLU I 37 -14.37 38.04 42.31
C GLU I 37 -14.05 36.62 42.78
N PRO I 38 -14.37 36.27 44.03
CA PRO I 38 -13.85 35.01 44.61
C PRO I 38 -14.28 33.73 43.90
N SER I 39 -13.37 32.76 43.90
CA SER I 39 -13.63 31.43 43.36
C SER I 39 -13.04 30.40 44.30
N GLN I 40 -13.90 29.53 44.85
CA GLN I 40 -13.43 28.48 45.74
C GLN I 40 -12.89 27.31 44.91
N VAL I 41 -11.63 26.93 45.18
CA VAL I 41 -10.88 25.98 44.38
C VAL I 41 -10.26 24.91 45.27
N ILE I 42 -10.20 23.67 44.76
CA ILE I 42 -9.47 22.55 45.39
C ILE I 42 -8.29 22.20 44.51
N PHE I 43 -7.07 22.36 45.03
CA PHE I 43 -5.87 21.76 44.40
C PHE I 43 -5.83 20.27 44.74
N ASN I 45 -3.44 17.26 44.13
CA ASN I 45 -2.18 16.71 43.65
C ASN I 45 -2.26 15.21 43.36
N ARG I 46 -2.71 14.87 42.14
CA ARG I 46 -2.74 13.50 41.63
C ARG I 46 -1.44 13.14 40.93
N SER I 47 -0.30 13.42 41.55
CA SER I 47 1.01 13.13 40.98
C SER I 47 1.90 12.54 42.07
N PRO I 48 3.00 11.89 41.70
CA PRO I 48 3.95 11.40 42.71
C PRO I 48 4.95 12.45 43.17
N ARG I 49 4.81 13.68 42.70
CA ARG I 49 5.72 14.76 43.02
C ARG I 49 5.12 15.64 44.11
N VAL I 50 6.01 16.37 44.79
CA VAL I 50 5.59 17.49 45.60
C VAL I 50 5.28 18.65 44.67
N VAL I 51 4.04 19.13 44.70
CA VAL I 51 3.59 20.17 43.77
C VAL I 51 3.71 21.55 44.39
N LEU I 52 4.37 22.45 43.66
CA LEU I 52 4.39 23.86 43.99
C LEU I 52 3.31 24.55 43.18
N PRO I 53 2.24 25.04 43.78
CA PRO I 53 1.30 25.89 43.03
C PRO I 53 1.93 27.24 42.75
N VAL I 54 1.79 27.74 41.53
CA VAL I 54 2.39 29.02 41.17
C VAL I 54 1.29 29.92 40.62
N TRP I 55 1.00 30.99 41.35
CA TRP I 55 0.06 32.01 40.92
C TRP I 55 0.82 33.07 40.13
N LEU I 56 0.21 33.55 39.06
CA LEU I 56 0.80 34.66 38.32
C LEU I 56 0.16 35.94 38.87
N ASN I 57 0.96 36.82 39.48
CA ASN I 57 0.34 38.02 40.05
C ASN I 57 -0.14 38.94 38.93
N PHE I 58 -0.63 40.12 39.33
CA PHE I 58 -1.23 41.05 38.37
C PHE I 58 -0.22 41.74 37.47
N ASP I 59 1.06 41.73 37.86
CA ASP I 59 2.15 42.19 37.00
C ASP I 59 2.78 41.04 36.22
N GLY I 60 2.22 39.83 36.30
CA GLY I 60 2.78 38.73 35.57
C GLY I 60 3.85 37.93 36.28
N GLU I 61 4.23 38.30 37.49
CA GLU I 61 5.31 37.57 38.16
C GLU I 61 4.78 36.28 38.81
N PRO I 62 5.50 35.17 38.65
CA PRO I 62 5.10 33.94 39.33
C PRO I 62 5.23 34.08 40.85
N GLN I 63 4.18 33.71 41.55
CA GLN I 63 4.22 33.71 43.02
C GLN I 63 4.02 32.30 43.52
N PRO I 64 5.01 31.72 44.16
CA PRO I 64 4.86 30.35 44.67
C PRO I 64 3.98 30.31 45.91
N TYR I 65 3.18 29.28 46.02
CA TYR I 65 2.30 29.05 47.16
C TYR I 65 2.78 27.80 47.89
N PRO I 66 2.28 27.55 49.09
CA PRO I 66 2.79 26.40 49.85
C PRO I 66 2.61 25.09 49.08
N THR I 67 3.61 24.23 49.21
CA THR I 67 3.65 23.02 48.39
C THR I 67 2.65 21.98 48.90
N LEU I 68 2.26 21.10 47.99
CA LEU I 68 1.33 20.01 48.25
C LEU I 68 2.07 18.68 48.16
N PRO I 69 2.09 17.88 49.22
CA PRO I 69 2.70 16.56 49.11
C PRO I 69 1.88 15.69 48.18
N PRO I 70 2.49 14.64 47.63
CA PRO I 70 1.79 13.79 46.65
C PRO I 70 0.53 13.15 47.23
N GLY I 71 -0.52 13.11 46.39
CA GLY I 71 -1.76 12.50 46.83
C GLY I 71 -2.59 13.29 47.81
N THR I 72 -2.19 14.52 48.13
CA THR I 72 -2.95 15.37 49.04
C THR I 72 -3.69 16.47 48.27
N GLY I 73 -4.62 17.12 48.96
CA GLY I 73 -5.42 18.16 48.37
C GLY I 73 -5.49 19.35 49.31
N ARG I 74 -5.93 20.48 48.77
CA ARG I 74 -6.07 21.67 49.59
C ARG I 74 -7.10 22.61 49.00
N ARG I 75 -8.05 23.05 49.85
CA ARG I 75 -8.94 24.14 49.46
C ARG I 75 -8.14 25.44 49.45
N ILE I 76 -8.23 26.17 48.37
CA ILE I 76 -7.51 27.43 48.30
C ILE I 76 -8.53 28.47 47.88
N HIS I 77 -8.32 29.70 48.35
CA HIS I 77 -9.20 30.82 48.02
C HIS I 77 -8.54 31.64 46.93
N SER I 78 -9.05 31.52 45.71
CA SER I 78 -8.60 32.30 44.57
C SER I 78 -9.75 33.16 44.06
N TYR I 79 -9.69 33.55 42.78
CA TYR I 79 -10.54 34.58 42.21
C TYR I 79 -10.77 34.24 40.75
N ARG I 80 -11.91 34.65 40.20
CA ARG I 80 -12.16 34.44 38.77
C ARG I 80 -11.13 35.15 37.90
N GLY I 81 -10.68 34.46 36.87
CA GLY I 81 -9.71 35.04 35.97
C GLY I 81 -8.27 34.95 36.40
N HIS I 82 -7.98 34.34 37.56
CA HIS I 82 -6.60 34.24 38.00
C HIS I 82 -5.90 33.04 37.32
N LEU I 83 -4.58 33.11 37.25
CA LEU I 83 -3.84 32.12 36.50
C LEU I 83 -2.95 31.34 37.45
N TRP I 84 -3.04 30.03 37.39
CA TRP I 84 -2.21 29.14 38.18
C TRP I 84 -1.48 28.22 37.24
N LEU I 85 -0.26 27.86 37.62
CA LEU I 85 0.39 26.73 36.99
C LEU I 85 1.08 25.93 38.09
N PHE I 86 1.46 24.69 37.75
CA PHE I 86 1.92 23.77 38.78
C PHE I 86 3.24 23.13 38.36
N ARG I 87 4.16 23.09 39.30
CA ARG I 87 5.52 22.64 39.07
C ARG I 87 5.91 21.66 40.16
N ASP I 88 6.76 20.71 39.79
CA ASP I 88 7.45 19.92 40.79
C ASP I 88 8.22 20.87 41.70
N ALA I 89 7.97 20.79 43.01
CA ALA I 89 8.47 21.81 43.92
C ALA I 89 9.98 21.80 43.99
N GLY I 90 10.61 20.65 43.75
CA GLY I 90 12.05 20.58 43.85
C GLY I 90 12.83 20.84 42.57
N THR I 91 12.33 20.32 41.45
CA THR I 91 13.02 20.37 40.17
C THR I 91 12.41 21.32 39.16
N HIS I 92 11.26 21.89 39.46
CA HIS I 92 10.50 22.77 38.58
C HIS I 92 10.05 22.08 37.29
N ASP I 93 10.12 20.74 37.23
CA ASP I 93 9.44 20.02 36.15
C ASP I 93 8.00 20.49 36.07
N GLY I 94 7.50 20.69 34.85
CA GLY I 94 6.15 21.17 34.70
C GLY I 94 5.14 20.04 34.86
N LEU I 95 4.07 20.34 35.58
CA LEU I 95 2.97 19.41 35.75
C LEU I 95 1.79 19.90 34.92
N LEU I 96 0.77 19.07 34.80
CA LEU I 96 -0.46 19.45 34.15
C LEU I 96 -1.52 19.61 35.21
N VAL I 97 -2.45 20.52 34.94
CA VAL I 97 -3.60 20.75 35.78
C VAL I 97 -4.81 20.72 34.86
N ASN I 98 -5.75 19.80 35.15
CA ASN I 98 -6.89 19.53 34.28
C ASN I 98 -6.44 19.33 32.84
N GLN I 99 -5.41 18.53 32.66
CA GLN I 99 -4.85 18.16 31.37
C GLN I 99 -4.25 19.33 30.60
N THR I 100 -3.85 20.42 31.27
CA THR I 100 -3.31 21.57 30.56
C THR I 100 -2.25 22.26 31.41
N GLU I 101 -1.69 23.33 30.85
CA GLU I 101 -0.61 24.08 31.46
C GLU I 101 -1.16 25.09 32.45
N LEU I 102 -2.24 25.77 32.07
CA LEU I 102 -2.77 26.88 32.85
C LEU I 102 -4.09 26.48 33.49
N PHE I 103 -4.31 26.98 34.72
CA PHE I 103 -5.55 26.82 35.44
C PHE I 103 -6.11 28.20 35.73
N VAL I 104 -7.30 28.48 35.23
CA VAL I 104 -7.98 29.75 35.44
C VAL I 104 -9.26 29.48 36.20
N PRO I 105 -9.25 29.66 37.50
CA PRO I 105 -10.46 29.39 38.30
C PRO I 105 -11.65 30.15 37.70
N SER I 106 -12.76 29.45 37.62
CA SER I 106 -13.96 29.96 36.99
C SER I 106 -15.00 30.28 38.03
N LEU I 107 -16.18 30.65 37.56
CA LEU I 107 -17.29 30.94 38.42
C LEU I 107 -17.78 29.67 39.14
N ASN I 108 -17.92 29.75 40.47
CA ASN I 108 -18.51 28.65 41.24
C ASN I 108 -20.01 28.57 40.99
N VAL I 109 -20.50 27.38 40.65
CA VAL I 109 -21.94 27.15 40.47
C VAL I 109 -22.46 26.29 41.61
N ASP I 110 -23.54 26.76 42.26
CA ASP I 110 -24.09 26.15 43.46
C ASP I 110 -23.07 26.04 44.58
N GLY I 111 -22.16 27.01 44.68
CA GLY I 111 -21.18 26.90 45.73
C GLY I 111 -20.23 25.74 45.55
N GLN I 112 -20.24 25.08 44.39
CA GLN I 112 -19.38 23.91 44.15
C GLN I 112 -17.95 24.39 43.90
N PRO I 113 -16.96 23.86 44.61
CA PRO I 113 -15.58 24.28 44.38
C PRO I 113 -15.10 23.85 43.00
N ILE I 114 -14.10 24.57 42.50
CA ILE I 114 -13.52 24.21 41.21
C ILE I 114 -12.35 23.30 41.50
N PHE I 115 -12.18 22.26 40.72
CA PHE I 115 -11.16 21.26 40.98
C PHE I 115 -9.99 21.45 40.03
N ALA I 116 -8.79 21.61 40.59
CA ALA I 116 -7.56 21.66 39.82
C ALA I 116 -6.83 20.31 39.96
N ASN I 117 -6.91 19.46 38.95
CA ASN I 117 -6.33 18.12 39.06
C ASN I 117 -4.89 18.15 38.58
N ILE I 118 -3.94 18.19 39.51
CA ILE I 118 -2.54 18.23 39.11
C ILE I 118 -2.05 16.81 38.87
N THR I 119 -1.63 16.50 37.64
CA THR I 119 -1.09 15.18 37.30
C THR I 119 0.23 15.31 36.57
N LEU I 120 0.97 14.21 36.51
CA LEU I 120 2.16 14.14 35.71
C LEU I 120 1.82 14.20 34.23
N PRO I 121 2.59 14.92 33.44
CA PRO I 121 2.53 14.76 31.98
C PRO I 121 3.10 13.40 31.59
N VAL I 122 2.79 12.98 30.36
CA VAL I 122 3.57 11.89 29.82
C VAL I 122 4.82 12.53 29.27
N TYR I 123 5.84 12.64 30.11
CA TYR I 123 7.08 13.20 29.64
C TYR I 123 7.62 12.38 28.47
N THR I 124 8.29 13.04 27.55
CA THR I 124 9.07 12.31 26.57
C THR I 124 10.15 11.53 27.30
N LEU I 125 10.60 10.45 26.67
CA LEU I 125 11.69 9.68 27.25
C LEU I 125 12.91 10.54 27.46
N LYS I 126 13.17 11.47 26.53
CA LYS I 126 14.30 12.38 26.65
C LYS I 126 14.14 13.27 27.87
N GLU I 127 13.03 13.97 27.95
CA GLU I 127 12.81 14.87 29.08
C GLU I 127 12.88 14.10 30.39
N ARG I 128 12.35 12.88 30.41
CA ARG I 128 12.42 12.11 31.65
C ARG I 128 13.86 11.72 32.00
N CYS I 129 14.68 11.33 31.01
CA CYS I 129 16.08 11.04 31.30
C CYS I 129 16.81 12.27 31.80
N LEU I 130 16.56 13.43 31.19
CA LEU I 130 17.15 14.68 31.69
C LEU I 130 16.81 14.89 33.16
N GLN I 131 15.56 14.60 33.52
CA GLN I 131 15.15 14.72 34.93
C GLN I 131 15.98 13.83 35.82
N VAL I 132 16.06 12.54 35.50
CA VAL I 132 16.76 11.61 36.39
C VAL I 132 18.24 11.99 36.49
N VAL I 133 18.86 12.33 35.37
CA VAL I 133 20.28 12.67 35.34
C VAL I 133 20.54 13.93 36.15
N ARG I 134 19.71 14.97 35.94
CA ARG I 134 19.83 16.21 36.73
C ARG I 134 19.76 15.93 38.23
N SER I 135 18.89 15.01 38.64
CA SER I 135 18.68 14.72 40.05
C SER I 135 19.78 13.85 40.65
N LEU I 136 20.65 13.30 39.82
CA LEU I 136 21.80 12.50 40.23
C LEU I 136 23.11 13.25 40.16
N VAL I 137 23.21 14.24 39.27
CA VAL I 137 24.45 14.94 39.00
C VAL I 137 24.36 16.38 39.46
N LYS I 138 25.32 16.81 40.30
CA LYS I 138 25.43 18.21 40.70
C LYS I 138 25.70 19.09 39.49
N PRO I 139 25.07 20.27 39.37
CA PRO I 139 25.22 21.06 38.13
C PRO I 139 26.66 21.49 37.86
N GLU I 140 27.52 21.56 38.90
CA GLU I 140 28.94 21.79 38.67
C GLU I 140 29.55 20.74 37.75
N ASN I 141 29.02 19.51 37.81
CA ASN I 141 29.67 18.34 37.20
C ASN I 141 28.92 17.81 35.99
N TYR I 142 27.99 18.59 35.41
CA TYR I 142 27.34 18.16 34.17
C TYR I 142 28.34 17.93 33.06
N ARG I 143 29.45 18.69 33.05
CA ARG I 143 30.39 18.66 31.94
C ARG I 143 31.41 17.53 32.05
N ARG I 144 31.38 16.76 33.14
CA ARG I 144 32.24 15.59 33.30
C ARG I 144 31.54 14.30 32.87
N LEU I 145 30.36 14.39 32.24
CA LEU I 145 29.62 13.22 31.80
C LEU I 145 29.93 12.95 30.33
N ASP I 146 30.04 11.67 29.99
CA ASP I 146 30.46 11.26 28.66
C ASP I 146 29.24 11.24 27.75
N ILE I 147 28.90 12.43 27.26
CA ILE I 147 27.74 12.67 26.41
C ILE I 147 28.07 13.80 25.45
N VAL I 148 27.24 13.94 24.42
CA VAL I 148 27.43 15.00 23.43
C VAL I 148 27.32 16.38 24.09
N ARG I 149 27.96 17.36 23.46
CA ARG I 149 27.80 18.72 23.96
C ARG I 149 26.35 19.18 23.81
N SER I 150 25.66 18.63 22.81
CA SER I 150 24.25 18.97 22.60
C SER I 150 23.40 18.49 23.76
N LEU I 151 23.75 17.36 24.36
CA LEU I 151 22.99 16.87 25.51
C LEU I 151 23.41 17.56 26.82
N TYR I 152 24.67 17.99 26.94
CA TYR I 152 25.05 18.84 28.07
C TYR I 152 24.28 20.14 28.04
N GLU I 153 24.08 20.72 26.86
CA GLU I 153 23.29 21.94 26.80
C GLU I 153 21.87 21.68 27.24
N ASP I 154 21.34 20.48 26.93
CA ASP I 154 20.00 20.13 27.38
C ASP I 154 19.95 19.87 28.89
N LEU I 155 21.05 19.41 29.49
CA LEU I 155 21.06 19.20 30.93
C LEU I 155 21.05 20.52 31.69
N GLU I 156 21.82 21.51 31.21
CA GLU I 156 21.91 22.80 31.90
C GLU I 156 20.65 23.63 31.72
N ASP I 157 19.78 23.25 30.79
CA ASP I 157 18.51 23.93 30.56
C ASP I 157 17.42 23.37 31.49
N HIS I 158 17.58 23.67 32.78
CA HIS I 158 16.61 23.28 33.78
C HIS I 158 15.23 23.82 33.46
N PRO I 159 14.16 23.06 33.72
CA PRO I 159 12.82 23.62 33.59
C PRO I 159 12.71 24.85 34.46
N ASN I 160 11.93 25.82 33.98
CA ASN I 160 12.04 27.18 34.50
C ASN I 160 10.69 27.83 34.26
N VAL I 161 10.08 28.35 35.33
CA VAL I 161 8.74 28.90 35.22
C VAL I 161 8.73 30.09 34.28
N GLN I 162 9.72 30.99 34.43
CA GLN I 162 9.77 32.18 33.57
C GLN I 162 9.88 31.78 32.11
N LYS I 163 10.91 30.99 31.78
CA LYS I 163 11.11 30.48 30.42
C LYS I 163 9.83 29.88 29.87
N ASP I 164 9.19 29.03 30.66
CA ASP I 164 7.96 28.38 30.25
C ASP I 164 6.83 29.38 30.00
N LEU I 165 6.75 30.43 30.83
CA LEU I 165 5.79 31.51 30.61
C LEU I 165 6.04 32.22 29.28
N GLU I 166 7.32 32.38 28.91
CA GLU I 166 7.69 32.96 27.62
C GLU I 166 7.20 32.09 26.46
N ARG I 167 7.46 30.79 26.52
CA ARG I 167 7.01 29.88 25.46
C ARG I 167 5.51 29.99 25.22
N LEU I 168 4.73 29.98 26.31
CA LEU I 168 3.28 30.01 26.19
C LEU I 168 2.76 31.29 25.55
N THR I 169 3.46 32.41 25.77
CA THR I 169 3.07 33.68 25.13
C THR I 169 3.25 33.63 23.62
N GLN I 170 4.35 33.04 23.15
CA GLN I 170 4.55 32.89 21.71
C GLN I 170 3.35 32.22 21.06
N GLU I 171 2.91 31.10 21.62
CA GLU I 171 1.74 30.40 21.11
C GLU I 171 0.48 30.94 21.77
N MET J 1 -48.90 -7.11 7.45
CA MET J 1 -47.66 -6.37 7.55
C MET J 1 -46.64 -6.84 6.53
N ASP J 2 -45.71 -5.96 6.17
CA ASP J 2 -44.64 -6.31 5.27
C ASP J 2 -43.45 -6.79 6.06
N VAL J 3 -42.79 -7.81 5.55
CA VAL J 3 -41.50 -8.21 6.11
C VAL J 3 -40.46 -8.13 5.01
N PHE J 4 -39.27 -7.69 5.40
CA PHE J 4 -38.22 -7.34 4.47
C PHE J 4 -37.06 -8.29 4.66
N LEU J 5 -36.64 -8.93 3.57
CA LEU J 5 -35.80 -10.11 3.67
C LEU J 5 -34.58 -9.98 2.78
N MET J 6 -33.52 -10.69 3.19
CA MET J 6 -32.41 -11.04 2.32
C MET J 6 -32.36 -12.56 2.17
N ILE J 7 -32.68 -13.05 0.98
CA ILE J 7 -32.49 -14.45 0.68
C ILE J 7 -31.05 -14.62 0.20
N ARG J 8 -30.29 -15.43 0.92
CA ARG J 8 -28.85 -15.50 0.70
C ARG J 8 -28.48 -16.93 0.40
N ARG J 9 -27.74 -17.13 -0.69
CA ARG J 9 -27.19 -18.44 -0.99
C ARG J 9 -25.83 -18.23 -1.65
N HIS J 10 -24.82 -18.86 -1.09
CA HIS J 10 -23.45 -18.75 -1.59
C HIS J 10 -23.06 -17.28 -1.64
N LYS J 11 -22.95 -16.70 -2.84
CA LYS J 11 -22.65 -15.29 -2.99
C LYS J 11 -23.82 -14.53 -3.62
N THR J 12 -25.06 -14.99 -3.41
CA THR J 12 -26.24 -14.32 -3.92
C THR J 12 -27.15 -13.84 -2.78
N THR J 13 -27.66 -12.63 -2.94
CA THR J 13 -28.59 -12.04 -1.99
C THR J 13 -29.74 -11.39 -2.73
N ILE J 14 -30.95 -11.88 -2.49
CA ILE J 14 -32.14 -11.26 -3.02
C ILE J 14 -32.77 -10.37 -1.96
N PHE J 15 -32.91 -9.10 -2.28
CA PHE J 15 -33.72 -8.23 -1.44
C PHE J 15 -35.14 -8.29 -1.99
N THR J 16 -36.07 -8.73 -1.15
CA THR J 16 -37.46 -8.70 -1.55
C THR J 16 -38.27 -8.53 -0.30
N ASP J 17 -39.55 -8.23 -0.47
CA ASP J 17 -40.41 -8.17 0.68
C ASP J 17 -41.56 -9.15 0.46
N ALA J 18 -42.35 -9.30 1.50
CA ALA J 18 -43.42 -10.27 1.45
C ALA J 18 -44.32 -9.94 2.62
N LYS J 19 -45.53 -10.46 2.56
CA LYS J 19 -46.41 -10.27 3.69
C LYS J 19 -46.04 -11.23 4.81
N GLU J 20 -46.22 -10.76 6.03
CA GLU J 20 -46.06 -11.61 7.20
C GLU J 20 -46.91 -12.87 7.11
N SER J 21 -48.03 -12.82 6.39
CA SER J 21 -48.88 -13.99 6.20
C SER J 21 -48.53 -14.76 4.94
N SER J 22 -47.65 -14.21 4.08
CA SER J 22 -47.14 -14.93 2.93
C SER J 22 -46.58 -16.26 3.41
N THR J 23 -46.56 -17.25 2.54
CA THR J 23 -46.08 -18.54 2.98
C THR J 23 -44.65 -18.76 2.51
N VAL J 24 -43.97 -19.69 3.19
CA VAL J 24 -42.64 -20.10 2.77
C VAL J 24 -42.65 -20.51 1.29
N PHE J 25 -43.70 -21.21 0.85
CA PHE J 25 -43.79 -21.65 -0.54
C PHE J 25 -43.86 -20.47 -1.49
N GLU J 26 -44.74 -19.49 -1.20
CA GLU J 26 -44.86 -18.29 -2.03
C GLU J 26 -43.52 -17.54 -2.10
N LEU J 27 -42.73 -17.56 -1.03
CA LEU J 27 -41.38 -17.03 -1.11
C LEU J 27 -40.47 -17.90 -1.99
N LYS J 28 -40.60 -19.24 -1.89
CA LYS J 28 -39.85 -20.12 -2.80
C LYS J 28 -40.22 -19.84 -4.26
N ARG J 29 -41.48 -19.49 -4.52
CA ARG J 29 -41.92 -19.12 -5.87
C ARG J 29 -41.27 -17.82 -6.34
N ILE J 30 -41.16 -16.86 -5.44
CA ILE J 30 -40.45 -15.63 -5.74
C ILE J 30 -39.01 -15.94 -6.12
N VAL J 31 -38.36 -16.81 -5.34
CA VAL J 31 -36.99 -17.20 -5.65
C VAL J 31 -36.95 -17.86 -7.03
N GLU J 32 -37.99 -18.64 -7.35
CA GLU J 32 -38.05 -19.35 -8.62
C GLU J 32 -37.97 -18.42 -9.81
N GLY J 33 -38.74 -17.33 -9.78
CA GLY J 33 -38.75 -16.38 -10.87
C GLY J 33 -37.40 -15.74 -11.11
N ILE J 34 -36.55 -15.69 -10.10
CA ILE J 34 -35.30 -14.96 -10.17
C ILE J 34 -34.16 -15.91 -10.48
N LEU J 35 -33.98 -16.93 -9.64
CA LEU J 35 -32.86 -17.83 -9.79
C LEU J 35 -33.17 -18.98 -10.73
N LYS J 36 -34.40 -19.02 -11.24
CA LYS J 36 -34.83 -19.98 -12.25
C LYS J 36 -34.72 -21.41 -11.72
N ARG J 37 -35.33 -21.66 -10.56
CA ARG J 37 -35.38 -22.99 -9.99
C ARG J 37 -36.72 -23.22 -9.30
N PRO J 38 -37.42 -24.32 -9.56
CA PRO J 38 -38.76 -24.46 -9.01
C PRO J 38 -38.71 -24.63 -7.50
N PRO J 39 -39.79 -24.28 -6.81
CA PRO J 39 -39.86 -24.45 -5.35
C PRO J 39 -39.45 -25.82 -4.83
N ASP J 40 -39.74 -26.92 -5.53
CA ASP J 40 -39.37 -28.23 -5.00
C ASP J 40 -37.85 -28.41 -4.96
N GLU J 41 -37.12 -27.71 -5.80
CA GLU J 41 -35.66 -27.81 -5.88
C GLU J 41 -34.94 -26.89 -4.91
N GLN J 42 -35.66 -26.25 -3.98
CA GLN J 42 -35.08 -25.31 -3.03
C GLN J 42 -35.42 -25.70 -1.59
N ARG J 43 -34.55 -25.22 -0.71
CA ARG J 43 -34.75 -25.26 0.72
C ARG J 43 -34.47 -23.88 1.27
N LEU J 44 -35.40 -23.36 2.07
CA LEU J 44 -35.26 -22.09 2.74
C LEU J 44 -34.97 -22.33 4.22
N TYR J 45 -34.10 -21.50 4.80
CA TYR J 45 -33.73 -21.66 6.20
C TYR J 45 -33.85 -20.34 6.98
N LYS J 46 -34.31 -20.43 8.25
CA LYS J 46 -34.10 -19.36 9.24
C LYS J 46 -32.94 -19.85 10.10
N ASP J 47 -31.81 -19.17 10.01
CA ASP J 47 -30.54 -19.70 10.51
C ASP J 47 -30.31 -21.11 9.98
N ASP J 48 -30.28 -22.12 10.86
CA ASP J 48 -30.02 -23.51 10.43
C ASP J 48 -31.31 -24.30 10.32
N GLN J 49 -32.42 -23.63 10.53
CA GLN J 49 -33.73 -24.27 10.53
C GLN J 49 -34.26 -24.46 9.12
N LEU J 50 -34.51 -25.71 8.74
CA LEU J 50 -35.24 -25.92 7.49
C LEU J 50 -36.67 -25.44 7.72
N LEU J 51 -37.18 -24.62 6.80
CA LEU J 51 -38.49 -24.00 6.92
C LEU J 51 -39.53 -24.81 6.17
N ASP J 52 -40.75 -24.85 6.69
CA ASP J 52 -41.77 -25.71 6.12
C ASP J 52 -42.63 -24.94 5.11
N ASP J 53 -42.86 -25.55 3.95
CA ASP J 53 -43.55 -24.87 2.85
C ASP J 53 -44.80 -24.14 3.35
N GLY J 54 -45.63 -24.83 4.13
CA GLY J 54 -46.93 -24.30 4.49
C GLY J 54 -46.94 -23.32 5.63
N LYS J 55 -45.80 -23.03 6.23
CA LYS J 55 -45.78 -22.15 7.38
C LYS J 55 -45.64 -20.70 6.90
N THR J 56 -46.39 -19.81 7.54
CA THR J 56 -46.30 -18.39 7.18
C THR J 56 -45.02 -17.80 7.70
N LEU J 57 -44.60 -16.69 7.08
CA LEU J 57 -43.37 -16.06 7.50
C LEU J 57 -43.43 -15.62 8.95
N GLY J 58 -44.59 -15.16 9.41
CA GLY J 58 -44.71 -14.74 10.79
C GLY J 58 -44.40 -15.87 11.76
N GLU J 59 -45.02 -17.03 11.51
CA GLU J 59 -44.74 -18.25 12.27
C GLU J 59 -43.27 -18.61 12.23
N CYS J 60 -42.58 -18.26 11.13
CA CYS J 60 -41.16 -18.48 10.98
C CYS J 60 -40.32 -17.38 11.61
N GLY J 61 -40.93 -16.46 12.35
CA GLY J 61 -40.15 -15.52 13.12
C GLY J 61 -39.82 -14.24 12.40
N PHE J 62 -40.25 -14.09 11.14
CA PHE J 62 -40.10 -12.85 10.39
C PHE J 62 -41.29 -11.95 10.69
N THR J 63 -41.05 -10.88 11.43
CA THR J 63 -42.06 -9.92 11.84
C THR J 63 -41.56 -8.50 11.55
N SER J 64 -42.47 -7.54 11.62
CA SER J 64 -42.09 -6.14 11.39
C SER J 64 -40.93 -5.70 12.28
N GLN J 65 -40.75 -6.32 13.44
CA GLN J 65 -39.68 -5.93 14.35
C GLN J 65 -38.37 -6.55 13.95
N THR J 66 -38.41 -7.64 13.18
CA THR J 66 -37.21 -8.38 12.82
C THR J 66 -36.86 -8.36 11.33
N ALA J 67 -37.78 -7.99 10.46
CA ALA J 67 -37.50 -7.91 9.03
C ALA J 67 -37.72 -6.49 8.56
N ARG J 68 -36.87 -5.62 8.98
CA ARG J 68 -37.16 -4.21 8.70
C ARG J 68 -36.54 -3.79 7.38
N PRO J 69 -37.06 -2.72 6.78
CA PRO J 69 -36.45 -2.26 5.52
C PRO J 69 -34.96 -1.96 5.66
N GLN J 70 -34.57 -1.24 6.71
CA GLN J 70 -33.17 -0.87 6.90
C GLN J 70 -32.37 -1.99 7.55
N ALA J 71 -32.99 -3.11 7.87
CA ALA J 71 -32.31 -4.24 8.51
C ALA J 71 -33.12 -5.49 8.18
N PRO J 72 -33.02 -6.00 6.96
CA PRO J 72 -33.86 -7.13 6.57
C PRO J 72 -33.38 -8.43 7.23
N ALA J 73 -34.32 -9.35 7.39
CA ALA J 73 -33.95 -10.64 7.94
C ALA J 73 -33.42 -11.53 6.83
N THR J 74 -32.56 -12.47 7.21
CA THR J 74 -31.94 -13.39 6.26
C THR J 74 -32.70 -14.71 6.23
N VAL J 75 -32.98 -15.17 5.02
CA VAL J 75 -33.50 -16.49 4.74
C VAL J 75 -32.43 -17.21 3.95
N GLY J 76 -31.92 -18.32 4.50
CA GLY J 76 -30.95 -19.12 3.78
C GLY J 76 -31.57 -19.83 2.60
N LEU J 77 -30.78 -20.02 1.56
CA LEU J 77 -31.28 -20.72 0.37
C LEU J 77 -30.31 -21.84 0.03
N ALA J 78 -30.85 -23.02 -0.22
CA ALA J 78 -30.05 -24.14 -0.70
C ALA J 78 -30.79 -24.78 -1.86
N PHE J 79 -30.01 -25.21 -2.84
CA PHE J 79 -30.50 -25.83 -4.06
C PHE J 79 -30.18 -27.32 -3.98
N ARG J 80 -30.81 -28.09 -4.86
CA ARG J 80 -30.42 -29.48 -5.04
C ARG J 80 -29.29 -29.52 -6.07
N ALA J 81 -28.21 -30.24 -5.76
CA ALA J 81 -27.17 -30.48 -6.75
C ALA J 81 -27.73 -31.39 -7.83
N ASP J 82 -27.61 -32.69 -7.64
CA ASP J 82 -28.18 -33.64 -8.59
C ASP J 82 -29.16 -34.55 -7.86
N ASP J 83 -28.66 -35.64 -7.30
CA ASP J 83 -29.47 -36.44 -6.40
C ASP J 83 -29.86 -35.63 -5.17
N THR J 84 -28.86 -35.13 -4.44
CA THR J 84 -29.00 -34.60 -3.10
C THR J 84 -28.92 -33.07 -3.07
N PHE J 85 -29.48 -32.51 -2.01
CA PHE J 85 -29.44 -31.07 -1.80
C PHE J 85 -28.05 -30.67 -1.33
N GLU J 86 -27.58 -29.53 -1.84
CA GLU J 86 -26.33 -28.97 -1.34
C GLU J 86 -26.51 -28.49 0.10
N ALA J 87 -25.42 -28.39 0.82
CA ALA J 87 -25.55 -27.90 2.18
C ALA J 87 -25.73 -26.39 2.15
N LEU J 88 -26.41 -25.87 3.16
CA LEU J 88 -26.61 -24.42 3.24
C LEU J 88 -25.28 -23.71 3.35
N ILE J 90 -23.75 -19.82 3.01
CA ILE J 90 -23.94 -18.40 2.77
C ILE J 90 -22.62 -17.68 2.95
N GLU J 91 -22.03 -17.22 1.86
CA GLU J 91 -20.77 -16.52 1.98
C GLU J 91 -21.00 -15.21 2.70
N PRO J 92 -20.24 -14.91 3.74
CA PRO J 92 -20.41 -13.62 4.43
C PRO J 92 -19.98 -12.46 3.53
N PHE J 93 -20.41 -11.27 3.88
CA PHE J 93 -19.96 -10.10 3.15
C PHE J 93 -18.50 -9.82 3.51
N SER J 94 -17.89 -8.93 2.73
CA SER J 94 -16.50 -8.56 2.99
C SER J 94 -16.40 -7.83 4.33
N SER J 95 -15.21 -7.79 4.86
CA SER J 95 -15.03 -7.18 6.16
C SER J 95 -14.70 -5.72 6.01
N PRO J 96 -15.38 -4.84 6.75
CA PRO J 96 -14.99 -3.45 6.73
C PRO J 96 -13.56 -3.31 7.26
N PRO J 97 -12.85 -2.28 6.84
CA PRO J 97 -11.50 -2.04 7.35
C PRO J 97 -11.51 -1.61 8.81
N GLU J 98 -10.32 -1.46 9.39
CA GLU J 98 -10.21 -0.94 10.74
C GLU J 98 -10.75 0.48 10.82
N LEU J 99 -11.34 0.82 11.96
CA LEU J 99 -11.76 2.18 12.18
C LEU J 99 -10.54 3.11 12.18
N PRO J 100 -10.56 4.18 11.39
CA PRO J 100 -9.48 5.18 11.48
C PRO J 100 -9.35 5.73 12.89
N ASP J 101 -8.17 6.28 13.21
CA ASP J 101 -7.96 6.84 14.54
C ASP J 101 -8.99 7.92 14.85
N VAL J 102 -9.29 8.76 13.87
CA VAL J 102 -10.23 9.85 14.01
C VAL J 102 -11.67 9.42 14.33
N MET J 103 -11.98 8.12 14.30
CA MET J 103 -13.36 7.67 14.54
C MET J 103 -13.45 6.69 15.71
N GLY K 2 -42.03 -5.75 -11.95
CA GLY K 2 -41.58 -6.68 -10.93
C GLY K 2 -40.22 -7.25 -11.26
N MET K 3 -39.65 -6.81 -12.39
CA MET K 3 -38.32 -7.24 -12.79
C MET K 3 -37.30 -6.95 -11.68
N TYR K 4 -36.21 -7.70 -11.72
CA TYR K 4 -35.10 -7.51 -10.82
C TYR K 4 -33.85 -7.24 -11.62
N VAL K 5 -32.96 -6.46 -11.04
CA VAL K 5 -31.64 -6.25 -11.60
C VAL K 5 -30.64 -6.78 -10.59
N LYS K 6 -29.46 -7.07 -11.08
CA LYS K 6 -28.40 -7.66 -10.30
C LYS K 6 -27.30 -6.62 -10.17
N LEU K 7 -26.92 -6.30 -8.94
CA LEU K 7 -25.80 -5.40 -8.69
C LEU K 7 -24.69 -6.22 -8.07
N ILE K 8 -23.56 -6.33 -8.74
CA ILE K 8 -22.47 -7.21 -8.32
C ILE K 8 -21.43 -6.36 -7.59
N SER K 9 -21.02 -6.79 -6.41
CA SER K 9 -20.02 -6.06 -5.67
C SER K 9 -18.63 -6.39 -6.19
N SER K 10 -17.65 -5.62 -5.73
CA SER K 10 -16.28 -5.80 -6.17
C SER K 10 -15.70 -7.15 -5.73
N ASP K 11 -16.13 -7.67 -4.58
CA ASP K 11 -15.73 -9.00 -4.14
C ASP K 11 -16.68 -10.08 -4.68
N GLY K 12 -17.44 -9.76 -5.72
CA GLY K 12 -18.21 -10.74 -6.44
C GLY K 12 -19.58 -11.04 -5.87
N HIS K 13 -19.97 -10.40 -4.76
CA HIS K 13 -21.29 -10.68 -4.24
C HIS K 13 -22.33 -10.10 -5.19
N GLU K 14 -23.35 -10.89 -5.48
CA GLU K 14 -24.41 -10.48 -6.39
C GLU K 14 -25.64 -10.14 -5.57
N PHE K 15 -26.15 -8.92 -5.72
CA PHE K 15 -27.32 -8.44 -5.00
C PHE K 15 -28.48 -8.26 -5.97
N ILE K 16 -29.53 -9.02 -5.79
CA ILE K 16 -30.67 -9.01 -6.69
C ILE K 16 -31.76 -8.19 -6.02
N VAL K 17 -32.11 -7.06 -6.62
CA VAL K 17 -33.01 -6.07 -6.04
C VAL K 17 -34.11 -5.74 -7.04
N LYS K 18 -35.20 -5.17 -6.54
CA LYS K 18 -36.23 -4.75 -7.49
C LYS K 18 -35.71 -3.61 -8.33
N ARG K 19 -36.16 -3.59 -9.59
CA ARG K 19 -35.73 -2.51 -10.47
C ARG K 19 -36.22 -1.17 -9.95
N GLU K 20 -37.50 -1.09 -9.55
CA GLU K 20 -38.04 0.15 -9.00
C GLU K 20 -37.18 0.68 -7.84
N HIS K 21 -36.52 -0.21 -7.10
CA HIS K 21 -35.64 0.20 -6.01
C HIS K 21 -34.25 0.61 -6.51
N ALA K 22 -33.74 -0.02 -7.56
CA ALA K 22 -32.42 0.36 -8.03
C ALA K 22 -32.44 1.72 -8.71
N LEU K 23 -33.60 2.16 -9.20
CA LEU K 23 -33.76 3.47 -9.81
C LEU K 23 -33.61 4.61 -8.81
N THR K 24 -33.67 4.28 -7.52
CA THR K 24 -33.39 5.24 -6.45
C THR K 24 -32.02 5.86 -6.63
N SER K 25 -31.10 5.15 -7.27
CA SER K 25 -29.81 5.72 -7.63
C SER K 25 -29.93 6.40 -8.99
N GLY K 26 -29.68 7.71 -9.01
CA GLY K 26 -29.69 8.41 -10.28
C GLY K 26 -28.67 7.82 -11.22
N THR K 27 -27.52 7.46 -10.68
CA THR K 27 -26.48 6.79 -11.45
C THR K 27 -26.99 5.45 -12.02
N ILE K 28 -27.51 4.57 -11.17
CA ILE K 28 -27.99 3.28 -11.64
C ILE K 28 -29.16 3.45 -12.60
N LYS K 29 -29.99 4.48 -12.40
CA LYS K 29 -31.05 4.83 -13.33
C LYS K 29 -30.52 5.02 -14.74
N ALA K 30 -29.41 5.74 -14.87
CA ALA K 30 -28.78 5.98 -16.17
C ALA K 30 -28.07 4.74 -16.67
N MET K 31 -27.41 4.02 -15.77
CA MET K 31 -26.53 2.90 -16.09
C MET K 31 -27.30 1.65 -16.52
N LEU K 32 -28.62 1.76 -16.60
CA LEU K 32 -29.50 0.76 -17.21
C LEU K 32 -30.02 1.19 -18.57
N SER K 33 -30.19 2.50 -18.80
CA SER K 33 -30.59 3.03 -20.11
C SER K 33 -29.40 3.32 -21.02
N THR K 43 -28.63 -2.99 -18.87
CA THR K 43 -29.89 -3.70 -19.06
C THR K 43 -30.40 -4.23 -17.73
N ASN K 44 -29.98 -5.45 -17.35
CA ASN K 44 -30.38 -6.07 -16.09
C ASN K 44 -29.23 -6.35 -15.13
N GLU K 45 -27.98 -6.07 -15.51
CA GLU K 45 -26.84 -6.32 -14.63
C GLU K 45 -25.93 -5.10 -14.52
N VAL K 46 -25.32 -4.93 -13.35
CA VAL K 46 -24.45 -3.79 -13.07
C VAL K 46 -23.30 -4.21 -12.16
N ASN K 47 -22.09 -3.83 -12.53
CA ASN K 47 -20.85 -4.31 -11.92
C ASN K 47 -20.12 -3.14 -11.26
N PHE K 48 -19.89 -3.24 -9.96
CA PHE K 48 -19.31 -2.15 -9.19
C PHE K 48 -17.91 -2.55 -8.73
N ARG K 49 -16.87 -1.98 -9.36
CA ARG K 49 -15.51 -2.42 -9.07
C ARG K 49 -14.97 -1.84 -7.78
N GLU K 50 -15.58 -0.78 -7.24
CA GLU K 50 -15.09 -0.10 -6.06
C GLU K 50 -15.90 -0.39 -4.81
N ILE K 51 -17.14 -0.86 -4.93
CA ILE K 51 -18.03 -1.00 -3.79
C ILE K 51 -17.97 -2.45 -3.33
N PRO K 52 -17.43 -2.75 -2.15
CA PRO K 52 -17.43 -4.12 -1.63
C PRO K 52 -18.82 -4.56 -1.16
N SER K 53 -18.97 -5.81 -0.73
CA SER K 53 -20.30 -6.32 -0.42
C SER K 53 -20.87 -5.67 0.84
N HIS K 54 -20.03 -5.44 1.86
CA HIS K 54 -20.52 -4.84 3.10
C HIS K 54 -21.00 -3.40 2.91
N VAL K 55 -20.66 -2.74 1.80
CA VAL K 55 -21.22 -1.43 1.47
C VAL K 55 -22.39 -1.52 0.51
N LEU K 56 -22.30 -2.36 -0.54
CA LEU K 56 -23.42 -2.49 -1.47
C LEU K 56 -24.62 -3.16 -0.80
N SER K 57 -24.38 -4.03 0.18
CA SER K 57 -25.52 -4.61 0.88
C SER K 57 -26.29 -3.53 1.63
N LYS K 58 -25.57 -2.54 2.19
CA LYS K 58 -26.23 -1.44 2.90
C LYS K 58 -26.93 -0.51 1.92
N VAL K 59 -26.24 -0.19 0.81
CA VAL K 59 -26.84 0.56 -0.28
C VAL K 59 -28.19 -0.04 -0.63
N CYS K 60 -28.23 -1.37 -0.77
CA CYS K 60 -29.50 -2.05 -1.04
C CYS K 60 -30.49 -1.87 0.09
N MET K 61 -30.06 -2.05 1.35
CA MET K 61 -30.98 -1.81 2.44
C MET K 61 -31.51 -0.38 2.37
N TYR K 62 -30.66 0.59 2.00
CA TYR K 62 -31.15 1.96 1.87
C TYR K 62 -32.27 2.08 0.84
N PHE K 63 -32.07 1.48 -0.35
CA PHE K 63 -33.11 1.50 -1.37
C PHE K 63 -34.44 1.04 -0.80
N THR K 64 -34.43 -0.05 -0.04
CA THR K 64 -35.65 -0.59 0.52
C THR K 64 -36.25 0.40 1.51
N TYR K 65 -35.38 1.03 2.29
CA TYR K 65 -35.82 2.02 3.26
C TYR K 65 -36.38 3.27 2.55
N LYS K 66 -35.73 3.74 1.48
CA LYS K 66 -36.27 4.91 0.80
C LYS K 66 -37.63 4.63 0.20
N VAL K 67 -37.77 3.52 -0.50
CA VAL K 67 -39.02 3.21 -1.17
C VAL K 67 -40.14 3.01 -0.15
N ARG K 68 -39.85 2.32 0.94
CA ARG K 68 -40.90 2.06 1.93
C ARG K 68 -41.36 3.36 2.59
N TYR K 69 -40.44 4.29 2.88
CA TYR K 69 -40.74 5.42 3.75
C TYR K 69 -40.94 6.75 3.03
N THR K 70 -40.63 6.82 1.75
CA THR K 70 -41.05 7.97 0.95
C THR K 70 -42.56 7.98 0.89
N ASN K 71 -43.17 9.13 1.22
CA ASN K 71 -44.62 9.29 1.21
C ASN K 71 -45.28 8.11 1.95
N SER K 72 -44.92 7.96 3.23
CA SER K 72 -45.48 6.92 4.08
C SER K 72 -46.23 7.52 5.25
N SER K 73 -47.15 6.71 5.78
CA SER K 73 -47.95 7.02 6.97
C SER K 73 -47.19 6.74 8.27
N THR K 74 -46.46 5.63 8.33
CA THR K 74 -45.75 5.24 9.54
C THR K 74 -44.61 6.19 9.87
N GLU K 75 -44.39 6.40 11.18
CA GLU K 75 -43.23 7.13 11.66
C GLU K 75 -41.97 6.56 11.05
N ILE K 76 -41.14 7.45 10.50
CA ILE K 76 -39.96 7.01 9.77
C ILE K 76 -38.87 6.70 10.77
N PRO K 77 -38.29 5.51 10.79
CA PRO K 77 -37.17 5.24 11.69
C PRO K 77 -35.86 5.71 11.08
N GLU K 78 -34.86 5.81 11.93
CA GLU K 78 -33.53 6.19 11.49
C GLU K 78 -32.97 5.13 10.54
N PHE K 79 -32.19 5.57 9.56
CA PHE K 79 -31.42 4.61 8.78
C PHE K 79 -30.10 4.32 9.48
N PRO K 80 -29.88 3.13 10.02
CA PRO K 80 -28.65 2.87 10.78
C PRO K 80 -27.45 2.63 9.86
N ILE K 81 -26.33 3.20 10.26
CA ILE K 81 -25.07 3.11 9.54
C ILE K 81 -24.02 2.88 10.61
N ALA K 82 -23.48 1.68 10.68
CA ALA K 82 -22.44 1.36 11.66
C ALA K 82 -21.17 2.12 11.33
N PRO K 83 -20.47 2.65 12.33
CA PRO K 83 -19.28 3.49 12.06
C PRO K 83 -18.24 2.88 11.12
N GLU K 84 -17.95 1.59 11.25
CA GLU K 84 -16.87 0.96 10.47
C GLU K 84 -17.12 1.03 8.98
N ILE K 85 -18.38 1.16 8.54
CA ILE K 85 -18.70 1.21 7.12
C ILE K 85 -19.15 2.59 6.68
N ALA K 86 -19.12 3.58 7.58
CA ALA K 86 -19.60 4.91 7.23
C ALA K 86 -18.81 5.52 6.07
N LEU K 87 -17.48 5.39 6.10
CA LEU K 87 -16.66 6.09 5.12
C LEU K 87 -16.89 5.62 3.68
N GLU K 88 -16.99 4.31 3.46
CA GLU K 88 -17.15 3.80 2.11
C GLU K 88 -18.60 3.93 1.67
N LEU K 89 -19.53 3.70 2.59
CA LEU K 89 -20.92 4.02 2.27
C LEU K 89 -21.05 5.50 1.87
N LEU K 90 -20.26 6.39 2.50
CA LEU K 90 -20.22 7.78 2.03
C LEU K 90 -19.76 7.88 0.58
N MET K 91 -18.60 7.29 0.26
CA MET K 91 -18.06 7.37 -1.09
C MET K 91 -18.96 6.69 -2.10
N ALA K 92 -19.62 5.59 -1.72
CA ALA K 92 -20.53 4.92 -2.64
C ALA K 92 -21.79 5.74 -2.85
N ALA K 93 -22.37 6.25 -1.75
CA ALA K 93 -23.53 7.13 -1.88
C ALA K 93 -23.19 8.32 -2.76
N ASN K 94 -21.98 8.87 -2.58
CA ASN K 94 -21.52 9.98 -3.41
C ASN K 94 -21.47 9.59 -4.89
N PHE K 95 -20.89 8.42 -5.20
CA PHE K 95 -20.81 7.99 -6.60
C PHE K 95 -22.18 7.66 -7.17
N LEU K 96 -23.07 7.10 -6.34
CA LEU K 96 -24.36 6.60 -6.78
C LEU K 96 -25.45 7.67 -6.80
N ASP K 97 -25.24 8.80 -6.16
CA ASP K 97 -26.27 9.86 -6.12
C ASP K 97 -27.59 9.32 -5.56
N CYS K 98 -27.53 8.74 -4.37
CA CYS K 98 -28.77 8.42 -3.68
C CYS K 98 -28.80 9.02 -2.26
N VAL L 29 -38.27 39.00 4.96
CA VAL L 29 -38.89 38.18 3.93
C VAL L 29 -39.60 36.98 4.55
N LEU L 30 -38.81 36.00 4.99
CA LEU L 30 -39.35 34.83 5.70
C LEU L 30 -39.42 35.18 7.18
N ARG L 31 -40.52 35.78 7.61
CA ARG L 31 -40.69 36.23 8.98
C ARG L 31 -42.05 35.78 9.47
N SER L 32 -42.20 35.76 10.79
CA SER L 32 -43.53 35.59 11.34
C SER L 32 -44.30 36.90 11.18
N VAL L 33 -45.57 36.78 10.79
CA VAL L 33 -46.54 37.87 10.78
C VAL L 33 -46.99 38.17 12.23
N ASN L 34 -47.06 39.45 12.59
CA ASN L 34 -47.37 39.88 13.96
C ASN L 34 -48.89 40.01 14.17
N SER L 35 -49.57 38.85 14.08
CA SER L 35 -51.04 38.87 14.12
C SER L 35 -51.64 39.08 15.50
N ARG L 36 -50.92 38.75 16.57
CA ARG L 36 -51.47 38.76 17.92
C ARG L 36 -52.77 37.97 18.04
N GLU L 37 -53.00 37.02 17.14
CA GLU L 37 -54.19 36.19 17.15
C GLU L 37 -53.77 34.80 17.60
N PRO L 38 -54.05 34.41 18.84
CA PRO L 38 -53.47 33.18 19.39
C PRO L 38 -53.91 31.92 18.65
N SER L 39 -52.98 30.97 18.59
CA SER L 39 -53.21 29.65 18.01
C SER L 39 -52.56 28.62 18.91
N GLN L 40 -53.38 27.72 19.43
CA GLN L 40 -52.90 26.63 20.27
C GLN L 40 -52.40 25.48 19.39
N VAL L 41 -51.17 25.06 19.66
CA VAL L 41 -50.40 24.15 18.83
C VAL L 41 -49.82 23.06 19.71
N ILE L 42 -49.73 21.84 19.19
CA ILE L 42 -49.00 20.78 19.87
C ILE L 42 -47.79 20.46 19.02
N PHE L 43 -46.59 20.67 19.57
CA PHE L 43 -45.37 20.11 18.98
C PHE L 43 -45.32 18.65 19.33
N ASN L 45 -43.15 15.41 18.68
CA ASN L 45 -41.87 14.93 18.17
C ASN L 45 -41.96 13.45 17.79
N ARG L 46 -42.40 13.18 16.57
CA ARG L 46 -42.51 11.83 16.02
C ARG L 46 -41.23 11.46 15.29
N SER L 47 -40.07 11.74 15.87
CA SER L 47 -38.76 11.46 15.32
C SER L 47 -37.89 10.86 16.42
N PRO L 48 -36.77 10.23 16.09
CA PRO L 48 -35.86 9.74 17.15
C PRO L 48 -34.84 10.76 17.62
N ARG L 49 -34.91 12.00 17.13
CA ARG L 49 -33.95 13.04 17.47
C ARG L 49 -34.51 13.97 18.54
N VAL L 50 -33.61 14.59 19.30
CA VAL L 50 -33.98 15.72 20.13
C VAL L 50 -34.24 16.92 19.23
N VAL L 51 -35.46 17.41 19.25
CA VAL L 51 -35.92 18.45 18.34
C VAL L 51 -35.77 19.81 19.01
N LEU L 52 -35.13 20.71 18.30
CA LEU L 52 -35.09 22.11 18.66
C LEU L 52 -36.14 22.84 17.83
N PRO L 53 -37.23 23.32 18.43
CA PRO L 53 -38.14 24.20 17.68
C PRO L 53 -37.48 25.56 17.51
N VAL L 54 -37.64 26.12 16.32
CA VAL L 54 -37.03 27.38 15.98
C VAL L 54 -38.12 28.31 15.49
N TRP L 55 -38.43 29.34 16.26
CA TRP L 55 -39.39 30.35 15.84
C TRP L 55 -38.67 31.42 15.05
N LEU L 56 -39.29 31.87 13.95
CA LEU L 56 -38.73 32.95 13.15
C LEU L 56 -39.32 34.28 13.66
N ASN L 57 -38.44 35.24 13.95
CA ASN L 57 -38.82 36.54 14.51
C ASN L 57 -39.70 37.29 13.56
N PHE L 58 -40.08 38.49 13.97
CA PHE L 58 -40.75 39.42 13.10
C PHE L 58 -39.75 40.08 12.15
N ASP L 59 -38.45 40.01 12.47
CA ASP L 59 -37.36 40.45 11.61
C ASP L 59 -36.76 39.32 10.79
N GLY L 60 -37.28 38.11 10.89
CA GLY L 60 -36.71 36.97 10.18
C GLY L 60 -35.65 36.19 10.95
N GLU L 61 -35.28 36.61 12.13
CA GLU L 61 -34.16 36.00 12.85
C GLU L 61 -34.61 34.72 13.58
N PRO L 62 -33.89 33.61 13.44
CA PRO L 62 -34.29 32.37 14.12
C PRO L 62 -34.10 32.40 15.63
N GLN L 63 -35.15 32.03 16.36
CA GLN L 63 -35.09 31.95 17.81
C GLN L 63 -35.36 30.53 18.31
N PRO L 64 -34.39 29.88 18.95
CA PRO L 64 -34.60 28.52 19.45
C PRO L 64 -35.51 28.44 20.67
N TYR L 65 -36.28 27.35 20.74
CA TYR L 65 -37.17 27.16 21.88
C TYR L 65 -36.74 25.91 22.67
N PRO L 66 -37.25 25.66 23.86
CA PRO L 66 -36.78 24.51 24.60
C PRO L 66 -36.99 23.22 23.80
N THR L 67 -36.01 22.31 23.89
CA THR L 67 -36.01 21.16 23.02
C THR L 67 -37.01 20.11 23.47
N LEU L 68 -37.43 19.29 22.51
CA LEU L 68 -38.36 18.20 22.75
C LEU L 68 -37.61 16.89 22.65
N PRO L 69 -37.60 16.09 23.70
CA PRO L 69 -37.01 14.77 23.61
C PRO L 69 -37.81 13.89 22.67
N PRO L 70 -37.17 12.87 22.10
CA PRO L 70 -37.86 12.02 21.12
C PRO L 70 -39.09 11.34 21.72
N GLY L 71 -40.14 11.25 20.93
CA GLY L 71 -41.38 10.61 21.37
C GLY L 71 -42.25 11.42 22.33
N THR L 72 -41.90 12.67 22.60
CA THR L 72 -42.67 13.54 23.45
C THR L 72 -43.38 14.62 22.65
N GLY L 73 -44.33 15.26 23.31
CA GLY L 73 -45.09 16.35 22.73
C GLY L 73 -45.11 17.49 23.72
N ARG L 74 -45.52 18.65 23.23
CA ARG L 74 -45.62 19.83 24.09
C ARG L 74 -46.68 20.77 23.53
N ARG L 75 -47.57 21.21 24.39
CA ARG L 75 -48.47 22.31 24.06
C ARG L 75 -47.71 23.63 24.04
N ILE L 76 -47.83 24.38 22.95
CA ILE L 76 -47.15 25.66 22.85
C ILE L 76 -48.18 26.68 22.42
N HIS L 77 -48.00 27.90 22.93
CA HIS L 77 -48.88 29.03 22.66
C HIS L 77 -48.20 29.84 21.57
N SER L 78 -48.72 29.72 20.37
CA SER L 78 -48.23 30.51 19.25
C SER L 78 -49.34 31.40 18.73
N TYR L 79 -49.28 31.73 17.44
CA TYR L 79 -50.14 32.75 16.86
C TYR L 79 -50.37 32.41 15.40
N ARG L 80 -51.53 32.82 14.88
CA ARG L 80 -51.78 32.65 13.45
C ARG L 80 -50.72 33.40 12.66
N GLY L 81 -50.24 32.78 11.59
CA GLY L 81 -49.27 33.42 10.73
C GLY L 81 -47.83 33.36 11.20
N HIS L 82 -47.55 32.75 12.35
CA HIS L 82 -46.16 32.65 12.78
C HIS L 82 -45.46 31.49 12.06
N LEU L 83 -44.13 31.53 12.03
CA LEU L 83 -43.33 30.55 11.31
C LEU L 83 -42.44 29.77 12.28
N TRP L 84 -42.53 28.46 12.19
CA TRP L 84 -41.68 27.55 12.96
C TRP L 84 -40.98 26.63 12.01
N LEU L 85 -39.78 26.22 12.38
CA LEU L 85 -39.13 25.07 11.77
C LEU L 85 -38.42 24.29 12.88
N PHE L 86 -38.07 23.04 12.59
CA PHE L 86 -37.62 22.11 13.61
C PHE L 86 -36.34 21.42 13.17
N ARG L 87 -35.40 21.33 14.08
CA ARG L 87 -34.07 20.85 13.75
C ARG L 87 -33.62 19.86 14.79
N ASP L 88 -32.77 18.93 14.39
CA ASP L 88 -32.04 18.16 15.39
C ASP L 88 -31.23 19.11 16.27
N ALA L 89 -31.43 19.01 17.59
CA ALA L 89 -30.89 19.97 18.54
C ALA L 89 -29.37 19.87 18.66
N GLY L 90 -28.80 18.71 18.38
CA GLY L 90 -27.37 18.54 18.52
C GLY L 90 -26.64 18.84 17.24
N THR L 91 -27.17 18.43 16.09
CA THR L 91 -26.47 18.56 14.83
C THR L 91 -27.05 19.60 13.89
N HIS L 92 -28.26 20.10 14.16
CA HIS L 92 -29.01 21.00 13.27
C HIS L 92 -29.47 20.34 11.96
N ASP L 93 -29.44 19.00 11.86
CA ASP L 93 -30.13 18.30 10.77
C ASP L 93 -31.57 18.80 10.68
N GLY L 94 -32.05 19.00 9.46
CA GLY L 94 -33.39 19.54 9.26
C GLY L 94 -34.40 18.42 9.40
N LEU L 95 -35.47 18.68 10.14
CA LEU L 95 -36.59 17.77 10.31
C LEU L 95 -37.77 18.26 9.49
N LEU L 96 -38.80 17.46 9.41
CA LEU L 96 -40.02 17.86 8.77
C LEU L 96 -41.05 18.13 9.86
N VAL L 97 -41.95 19.07 9.56
CA VAL L 97 -43.11 19.28 10.41
C VAL L 97 -44.31 19.17 9.50
N ASN L 98 -45.21 18.24 9.84
CA ASN L 98 -46.35 17.89 8.99
C ASN L 98 -45.93 17.67 7.54
N GLN L 99 -44.86 16.88 7.37
CA GLN L 99 -44.30 16.49 6.07
C GLN L 99 -43.81 17.69 5.26
N THR L 100 -43.49 18.80 5.90
CA THR L 100 -43.00 19.97 5.15
C THR L 100 -41.99 20.75 6.00
N GLU L 101 -41.41 21.80 5.40
CA GLU L 101 -40.28 22.48 6.03
C GLU L 101 -40.73 23.47 7.08
N LEU L 102 -41.78 24.21 6.76
CA LEU L 102 -42.26 25.29 7.62
C LEU L 102 -43.58 24.88 8.24
N PHE L 103 -43.81 25.34 9.46
CA PHE L 103 -45.09 25.12 10.15
C PHE L 103 -45.66 26.49 10.47
N VAL L 104 -46.87 26.75 10.01
CA VAL L 104 -47.54 28.01 10.29
C VAL L 104 -48.81 27.74 11.08
N PRO L 105 -48.82 28.03 12.36
CA PRO L 105 -50.05 27.84 13.13
C PRO L 105 -51.18 28.61 12.47
N SER L 106 -52.34 27.97 12.37
CA SER L 106 -53.51 28.54 11.69
C SER L 106 -54.57 28.85 12.75
N LEU L 107 -55.75 29.27 12.30
CA LEU L 107 -56.84 29.50 13.24
C LEU L 107 -57.34 28.17 13.81
N ASN L 108 -57.46 28.10 15.14
CA ASN L 108 -58.01 26.93 15.79
C ASN L 108 -59.50 26.81 15.53
N VAL L 109 -59.92 25.63 15.07
CA VAL L 109 -61.33 25.35 14.83
C VAL L 109 -61.82 24.43 15.95
N ASP L 110 -62.96 24.79 16.54
CA ASP L 110 -63.44 24.16 17.77
C ASP L 110 -62.38 24.34 18.83
N GLY L 111 -62.41 23.54 19.88
CA GLY L 111 -61.35 23.66 20.85
C GLY L 111 -60.07 22.95 20.47
N GLN L 112 -59.93 22.50 19.20
CA GLN L 112 -58.83 21.62 18.84
C GLN L 112 -57.53 22.37 18.61
N PRO L 113 -56.45 21.95 19.26
CA PRO L 113 -55.14 22.51 18.95
C PRO L 113 -54.69 22.06 17.57
N ILE L 114 -53.76 22.81 17.00
CA ILE L 114 -53.19 22.40 15.72
C ILE L 114 -51.97 21.57 16.03
N PHE L 115 -51.81 20.47 15.32
CA PHE L 115 -50.76 19.51 15.62
C PHE L 115 -49.61 19.72 14.66
N ALA L 116 -48.42 19.93 15.23
CA ALA L 116 -47.19 20.06 14.46
C ALA L 116 -46.44 18.73 14.57
N ASN L 117 -46.48 17.93 13.51
CA ASN L 117 -45.90 16.59 13.57
C ASN L 117 -44.48 16.62 13.06
N ILE L 118 -43.53 16.63 13.99
CA ILE L 118 -42.12 16.63 13.63
C ILE L 118 -41.68 15.20 13.34
N THR L 119 -41.19 14.95 12.15
CA THR L 119 -40.70 13.65 11.80
C THR L 119 -39.32 13.75 11.15
N LEU L 120 -38.64 12.62 11.14
CA LEU L 120 -37.43 12.48 10.37
C LEU L 120 -37.78 12.52 8.88
N PRO L 121 -37.01 13.26 8.08
CA PRO L 121 -37.08 13.10 6.62
C PRO L 121 -36.49 11.77 6.20
N VAL L 122 -36.78 11.38 4.96
CA VAL L 122 -35.96 10.35 4.37
C VAL L 122 -34.73 11.04 3.85
N TYR L 123 -33.69 11.10 4.64
CA TYR L 123 -32.47 11.68 4.14
C TYR L 123 -31.94 10.85 2.97
N THR L 124 -31.23 11.51 2.08
CA THR L 124 -30.47 10.75 1.12
C THR L 124 -29.47 9.85 1.87
N LEU L 125 -29.02 8.78 1.21
CA LEU L 125 -27.94 7.98 1.78
C LEU L 125 -26.69 8.82 2.00
N LYS L 126 -26.39 9.75 1.07
CA LYS L 126 -25.22 10.63 1.21
C LYS L 126 -25.33 11.52 2.44
N GLU L 127 -26.43 12.28 2.55
CA GLU L 127 -26.62 13.17 3.68
C GLU L 127 -26.59 12.39 4.98
N ARG L 128 -27.12 11.18 4.98
CA ARG L 128 -27.10 10.39 6.21
C ARG L 128 -25.68 9.98 6.58
N CYS L 129 -24.87 9.57 5.60
CA CYS L 129 -23.47 9.24 5.89
C CYS L 129 -22.73 10.46 6.39
N LEU L 130 -22.95 11.62 5.74
CA LEU L 130 -22.36 12.85 6.25
C LEU L 130 -22.77 13.08 7.69
N GLN L 131 -24.04 12.83 8.01
CA GLN L 131 -24.50 12.94 9.39
C GLN L 131 -23.73 12.00 10.29
N VAL L 132 -23.70 10.72 9.95
CA VAL L 132 -23.07 9.73 10.82
C VAL L 132 -21.58 10.03 10.98
N VAL L 133 -20.87 10.27 9.87
CA VAL L 133 -19.45 10.54 9.97
C VAL L 133 -19.17 11.81 10.76
N ARG L 134 -19.89 12.91 10.47
CA ARG L 134 -19.72 14.13 11.26
C ARG L 134 -19.85 13.87 12.74
N SER L 135 -20.71 12.92 13.13
CA SER L 135 -20.92 12.57 14.51
C SER L 135 -19.82 11.68 15.09
N LEU L 136 -18.92 11.15 14.25
CA LEU L 136 -17.79 10.37 14.75
C LEU L 136 -16.48 11.13 14.75
N VAL L 137 -16.29 12.09 13.87
CA VAL L 137 -15.00 12.74 13.69
C VAL L 137 -15.11 14.18 14.22
N LYS L 138 -14.21 14.56 15.13
CA LYS L 138 -14.15 15.95 15.56
C LYS L 138 -13.85 16.85 14.37
N PRO L 139 -14.47 18.03 14.29
CA PRO L 139 -14.30 18.86 13.09
C PRO L 139 -12.85 19.26 12.88
N GLU L 140 -12.06 19.29 13.96
CA GLU L 140 -10.63 19.51 13.84
C GLU L 140 -9.97 18.48 12.92
N ASN L 141 -10.56 17.26 12.81
CA ASN L 141 -9.91 16.12 12.15
C ASN L 141 -10.54 15.71 10.84
N TYR L 142 -11.48 16.49 10.27
CA TYR L 142 -12.08 16.08 8.99
C TYR L 142 -11.03 15.95 7.90
N ARG L 143 -9.95 16.73 8.00
CA ARG L 143 -8.96 16.73 6.94
C ARG L 143 -7.99 15.56 7.10
N ARG L 144 -8.16 14.76 8.14
CA ARG L 144 -7.37 13.56 8.36
C ARG L 144 -8.04 12.31 7.82
N LEU L 145 -9.16 12.44 7.09
CA LEU L 145 -9.87 11.31 6.52
C LEU L 145 -9.49 11.12 5.06
N ASP L 146 -9.31 9.86 4.67
CA ASP L 146 -8.83 9.54 3.32
C ASP L 146 -10.02 9.49 2.36
N ILE L 147 -10.41 10.68 1.88
CA ILE L 147 -11.53 10.85 0.96
C ILE L 147 -11.24 12.06 0.07
N VAL L 148 -12.00 12.17 -1.01
CA VAL L 148 -11.80 13.26 -1.96
C VAL L 148 -12.05 14.63 -1.33
N ARG L 149 -11.46 15.66 -1.95
CA ARG L 149 -11.61 17.02 -1.44
C ARG L 149 -13.06 17.49 -1.47
N SER L 150 -13.87 16.99 -2.40
CA SER L 150 -15.27 17.40 -2.44
C SER L 150 -16.03 16.87 -1.23
N LEU L 151 -15.71 15.64 -0.78
CA LEU L 151 -16.40 15.00 0.34
C LEU L 151 -15.93 15.53 1.68
N TYR L 152 -14.70 16.07 1.75
CA TYR L 152 -14.32 16.86 2.92
C TYR L 152 -15.14 18.14 2.98
N GLU L 153 -15.30 18.81 1.84
CA GLU L 153 -16.09 20.03 1.80
C GLU L 153 -17.56 19.77 2.07
N ASP L 154 -18.08 18.60 1.71
CA ASP L 154 -19.45 18.28 2.08
C ASP L 154 -19.55 18.04 3.58
N LEU L 155 -18.47 17.54 4.22
CA LEU L 155 -18.47 17.35 5.67
C LEU L 155 -18.46 18.67 6.41
N GLU L 156 -17.69 19.65 5.93
CA GLU L 156 -17.60 20.94 6.60
C GLU L 156 -18.85 21.78 6.38
N ASP L 157 -19.70 21.41 5.45
CA ASP L 157 -20.96 22.12 5.22
C ASP L 157 -22.02 21.60 6.20
N HIS L 158 -21.82 21.92 7.47
CA HIS L 158 -22.75 21.57 8.52
C HIS L 158 -24.14 22.12 8.22
N PRO L 159 -25.19 21.38 8.53
CA PRO L 159 -26.54 21.94 8.41
C PRO L 159 -26.64 23.20 9.26
N ASN L 160 -27.43 24.15 8.76
CA ASN L 160 -27.34 25.53 9.24
C ASN L 160 -28.68 26.17 8.99
N VAL L 161 -29.31 26.64 10.07
CA VAL L 161 -30.66 27.19 9.98
C VAL L 161 -30.66 28.43 9.09
N GLN L 162 -29.64 29.30 9.26
CA GLN L 162 -29.53 30.50 8.44
C GLN L 162 -29.40 30.17 6.96
N LYS L 163 -28.39 29.35 6.59
CA LYS L 163 -28.25 28.91 5.21
C LYS L 163 -29.58 28.37 4.66
N ASP L 164 -30.24 27.47 5.42
CA ASP L 164 -31.51 26.92 4.97
C ASP L 164 -32.56 28.00 4.81
N LEU L 165 -32.56 28.99 5.71
CA LEU L 165 -33.49 30.12 5.59
C LEU L 165 -33.23 30.91 4.30
N GLU L 166 -31.96 31.06 3.91
CA GLU L 166 -31.67 31.70 2.64
C GLU L 166 -32.21 30.89 1.47
N ARG L 167 -31.96 29.58 1.49
CA ARG L 167 -32.43 28.70 0.42
C ARG L 167 -33.94 28.80 0.23
N LEU L 168 -34.72 28.69 1.31
CA LEU L 168 -36.18 28.72 1.19
C LEU L 168 -36.65 30.07 0.68
N THR L 169 -35.94 31.15 1.05
CA THR L 169 -36.23 32.48 0.51
C THR L 169 -35.91 32.59 -0.98
N GLN L 170 -34.93 31.82 -1.47
CA GLN L 170 -34.67 31.76 -2.90
C GLN L 170 -35.71 30.90 -3.63
N GLU L 171 -36.95 30.85 -3.12
CA GLU L 171 -38.04 30.08 -3.73
C GLU L 171 -39.40 30.66 -3.35
#